data_8DTL
#
_entry.id   8DTL
#
_cell.length_a   1.00
_cell.length_b   1.00
_cell.length_c   1.00
_cell.angle_alpha   90.00
_cell.angle_beta   90.00
_cell.angle_gamma   90.00
#
_symmetry.space_group_name_H-M   'P 1'
#
loop_
_entity.id
_entity.type
_entity.pdbx_description
1 polymer 'Insulin mimetic peptide S597'
2 polymer 'Insulin receptor'
#
loop_
_entity_poly.entity_id
_entity_poly.type
_entity_poly.pdbx_seq_one_letter_code
_entity_poly.pdbx_strand_id
1 'polypeptide(L)' SLEEEWAQIECEVYGRGCPSESFYDWFERQL C,D
2 'polypeptide(L)'
;HLYPGEVCPGMDIRNNLTRLHELENCSVIEGHLQILLMFKTRPEDFRDLSFPKLIMITDYLLLFRVYGLESLKDLFPNLT
VIRGSRLFFNYALVIFEMVHLKELGLYNLMNITRGSVRIEKNNELCYLATIDWSRILDSVEDNYIVLNKDDNEECGDVCP
GTAKGKTNCPATVINGQFVERCWTHSHCQKVCPTICKSHGCTAEGLCCHKECLGNCSEPDDPTKCVACRNFYLDGQCVET
CPPPYYHFQDWRCVNFSFCQDLHFKCRNSRKPGCHQYVIHNNKCIPECPSGYTMNSSNLMCTPCLGPCPKVCQILEGEKT
IDSVTSAQELRGCTVINGSLIINIRGGNNLAAELEANLGLIEEISGFLKIRRSYALVSLSFFRKLHLIRGETLEIGNYSF
YALDNQNLRQLWDWSKHNLTITQGKLFFHYNPKLCLSEIHKMEEVSGTKGRQERNDIALKTNGDQASCENELLKFSFIRT
SFDKILLRWEPYWPPDFRDLLGFMLFYKEAPYQNVTEFDGQDACGSNSWTVVDIDPPQRSNDPKSQTPSHPGWLMRGLKP
WTQYAIFVKTLVTFSDERRTYGAKSDIIYVQTDATNPSVPLDPISVSNSSSQIILKWKPPSDPNGNITHYLVYWERQAED
SELFELDYCLKGLKLPSRTWSPPFESDDSQKHNQSEYDDSASECCSCPKTDSQILKELEESSFRKTFEDYLHNVVFVPRP
SRKRRSLEEVGNVTATTLTLPDFPNVSSTIVPTSQEEHRPFEKVVNKESLVISGLRHFTGYRIELQACNQDSPDERCSVA
AYVSARTMPEAKADDIVGPVTHEIFENNVVHLMWQEPKEPNGLIVLYEVSYRRYGDEELHLCVSRKHFALERGCRLRGLS
PGNYSVRVRATSLAGNGSWTEPTYFYVTDYLDVPSNIAKIIIGPLIFVFLFSVVIGSIYLFLRKRQPDGPMGPLYASSNP
EYLSASDVFPSSVYVPDEWEVPREKITLLRELGQGSFGMVYEGNAKDIIKGEAETRVAVKTVNESASLRERIEFLNEASV
MKGFTCHHVVRLLGVVSKGQPTLVVMELMAHGDLKSHLRSLRPDAENNPGRPPPTLQEMIQMTAEIADGMAYLNAKKFVH
RDLAARNCMVAHDFTVKIGDFGMTRDIYETDYYRKGGKGLLPVRWMSPESLKDGVFTASSDMWSFGVVLWEITSLAEQPY
QGLSNEQVLKFVMDGGYLDPPDNCPERLTDLMRMCWQFNPKMRPTFLEIVNLLKDDLHPSFPEVSFFYSEENKAPESEEL
EMEFEDMENVPLDRSSHCQREEAGGREGGSSLSIKRTYDEHIPYTHMNGGKKNGRVLTLPRSNPS
;
A,B
#
# COMPACT_ATOMS: atom_id res chain seq x y z
N SER A 1 4.38 25.57 -19.89
CA SER A 1 4.53 24.50 -18.93
C SER A 1 5.63 23.54 -19.33
N LEU A 2 5.65 22.36 -18.69
CA LEU A 2 6.65 21.34 -18.96
C LEU A 2 6.18 20.28 -19.94
N GLU A 3 4.87 20.07 -20.06
CA GLU A 3 4.37 19.01 -20.93
C GLU A 3 4.67 19.31 -22.39
N GLU A 4 4.41 20.54 -22.83
CA GLU A 4 4.62 20.88 -24.23
C GLU A 4 6.10 20.82 -24.59
N GLU A 5 6.97 21.29 -23.70
CA GLU A 5 8.40 21.22 -23.95
C GLU A 5 8.87 19.76 -24.00
N TRP A 6 8.35 18.93 -23.10
CA TRP A 6 8.71 17.52 -23.11
C TRP A 6 8.27 16.84 -24.41
N ALA A 7 7.05 17.15 -24.86
CA ALA A 7 6.59 16.60 -26.13
C ALA A 7 7.45 17.08 -27.29
N GLN A 8 7.80 18.36 -27.28
CA GLN A 8 8.64 18.91 -28.34
C GLN A 8 9.99 18.22 -28.39
N ILE A 9 10.63 18.03 -27.23
CA ILE A 9 11.94 17.37 -27.24
C ILE A 9 11.78 15.90 -27.61
N GLU A 10 10.68 15.26 -27.21
CA GLU A 10 10.44 13.87 -27.57
C GLU A 10 10.35 13.72 -29.09
N CYS A 11 9.65 14.64 -29.74
CA CYS A 11 9.56 14.62 -31.19
C CYS A 11 10.83 15.12 -31.86
N GLU A 12 11.69 15.83 -31.11
CA GLU A 12 12.92 16.35 -31.68
C GLU A 12 14.04 15.32 -31.69
N VAL A 13 14.19 14.55 -30.62
CA VAL A 13 15.30 13.63 -30.49
C VAL A 13 14.88 12.17 -30.59
N TYR A 14 13.66 11.83 -30.17
CA TYR A 14 13.18 10.46 -30.24
C TYR A 14 12.28 10.19 -31.43
N GLY A 15 11.76 11.24 -32.07
CA GLY A 15 10.99 11.08 -33.28
C GLY A 15 9.69 10.34 -33.11
N ARG A 16 9.05 10.45 -31.94
CA ARG A 16 7.70 9.93 -31.80
C ARG A 16 6.75 10.67 -32.73
N GLY A 17 6.90 11.98 -32.82
CA GLY A 17 6.25 12.76 -33.85
C GLY A 17 5.14 13.64 -33.34
N CYS A 18 5.46 14.90 -33.06
CA CYS A 18 4.44 15.91 -32.86
C CYS A 18 3.95 16.38 -34.22
N PRO A 19 4.83 16.70 -35.18
CA PRO A 19 4.35 16.94 -36.54
C PRO A 19 4.23 15.64 -37.30
N SER A 20 3.19 15.59 -38.15
CA SER A 20 3.01 14.50 -39.10
C SER A 20 3.35 15.07 -40.47
N GLU A 21 4.17 14.35 -41.23
CA GLU A 21 4.56 14.84 -42.55
C GLU A 21 3.33 15.15 -43.37
N SER A 22 3.11 16.43 -43.66
CA SER A 22 1.85 16.91 -44.16
C SER A 22 1.92 17.19 -45.66
N PHE A 23 0.86 17.82 -46.17
CA PHE A 23 0.84 18.29 -47.56
C PHE A 23 2.06 19.15 -47.85
N TYR A 24 2.37 20.06 -46.93
CA TYR A 24 3.52 20.92 -47.14
C TYR A 24 4.82 20.14 -47.06
N ASP A 25 4.98 19.31 -46.04
CA ASP A 25 6.27 18.70 -45.74
C ASP A 25 6.78 17.82 -46.87
N TRP A 26 5.87 17.18 -47.60
CA TRP A 26 6.29 16.32 -48.70
C TRP A 26 7.00 17.12 -49.79
N PHE A 27 6.68 18.41 -49.93
CA PHE A 27 7.29 19.22 -50.98
C PHE A 27 8.78 19.46 -50.70
N GLU A 28 9.10 19.92 -49.49
CA GLU A 28 10.51 20.06 -49.11
C GLU A 28 11.18 18.71 -48.89
N ARG A 29 10.40 17.64 -48.76
CA ARG A 29 10.99 16.32 -48.88
C ARG A 29 11.59 16.11 -50.26
N GLN A 30 10.97 16.69 -51.30
CA GLN A 30 11.48 16.58 -52.66
C GLN A 30 12.59 17.59 -52.96
N LEU A 31 12.84 18.53 -52.05
CA LEU A 31 13.87 19.53 -52.26
C LEU A 31 14.99 19.36 -51.25
N GLY B 5 -8.33 1.66 -74.90
CA GLY B 5 -7.02 2.15 -74.55
C GLY B 5 -6.27 1.25 -73.58
N GLU B 6 -4.99 1.54 -73.41
CA GLU B 6 -4.17 0.74 -72.51
C GLU B 6 -4.22 1.27 -71.09
N VAL B 7 -4.19 0.36 -70.13
CA VAL B 7 -4.23 0.69 -68.71
C VAL B 7 -2.79 0.68 -68.19
N CYS B 8 -2.47 1.68 -67.38
CA CYS B 8 -1.11 1.86 -66.88
C CYS B 8 -1.13 2.19 -65.40
N PRO B 9 -0.06 1.87 -64.69
CA PRO B 9 0.04 2.23 -63.28
C PRO B 9 0.27 3.73 -63.12
N GLY B 10 0.56 4.14 -61.89
CA GLY B 10 0.87 5.53 -61.63
C GLY B 10 2.34 5.86 -61.90
N MET B 11 2.58 7.09 -62.34
CA MET B 11 3.92 7.60 -62.55
C MET B 11 4.20 8.83 -61.69
N ASP B 12 5.48 8.99 -61.36
CA ASP B 12 5.99 10.17 -60.64
C ASP B 12 7.09 10.75 -61.51
N ILE B 13 6.70 11.62 -62.44
CA ILE B 13 7.60 12.18 -63.44
C ILE B 13 8.24 13.44 -62.87
N ARG B 14 9.56 13.53 -63.00
CA ARG B 14 10.31 14.63 -62.45
C ARG B 14 11.53 14.88 -63.31
N ASN B 15 12.18 16.03 -63.08
CA ASN B 15 13.43 16.40 -63.72
C ASN B 15 13.28 16.54 -65.23
N ASN B 16 13.05 15.43 -65.92
CA ASN B 16 13.01 15.42 -67.38
C ASN B 16 11.62 15.02 -67.86
N LEU B 17 11.29 15.49 -69.06
CA LEU B 17 10.00 15.22 -69.69
C LEU B 17 9.99 13.93 -70.51
N THR B 18 11.11 13.22 -70.58
CA THR B 18 11.16 11.98 -71.35
C THR B 18 10.22 10.93 -70.76
N ARG B 19 10.23 10.77 -69.44
CA ARG B 19 9.39 9.79 -68.78
C ARG B 19 7.90 10.07 -68.93
N LEU B 20 7.53 11.29 -69.33
CA LEU B 20 6.15 11.59 -69.64
C LEU B 20 5.68 10.87 -70.90
N HIS B 21 6.59 10.60 -71.84
CA HIS B 21 6.20 10.02 -73.12
C HIS B 21 5.63 8.61 -72.99
N GLU B 22 5.80 7.98 -71.84
CA GLU B 22 5.16 6.68 -71.59
C GLU B 22 3.66 6.78 -71.47
N LEU B 23 3.11 7.98 -71.34
CA LEU B 23 1.67 8.20 -71.22
C LEU B 23 0.96 8.22 -72.58
N GLU B 24 1.72 8.13 -73.67
CA GLU B 24 1.14 8.31 -75.00
C GLU B 24 0.07 7.27 -75.30
N ASN B 25 0.19 6.06 -74.76
CA ASN B 25 -0.74 4.99 -75.04
C ASN B 25 -1.63 4.65 -73.85
N CYS B 26 -1.55 5.42 -72.77
CA CYS B 26 -2.35 5.16 -71.57
C CYS B 26 -3.63 5.96 -71.63
N SER B 27 -4.76 5.26 -71.55
CA SER B 27 -6.08 5.89 -71.46
C SER B 27 -6.63 5.92 -70.05
N VAL B 28 -6.26 4.94 -69.23
CA VAL B 28 -6.65 4.89 -67.82
C VAL B 28 -5.41 4.63 -67.00
N ILE B 29 -5.18 5.45 -65.98
CA ILE B 29 -4.05 5.29 -65.07
C ILE B 29 -4.56 4.60 -63.81
N GLU B 30 -4.10 3.37 -63.58
CA GLU B 30 -4.46 2.63 -62.38
C GLU B 30 -3.50 3.04 -61.26
N GLY B 31 -3.69 4.26 -60.78
CA GLY B 31 -2.86 4.82 -59.75
C GLY B 31 -2.97 6.33 -59.77
N HIS B 32 -1.92 6.97 -59.27
CA HIS B 32 -1.82 8.42 -59.22
C HIS B 32 -0.70 8.91 -60.11
N LEU B 33 -0.90 10.09 -60.68
CA LEU B 33 0.10 10.70 -61.55
C LEU B 33 0.61 11.98 -60.90
N GLN B 34 1.92 12.05 -60.72
CA GLN B 34 2.59 13.21 -60.13
C GLN B 34 3.55 13.78 -61.15
N ILE B 35 3.57 15.10 -61.27
CA ILE B 35 4.42 15.80 -62.22
C ILE B 35 5.10 16.92 -61.44
N LEU B 36 6.41 16.79 -61.21
CA LEU B 36 7.09 17.71 -60.30
C LEU B 36 8.51 17.99 -60.73
N LEU B 37 9.01 19.17 -60.34
CA LEU B 37 10.43 19.51 -60.36
C LEU B 37 11.03 19.43 -61.77
N MET B 38 10.53 20.31 -62.63
CA MET B 38 11.21 20.64 -63.89
C MET B 38 11.55 22.12 -63.88
N PHE B 39 12.84 22.41 -63.73
CA PHE B 39 13.33 23.79 -63.73
C PHE B 39 13.90 24.21 -65.07
N LYS B 40 13.88 23.32 -66.06
CA LYS B 40 14.42 23.61 -67.39
C LYS B 40 13.35 23.68 -68.46
N THR B 41 12.18 23.10 -68.21
CA THR B 41 11.11 23.07 -69.20
C THR B 41 10.64 24.49 -69.51
N ARG B 42 10.32 24.71 -70.78
CA ARG B 42 9.93 26.01 -71.30
C ARG B 42 8.64 25.87 -72.08
N PRO B 43 7.91 26.97 -72.30
CA PRO B 43 6.67 26.89 -73.09
C PRO B 43 6.88 26.31 -74.48
N GLU B 44 8.07 26.48 -75.05
CA GLU B 44 8.37 25.89 -76.35
C GLU B 44 8.47 24.37 -76.30
N ASP B 45 8.53 23.78 -75.11
CA ASP B 45 8.57 22.34 -74.97
C ASP B 45 7.18 21.71 -74.85
N PHE B 46 6.13 22.53 -74.77
CA PHE B 46 4.79 22.03 -74.49
C PHE B 46 3.79 22.44 -75.56
N ARG B 47 4.25 23.01 -76.69
CA ARG B 47 3.33 23.55 -77.68
C ARG B 47 2.48 22.46 -78.33
N ASP B 48 3.07 21.31 -78.66
CA ASP B 48 2.33 20.21 -79.27
C ASP B 48 2.49 18.92 -78.46
N LEU B 49 2.62 19.03 -77.14
CA LEU B 49 2.69 17.88 -76.26
C LEU B 49 1.28 17.62 -75.72
N SER B 50 0.65 16.55 -76.20
CA SER B 50 -0.72 16.24 -75.85
C SER B 50 -0.85 14.76 -75.55
N PHE B 51 -1.80 14.43 -74.67
CA PHE B 51 -2.16 13.05 -74.35
C PHE B 51 -3.67 12.93 -74.34
N PRO B 52 -4.31 13.02 -75.52
CA PRO B 52 -5.78 12.93 -75.58
C PRO B 52 -6.31 11.56 -75.20
N LYS B 53 -5.48 10.51 -75.25
CA LYS B 53 -5.97 9.17 -74.95
C LYS B 53 -6.37 9.05 -73.48
N LEU B 54 -5.63 9.70 -72.59
CA LEU B 54 -5.93 9.59 -71.16
C LEU B 54 -7.27 10.22 -70.84
N ILE B 55 -8.05 9.53 -70.00
CA ILE B 55 -9.41 9.93 -69.66
C ILE B 55 -9.61 10.03 -68.16
N MET B 56 -9.25 8.99 -67.42
CA MET B 56 -9.60 8.86 -66.02
C MET B 56 -8.36 8.51 -65.20
N ILE B 57 -8.27 9.10 -64.01
CA ILE B 57 -7.19 8.82 -63.06
C ILE B 57 -7.83 8.26 -61.79
N THR B 58 -7.35 7.09 -61.37
CA THR B 58 -7.97 6.41 -60.24
C THR B 58 -7.70 7.14 -58.93
N ASP B 59 -6.44 7.50 -58.67
CA ASP B 59 -6.07 7.95 -57.34
C ASP B 59 -6.10 9.48 -57.21
N TYR B 60 -5.25 10.18 -57.97
CA TYR B 60 -5.18 11.63 -57.91
C TYR B 60 -4.19 12.12 -58.96
N LEU B 61 -4.20 13.43 -59.18
CA LEU B 61 -3.25 14.10 -60.04
C LEU B 61 -2.57 15.21 -59.27
N LEU B 62 -1.25 15.33 -59.43
CA LEU B 62 -0.45 16.32 -58.72
C LEU B 62 0.44 17.06 -59.69
N LEU B 63 0.47 18.39 -59.57
CA LEU B 63 1.35 19.25 -60.34
C LEU B 63 2.11 20.15 -59.36
N PHE B 64 3.43 20.16 -59.48
CA PHE B 64 4.27 20.91 -58.55
C PHE B 64 5.53 21.37 -59.28
N ARG B 65 5.88 22.64 -59.11
CA ARG B 65 7.12 23.23 -59.63
C ARG B 65 7.31 22.90 -61.11
N VAL B 66 6.26 23.15 -61.89
CA VAL B 66 6.25 22.89 -63.32
C VAL B 66 6.55 24.22 -64.01
N TYR B 67 7.77 24.34 -64.53
CA TYR B 67 8.17 25.57 -65.21
C TYR B 67 7.90 25.46 -66.70
N GLY B 68 7.46 26.58 -67.29
CA GLY B 68 7.20 26.65 -68.71
C GLY B 68 5.79 26.30 -69.12
N LEU B 69 5.03 25.62 -68.27
CA LEU B 69 3.66 25.26 -68.59
C LEU B 69 2.74 26.44 -68.36
N GLU B 70 1.74 26.58 -69.25
CA GLU B 70 0.77 27.66 -69.16
C GLU B 70 -0.67 27.21 -69.15
N SER B 71 -0.98 26.02 -69.68
CA SER B 71 -2.35 25.50 -69.66
C SER B 71 -2.30 23.99 -69.87
N LEU B 72 -3.27 23.31 -69.28
CA LEU B 72 -3.42 21.87 -69.42
C LEU B 72 -4.45 21.50 -70.49
N LYS B 73 -5.01 22.49 -71.18
CA LYS B 73 -5.98 22.20 -72.23
C LYS B 73 -5.35 21.42 -73.38
N ASP B 74 -4.03 21.49 -73.52
CA ASP B 74 -3.30 20.74 -74.54
C ASP B 74 -2.71 19.45 -74.00
N LEU B 75 -2.06 19.50 -72.83
CA LEU B 75 -1.46 18.29 -72.27
C LEU B 75 -2.50 17.25 -71.93
N PHE B 76 -3.56 17.66 -71.21
CA PHE B 76 -4.61 16.76 -70.74
C PHE B 76 -5.94 17.31 -71.25
N PRO B 77 -6.23 17.13 -72.53
CA PRO B 77 -7.48 17.68 -73.08
C PRO B 77 -8.70 16.88 -72.67
N ASN B 78 -8.56 15.55 -72.62
CA ASN B 78 -9.69 14.65 -72.47
C ASN B 78 -9.76 14.00 -71.10
N LEU B 79 -9.08 14.55 -70.10
CA LEU B 79 -9.17 14.00 -68.76
C LEU B 79 -10.52 14.34 -68.15
N THR B 80 -11.26 13.33 -67.75
CA THR B 80 -12.68 13.50 -67.43
C THR B 80 -13.06 13.15 -66.01
N VAL B 81 -12.55 12.05 -65.46
CA VAL B 81 -12.97 11.55 -64.16
C VAL B 81 -11.76 11.31 -63.28
N ILE B 82 -11.82 11.79 -62.05
CA ILE B 82 -10.83 11.49 -61.03
C ILE B 82 -11.53 10.71 -59.94
N ARG B 83 -11.34 9.38 -59.93
CA ARG B 83 -12.04 8.53 -58.99
C ARG B 83 -11.62 8.84 -57.55
N GLY B 84 -10.35 9.15 -57.34
CA GLY B 84 -9.88 9.43 -56.00
C GLY B 84 -9.88 8.23 -55.07
N SER B 85 -9.51 7.06 -55.58
CA SER B 85 -9.44 5.87 -54.74
C SER B 85 -8.40 6.05 -53.64
N ARG B 86 -7.23 6.59 -54.00
CA ARG B 86 -6.20 6.93 -53.03
C ARG B 86 -5.95 8.43 -53.11
N LEU B 87 -6.00 9.10 -51.96
CA LEU B 87 -5.96 10.55 -51.91
C LEU B 87 -4.67 11.04 -51.29
N PHE B 88 -4.15 12.14 -51.82
CA PHE B 88 -2.97 12.80 -51.29
C PHE B 88 -3.43 13.80 -50.24
N PHE B 89 -3.41 13.38 -48.98
CA PHE B 89 -3.92 14.19 -47.87
C PHE B 89 -5.34 14.66 -48.13
N ASN B 90 -6.18 13.71 -48.53
CA ASN B 90 -7.59 13.93 -48.86
C ASN B 90 -7.77 14.88 -50.04
N TYR B 91 -6.80 14.92 -50.94
CA TYR B 91 -6.91 15.71 -52.16
C TYR B 91 -6.74 14.79 -53.37
N ALA B 92 -7.66 14.91 -54.32
CA ALA B 92 -7.57 14.21 -55.59
C ALA B 92 -6.93 15.06 -56.69
N LEU B 93 -6.86 16.37 -56.49
CA LEU B 93 -6.23 17.28 -57.44
C LEU B 93 -5.37 18.27 -56.66
N VAL B 94 -4.06 18.20 -56.86
CA VAL B 94 -3.12 19.11 -56.22
C VAL B 94 -2.46 19.93 -57.32
N ILE B 95 -2.58 21.25 -57.22
CA ILE B 95 -1.94 22.18 -58.15
C ILE B 95 -1.19 23.19 -57.29
N PHE B 96 0.09 22.92 -57.01
CA PHE B 96 0.84 23.70 -56.04
C PHE B 96 1.97 24.44 -56.73
N GLU B 97 1.99 25.77 -56.56
CA GLU B 97 3.11 26.62 -56.95
C GLU B 97 3.40 26.53 -58.45
N MET B 98 2.41 26.92 -59.24
CA MET B 98 2.54 27.06 -60.68
C MET B 98 2.90 28.52 -60.98
N VAL B 99 4.18 28.75 -61.27
CA VAL B 99 4.63 30.11 -61.54
C VAL B 99 4.10 30.62 -62.87
N HIS B 100 4.05 29.75 -63.88
CA HIS B 100 3.76 30.16 -65.25
C HIS B 100 2.37 29.78 -65.72
N LEU B 101 1.62 29.00 -64.94
CA LEU B 101 0.29 28.59 -65.35
C LEU B 101 -0.67 29.79 -65.35
N LYS B 102 -1.46 29.92 -66.41
CA LYS B 102 -2.43 31.00 -66.52
C LYS B 102 -3.87 30.53 -66.40
N GLU B 103 -4.15 29.27 -66.72
CA GLU B 103 -5.50 28.73 -66.62
C GLU B 103 -5.39 27.22 -66.45
N LEU B 104 -6.43 26.64 -65.86
CA LEU B 104 -6.46 25.19 -65.72
C LEU B 104 -6.59 24.50 -67.08
N GLY B 105 -7.56 24.93 -67.89
CA GLY B 105 -7.74 24.40 -69.22
C GLY B 105 -8.28 22.99 -69.27
N LEU B 106 -8.54 22.35 -68.14
CA LEU B 106 -9.06 20.98 -68.14
C LEU B 106 -10.56 21.05 -68.38
N TYR B 107 -10.91 21.07 -69.66
CA TYR B 107 -12.28 21.28 -70.12
C TYR B 107 -13.06 19.99 -70.27
N ASN B 108 -12.51 18.85 -69.85
CA ASN B 108 -13.23 17.59 -69.91
C ASN B 108 -13.51 16.98 -68.54
N LEU B 109 -12.91 17.49 -67.47
CA LEU B 109 -13.21 16.99 -66.14
C LEU B 109 -14.61 17.39 -65.72
N MET B 110 -15.37 16.43 -65.21
CA MET B 110 -16.73 16.73 -64.73
C MET B 110 -17.08 16.13 -63.38
N ASN B 111 -16.40 15.09 -62.91
CA ASN B 111 -16.71 14.50 -61.61
C ASN B 111 -15.43 14.07 -60.91
N ILE B 112 -15.38 14.30 -59.61
CA ILE B 112 -14.33 13.78 -58.74
C ILE B 112 -15.05 12.95 -57.68
N THR B 113 -14.98 11.63 -57.82
CA THR B 113 -15.78 10.75 -56.96
C THR B 113 -15.38 10.90 -55.50
N ARG B 114 -14.08 10.97 -55.23
CA ARG B 114 -13.58 11.05 -53.86
C ARG B 114 -12.40 12.00 -53.80
N GLY B 115 -12.32 12.76 -52.71
CA GLY B 115 -11.25 13.70 -52.50
C GLY B 115 -11.69 15.14 -52.65
N SER B 116 -10.73 16.04 -52.47
CA SER B 116 -10.94 17.47 -52.58
C SER B 116 -9.96 18.06 -53.59
N VAL B 117 -10.06 19.37 -53.79
CA VAL B 117 -9.22 20.11 -54.72
C VAL B 117 -8.45 21.16 -53.94
N ARG B 118 -7.14 21.18 -54.09
CA ARG B 118 -6.29 22.18 -53.45
C ARG B 118 -5.45 22.86 -54.52
N ILE B 119 -5.68 24.15 -54.72
CA ILE B 119 -4.97 24.96 -55.71
C ILE B 119 -4.43 26.17 -54.95
N GLU B 120 -3.15 26.13 -54.59
CA GLU B 120 -2.58 27.11 -53.68
C GLU B 120 -1.25 27.62 -54.22
N LYS B 121 -0.98 28.90 -53.98
CA LYS B 121 0.32 29.52 -54.26
C LYS B 121 0.70 29.45 -55.73
N ASN B 122 -0.29 29.43 -56.62
CA ASN B 122 -0.05 29.37 -58.05
C ASN B 122 -0.20 30.77 -58.62
N ASN B 123 0.93 31.45 -58.83
CA ASN B 123 0.93 32.78 -59.39
C ASN B 123 0.57 32.74 -60.87
N GLU B 124 0.09 33.88 -61.37
CA GLU B 124 -0.33 34.10 -62.75
C GLU B 124 -1.53 33.22 -63.13
N LEU B 125 -2.11 32.50 -62.18
CA LEU B 125 -3.20 31.58 -62.48
C LEU B 125 -4.54 32.32 -62.44
N CYS B 126 -5.27 32.27 -63.54
CA CYS B 126 -6.56 32.94 -63.67
C CYS B 126 -7.63 31.90 -64.03
N TYR B 127 -8.84 32.40 -64.30
CA TYR B 127 -9.98 31.57 -64.67
C TYR B 127 -10.30 30.55 -63.58
N LEU B 128 -10.17 30.98 -62.33
CA LEU B 128 -10.46 30.13 -61.18
C LEU B 128 -11.81 30.41 -60.54
N ALA B 129 -12.16 31.69 -60.39
CA ALA B 129 -13.46 32.05 -59.83
C ALA B 129 -14.61 31.63 -60.74
N THR B 130 -14.33 31.33 -62.01
CA THR B 130 -15.34 30.92 -62.96
C THR B 130 -15.55 29.42 -63.00
N ILE B 131 -14.89 28.67 -62.12
CA ILE B 131 -15.03 27.22 -62.07
C ILE B 131 -16.03 26.86 -61.00
N ASP B 132 -17.02 26.03 -61.36
CA ASP B 132 -18.04 25.57 -60.42
C ASP B 132 -17.69 24.13 -60.04
N TRP B 133 -17.11 23.98 -58.84
CA TRP B 133 -16.72 22.66 -58.36
C TRP B 133 -17.87 21.90 -57.70
N SER B 134 -18.98 22.58 -57.38
CA SER B 134 -20.09 21.92 -56.74
C SER B 134 -20.70 20.83 -57.63
N ARG B 135 -20.80 21.09 -58.93
CA ARG B 135 -21.28 20.07 -59.86
C ARG B 135 -20.25 18.98 -60.11
N ILE B 136 -18.98 19.22 -59.77
CA ILE B 136 -17.94 18.22 -59.93
C ILE B 136 -17.84 17.32 -58.71
N LEU B 137 -17.80 17.91 -57.52
CA LEU B 137 -17.61 17.18 -56.28
C LEU B 137 -18.87 17.27 -55.44
N ASP B 138 -19.19 16.18 -54.75
CA ASP B 138 -20.38 16.16 -53.89
C ASP B 138 -20.25 17.19 -52.76
N SER B 139 -19.06 17.30 -52.17
CA SER B 139 -18.79 18.29 -51.13
C SER B 139 -17.58 19.11 -51.54
N VAL B 140 -17.75 20.43 -51.56
CA VAL B 140 -16.67 21.35 -51.90
C VAL B 140 -16.26 22.20 -50.71
N GLU B 141 -16.81 21.93 -49.53
CA GLU B 141 -16.44 22.69 -48.34
C GLU B 141 -14.98 22.47 -47.96
N ASP B 142 -14.40 21.35 -48.39
CA ASP B 142 -13.01 21.02 -48.09
C ASP B 142 -12.03 21.53 -49.13
N ASN B 143 -12.51 22.21 -50.17
CA ASN B 143 -11.61 22.74 -51.18
C ASN B 143 -10.80 23.90 -50.61
N TYR B 144 -9.48 23.84 -50.82
CA TYR B 144 -8.55 24.85 -50.31
C TYR B 144 -7.86 25.47 -51.52
N ILE B 145 -8.46 26.54 -52.05
CA ILE B 145 -7.95 27.23 -53.23
C ILE B 145 -7.74 28.69 -52.82
N VAL B 146 -6.52 29.02 -52.38
CA VAL B 146 -6.19 30.34 -51.90
C VAL B 146 -4.86 30.79 -52.49
N LEU B 147 -4.62 32.10 -52.43
CA LEU B 147 -3.36 32.73 -52.81
C LEU B 147 -3.00 32.39 -54.26
N ASN B 148 -3.81 32.89 -55.17
CA ASN B 148 -3.56 32.81 -56.60
C ASN B 148 -3.76 34.20 -57.20
N LYS B 149 -3.53 34.32 -58.51
CA LYS B 149 -3.76 35.60 -59.17
C LYS B 149 -5.23 35.97 -59.17
N ASP B 150 -6.12 34.98 -59.10
CA ASP B 150 -7.56 35.22 -59.04
C ASP B 150 -7.94 35.94 -57.75
N ASN B 168 -22.77 32.68 -73.85
CA ASN B 168 -22.69 31.31 -74.36
C ASN B 168 -22.42 30.32 -73.24
N CYS B 169 -21.46 30.65 -72.39
CA CYS B 169 -21.13 29.78 -71.28
C CYS B 169 -22.28 29.76 -70.26
N PRO B 170 -22.57 28.60 -69.67
CA PRO B 170 -23.65 28.55 -68.67
C PRO B 170 -23.31 29.38 -67.44
N ALA B 171 -24.35 29.92 -66.82
CA ALA B 171 -24.21 30.76 -65.64
C ALA B 171 -24.88 30.09 -64.46
N THR B 172 -24.17 30.00 -63.34
CA THR B 172 -24.69 29.39 -62.13
C THR B 172 -24.45 30.34 -60.94
N VAL B 173 -25.17 30.08 -59.85
CA VAL B 173 -25.05 30.88 -58.65
C VAL B 173 -23.68 30.70 -58.02
N VAL B 179 -23.34 34.22 -62.28
CA VAL B 179 -22.12 34.49 -63.02
C VAL B 179 -21.82 33.34 -63.97
N GLU B 180 -21.36 33.67 -65.18
CA GLU B 180 -21.04 32.65 -66.17
C GLU B 180 -19.84 31.82 -65.73
N ARG B 181 -19.85 30.55 -66.13
CA ARG B 181 -18.80 29.60 -65.81
C ARG B 181 -17.97 29.33 -67.06
N CYS B 182 -16.67 29.59 -66.97
CA CYS B 182 -15.79 29.42 -68.12
C CYS B 182 -14.39 29.09 -67.63
N TRP B 183 -13.58 28.58 -68.54
CA TRP B 183 -12.20 28.20 -68.24
C TRP B 183 -11.19 28.84 -69.18
N THR B 184 -11.53 28.97 -70.46
CA THR B 184 -10.66 29.59 -71.45
C THR B 184 -11.46 30.62 -72.23
N HIS B 185 -10.76 31.35 -73.10
CA HIS B 185 -11.42 32.31 -73.98
C HIS B 185 -12.26 31.63 -75.06
N SER B 186 -12.12 30.32 -75.24
CA SER B 186 -12.85 29.60 -76.26
C SER B 186 -13.67 28.43 -75.75
N HIS B 187 -13.45 27.96 -74.52
CA HIS B 187 -14.14 26.80 -73.99
C HIS B 187 -15.02 27.21 -72.82
N CYS B 188 -16.29 26.86 -72.89
CA CYS B 188 -17.22 27.12 -71.79
C CYS B 188 -17.25 25.93 -70.84
N GLN B 189 -17.80 26.16 -69.65
CA GLN B 189 -17.94 25.10 -68.65
C GLN B 189 -19.21 24.31 -68.95
N LYS B 190 -19.05 23.05 -69.35
CA LYS B 190 -20.19 22.22 -69.69
C LYS B 190 -21.03 21.92 -68.44
N VAL B 191 -22.34 22.10 -68.56
CA VAL B 191 -23.27 21.84 -67.47
C VAL B 191 -24.34 20.89 -68.00
N CYS B 192 -24.49 19.75 -67.36
CA CYS B 192 -25.50 18.80 -67.77
C CYS B 192 -26.79 19.01 -66.98
N PRO B 193 -27.94 18.65 -67.56
CA PRO B 193 -29.20 18.80 -66.83
C PRO B 193 -29.22 17.95 -65.57
N THR B 194 -29.98 18.42 -64.57
CA THR B 194 -30.07 17.70 -63.30
C THR B 194 -30.63 16.30 -63.50
N ILE B 195 -31.52 16.11 -64.48
CA ILE B 195 -32.07 14.78 -64.75
C ILE B 195 -30.98 13.82 -65.18
N CYS B 196 -29.91 14.33 -65.80
CA CYS B 196 -28.81 13.47 -66.21
C CYS B 196 -27.93 13.04 -65.03
N LYS B 197 -28.02 13.73 -63.90
CA LYS B 197 -27.25 13.43 -62.68
C LYS B 197 -25.77 13.51 -63.06
N SER B 198 -24.94 12.55 -62.65
CA SER B 198 -23.51 12.56 -62.95
C SER B 198 -23.17 11.65 -64.12
N HIS B 199 -24.16 11.16 -64.86
CA HIS B 199 -23.91 10.29 -66.00
C HIS B 199 -23.45 11.05 -67.23
N GLY B 200 -23.54 12.37 -67.24
CA GLY B 200 -23.11 13.17 -68.36
C GLY B 200 -24.20 13.34 -69.40
N CYS B 201 -23.93 14.24 -70.35
CA CYS B 201 -24.86 14.53 -71.43
C CYS B 201 -24.06 14.91 -72.66
N THR B 202 -24.66 14.70 -73.83
CA THR B 202 -24.02 15.00 -75.09
C THR B 202 -24.17 16.49 -75.40
N ALA B 203 -23.80 16.89 -76.63
CA ALA B 203 -23.95 18.28 -77.03
C ALA B 203 -25.41 18.69 -77.11
N GLU B 204 -26.30 17.74 -77.41
CA GLU B 204 -27.73 18.01 -77.49
C GLU B 204 -28.40 18.08 -76.12
N GLY B 205 -27.68 17.76 -75.06
CA GLY B 205 -28.24 17.80 -73.71
C GLY B 205 -28.93 16.53 -73.27
N LEU B 206 -29.05 15.54 -74.15
CA LEU B 206 -29.69 14.29 -73.77
C LEU B 206 -28.83 13.53 -72.78
N CYS B 207 -29.47 12.94 -71.77
CA CYS B 207 -28.76 12.20 -70.74
C CYS B 207 -28.15 10.93 -71.32
N CYS B 208 -27.00 10.56 -70.77
CA CYS B 208 -26.32 9.34 -71.18
C CYS B 208 -26.95 8.13 -70.50
N HIS B 209 -26.32 6.97 -70.63
CA HIS B 209 -26.83 5.76 -69.99
C HIS B 209 -26.66 5.86 -68.48
N LYS B 210 -27.48 5.09 -67.77
CA LYS B 210 -27.42 5.10 -66.30
C LYS B 210 -26.09 4.57 -65.78
N GLU B 211 -25.41 3.71 -66.53
CA GLU B 211 -24.08 3.25 -66.18
C GLU B 211 -22.97 4.12 -66.76
N CYS B 212 -23.31 5.07 -67.63
CA CYS B 212 -22.31 5.95 -68.19
C CYS B 212 -21.78 6.92 -67.14
N LEU B 213 -20.49 7.22 -67.21
CA LEU B 213 -19.86 8.21 -66.36
C LEU B 213 -19.03 9.12 -67.24
N GLY B 214 -19.04 10.42 -66.92
CA GLY B 214 -18.28 11.39 -67.68
C GLY B 214 -19.02 11.92 -68.88
N ASN B 215 -19.13 11.09 -69.92
CA ASN B 215 -19.76 11.49 -71.17
C ASN B 215 -20.15 10.22 -71.91
N CYS B 216 -20.70 10.40 -73.11
CA CYS B 216 -21.09 9.29 -73.95
C CYS B 216 -21.10 9.76 -75.40
N SER B 217 -20.43 9.01 -76.27
CA SER B 217 -20.50 9.30 -77.70
C SER B 217 -21.91 9.14 -78.21
N GLU B 218 -22.60 8.09 -77.76
CA GLU B 218 -24.00 7.85 -78.10
C GLU B 218 -24.82 7.85 -76.82
N PRO B 219 -25.83 8.71 -76.69
CA PRO B 219 -26.61 8.75 -75.45
C PRO B 219 -27.35 7.44 -75.21
N ASP B 220 -27.50 7.11 -73.93
CA ASP B 220 -28.19 5.89 -73.50
C ASP B 220 -27.56 4.64 -74.13
N ASP B 221 -26.28 4.46 -73.84
CA ASP B 221 -25.54 3.31 -74.36
C ASP B 221 -24.44 2.92 -73.38
N PRO B 222 -24.59 1.79 -72.68
CA PRO B 222 -23.54 1.37 -71.74
C PRO B 222 -22.20 1.10 -72.41
N THR B 223 -22.21 0.66 -73.66
CA THR B 223 -20.96 0.37 -74.37
C THR B 223 -20.28 1.62 -74.89
N LYS B 224 -20.98 2.75 -74.95
CA LYS B 224 -20.43 4.00 -75.46
C LYS B 224 -20.04 4.98 -74.36
N CYS B 225 -20.05 4.54 -73.11
CA CYS B 225 -19.65 5.41 -72.01
C CYS B 225 -18.14 5.62 -72.04
N VAL B 226 -17.71 6.88 -71.96
CA VAL B 226 -16.28 7.16 -71.88
C VAL B 226 -15.71 6.72 -70.54
N ALA B 227 -16.56 6.57 -69.53
CA ALA B 227 -16.14 6.09 -68.21
C ALA B 227 -17.31 5.36 -67.58
N CYS B 228 -16.98 4.50 -66.61
CA CYS B 228 -17.96 3.67 -65.94
C CYS B 228 -18.19 4.19 -64.53
N ARG B 229 -19.46 4.39 -64.18
CA ARG B 229 -19.78 4.92 -62.86
C ARG B 229 -19.38 3.95 -61.76
N ASN B 230 -19.75 2.67 -61.89
CA ASN B 230 -19.46 1.68 -60.86
C ASN B 230 -18.28 0.78 -61.24
N PHE B 231 -18.38 0.08 -62.36
CA PHE B 231 -17.33 -0.86 -62.75
C PHE B 231 -17.28 -0.97 -64.27
N TYR B 232 -16.10 -1.34 -64.76
CA TYR B 232 -15.84 -1.51 -66.18
C TYR B 232 -15.51 -2.96 -66.46
N LEU B 233 -16.14 -3.53 -67.49
CA LEU B 233 -15.91 -4.93 -67.84
C LEU B 233 -16.25 -5.12 -69.30
N ASP B 234 -15.29 -5.68 -70.06
CA ASP B 234 -15.52 -6.06 -71.46
C ASP B 234 -16.00 -4.89 -72.30
N GLY B 235 -15.42 -3.72 -72.08
CA GLY B 235 -15.82 -2.55 -72.84
C GLY B 235 -17.18 -2.01 -72.48
N GLN B 236 -17.72 -2.37 -71.33
CA GLN B 236 -19.05 -1.95 -70.92
C GLN B 236 -19.02 -1.47 -69.47
N CYS B 237 -20.03 -0.69 -69.11
CA CYS B 237 -20.17 -0.16 -67.77
C CYS B 237 -21.28 -0.91 -67.04
N VAL B 238 -20.94 -1.46 -65.87
CA VAL B 238 -21.88 -2.25 -65.08
C VAL B 238 -21.84 -1.78 -63.64
N GLU B 239 -22.96 -2.00 -62.94
CA GLU B 239 -23.05 -1.61 -61.53
C GLU B 239 -22.34 -2.58 -60.61
N THR B 240 -22.10 -3.81 -61.05
CA THR B 240 -21.33 -4.77 -60.26
C THR B 240 -20.70 -5.78 -61.21
N CYS B 241 -19.68 -6.48 -60.72
CA CYS B 241 -19.00 -7.50 -61.49
C CYS B 241 -19.67 -8.84 -61.23
N PRO B 242 -20.33 -9.45 -62.22
CA PRO B 242 -20.95 -10.76 -62.00
C PRO B 242 -19.89 -11.83 -61.82
N PRO B 243 -20.22 -12.91 -61.13
CA PRO B 243 -19.25 -14.00 -60.97
C PRO B 243 -18.98 -14.65 -62.31
N PRO B 244 -17.78 -15.23 -62.51
CA PRO B 244 -16.68 -15.35 -61.53
C PRO B 244 -15.80 -14.12 -61.52
N TYR B 245 -16.18 -13.07 -62.24
CA TYR B 245 -15.39 -11.85 -62.26
C TYR B 245 -15.44 -11.16 -60.91
N TYR B 246 -14.30 -10.64 -60.47
CA TYR B 246 -14.17 -9.96 -59.21
C TYR B 246 -13.79 -8.51 -59.45
N HIS B 247 -14.26 -7.64 -58.56
CA HIS B 247 -13.94 -6.22 -58.66
C HIS B 247 -12.46 -6.00 -58.43
N PHE B 248 -11.85 -5.16 -59.27
CA PHE B 248 -10.45 -4.81 -59.15
C PHE B 248 -10.32 -3.30 -59.11
N GLN B 249 -9.57 -2.82 -58.11
CA GLN B 249 -9.29 -1.40 -57.89
C GLN B 249 -10.56 -0.57 -57.82
N ASP B 250 -11.67 -1.19 -57.43
CA ASP B 250 -12.97 -0.54 -57.28
C ASP B 250 -13.44 0.15 -58.56
N TRP B 251 -12.82 -0.17 -59.70
CA TRP B 251 -13.20 0.46 -60.96
C TRP B 251 -13.37 -0.51 -62.12
N ARG B 252 -12.78 -1.71 -62.08
CA ARG B 252 -12.97 -2.63 -63.19
C ARG B 252 -13.32 -4.01 -62.65
N CYS B 253 -13.49 -4.95 -63.57
CA CYS B 253 -13.77 -6.34 -63.23
C CYS B 253 -12.76 -7.23 -63.93
N VAL B 254 -12.14 -8.14 -63.18
CA VAL B 254 -11.12 -9.03 -63.72
C VAL B 254 -11.46 -10.46 -63.34
N ASN B 255 -11.00 -11.39 -64.17
CA ASN B 255 -11.21 -12.80 -63.90
C ASN B 255 -10.25 -13.29 -62.82
N PHE B 256 -10.50 -14.50 -62.33
CA PHE B 256 -9.64 -15.08 -61.31
C PHE B 256 -8.23 -15.31 -61.83
N SER B 257 -8.09 -15.57 -63.14
CA SER B 257 -6.77 -15.82 -63.70
C SER B 257 -5.87 -14.60 -63.56
N PHE B 258 -6.40 -13.41 -63.81
CA PHE B 258 -5.61 -12.19 -63.69
C PHE B 258 -5.17 -11.96 -62.25
N CYS B 259 -6.08 -12.14 -61.29
CA CYS B 259 -5.72 -11.96 -59.89
C CYS B 259 -4.69 -12.98 -59.45
N GLN B 260 -4.82 -14.23 -59.91
CA GLN B 260 -3.83 -15.25 -59.59
C GLN B 260 -2.47 -14.89 -60.17
N ASP B 261 -2.44 -14.41 -61.42
CA ASP B 261 -1.18 -13.99 -62.02
C ASP B 261 -0.55 -12.85 -61.25
N LEU B 262 -1.37 -11.90 -60.80
CA LEU B 262 -0.86 -10.80 -59.97
C LEU B 262 -0.35 -11.31 -58.63
N HIS B 263 -0.93 -12.40 -58.13
CA HIS B 263 -0.49 -12.95 -56.85
C HIS B 263 0.94 -13.43 -56.90
N PHE B 264 1.34 -14.05 -58.01
CA PHE B 264 2.70 -14.56 -58.18
C PHE B 264 3.63 -13.43 -58.62
N LYS B 265 3.66 -12.37 -57.82
CA LYS B 265 4.49 -11.20 -58.05
C LYS B 265 4.22 -10.58 -59.43
N TYR B 277 -1.54 -11.02 -54.40
CA TYR B 277 -2.95 -10.67 -54.40
C TYR B 277 -3.82 -11.84 -53.98
N VAL B 278 -4.93 -11.53 -53.30
CA VAL B 278 -5.83 -12.53 -52.75
C VAL B 278 -7.25 -12.21 -53.18
N ILE B 279 -8.17 -13.12 -52.87
CA ILE B 279 -9.58 -12.97 -53.17
C ILE B 279 -10.35 -12.93 -51.87
N HIS B 280 -11.18 -11.91 -51.70
CA HIS B 280 -12.00 -11.78 -50.50
C HIS B 280 -13.20 -10.91 -50.84
N ASN B 281 -14.40 -11.46 -50.65
CA ASN B 281 -15.65 -10.75 -50.97
C ASN B 281 -15.67 -10.29 -52.42
N ASN B 282 -15.22 -11.18 -53.33
CA ASN B 282 -15.16 -10.90 -54.76
C ASN B 282 -14.31 -9.67 -55.05
N LYS B 283 -13.24 -9.49 -54.28
CA LYS B 283 -12.33 -8.38 -54.46
C LYS B 283 -10.90 -8.91 -54.53
N CYS B 284 -10.15 -8.47 -55.54
CA CYS B 284 -8.75 -8.86 -55.70
C CYS B 284 -7.88 -7.87 -54.92
N ILE B 285 -8.05 -7.89 -53.60
CA ILE B 285 -7.29 -7.03 -52.71
C ILE B 285 -5.86 -7.56 -52.64
N PRO B 286 -4.85 -6.70 -52.49
CA PRO B 286 -3.47 -7.19 -52.43
C PRO B 286 -3.22 -8.15 -51.28
N GLU B 287 -3.88 -7.94 -50.14
CA GLU B 287 -3.64 -8.75 -48.96
C GLU B 287 -4.96 -9.01 -48.25
N CYS B 288 -5.03 -10.15 -47.57
CA CYS B 288 -6.23 -10.51 -46.84
C CYS B 288 -6.46 -9.56 -45.67
N PRO B 289 -7.72 -9.33 -45.30
CA PRO B 289 -8.00 -8.46 -44.14
C PRO B 289 -7.64 -9.14 -42.83
N SER B 290 -7.80 -8.41 -41.72
CA SER B 290 -7.49 -8.96 -40.41
C SER B 290 -8.43 -10.11 -40.07
N GLY B 291 -7.90 -11.11 -39.38
CA GLY B 291 -8.68 -12.27 -39.02
C GLY B 291 -8.84 -13.30 -40.12
N TYR B 292 -8.09 -13.17 -41.22
CA TYR B 292 -8.19 -14.09 -42.34
C TYR B 292 -6.82 -14.63 -42.69
N THR B 293 -6.80 -15.85 -43.21
CA THR B 293 -5.59 -16.56 -43.59
C THR B 293 -5.68 -16.98 -45.05
N MET B 294 -4.51 -17.28 -45.61
CA MET B 294 -4.35 -17.58 -47.03
C MET B 294 -4.70 -19.05 -47.24
N ASN B 295 -5.90 -19.32 -47.73
CA ASN B 295 -6.39 -20.68 -47.96
C ASN B 295 -6.08 -21.07 -49.39
N SER B 296 -4.99 -21.81 -49.58
CA SER B 296 -4.57 -22.24 -50.90
C SER B 296 -5.55 -23.23 -51.52
N LEU B 299 -7.46 -19.40 -53.60
CA LEU B 299 -6.84 -18.11 -53.32
C LEU B 299 -7.79 -17.18 -52.58
N MET B 300 -8.63 -17.76 -51.73
CA MET B 300 -9.62 -16.99 -50.97
C MET B 300 -9.20 -16.91 -49.51
N CYS B 301 -9.41 -15.75 -48.91
CA CYS B 301 -9.13 -15.59 -47.49
C CYS B 301 -10.17 -16.34 -46.66
N THR B 302 -9.70 -17.02 -45.63
CA THR B 302 -10.61 -17.77 -44.77
C THR B 302 -10.40 -17.40 -43.32
N PRO B 303 -11.47 -17.24 -42.54
CA PRO B 303 -11.30 -16.90 -41.12
C PRO B 303 -10.53 -17.98 -40.39
N CYS B 304 -9.64 -17.55 -39.49
CA CYS B 304 -8.81 -18.48 -38.73
C CYS B 304 -8.68 -18.03 -37.28
N LEU B 305 -9.72 -17.40 -36.74
CA LEU B 305 -9.76 -16.96 -35.34
C LEU B 305 -8.63 -15.94 -35.13
N GLY B 306 -8.13 -15.85 -33.90
CA GLY B 306 -7.08 -14.91 -33.57
C GLY B 306 -5.77 -15.17 -34.29
N PRO B 307 -5.12 -16.30 -33.96
CA PRO B 307 -3.84 -16.60 -34.61
C PRO B 307 -3.98 -16.82 -36.11
N CYS B 308 -3.40 -15.92 -36.90
CA CYS B 308 -3.48 -15.99 -38.34
C CYS B 308 -2.17 -16.57 -38.88
N PRO B 309 -2.19 -17.72 -39.55
CA PRO B 309 -0.95 -18.28 -40.08
C PRO B 309 -0.33 -17.41 -41.16
N LYS B 310 0.82 -16.81 -40.85
CA LYS B 310 1.50 -15.92 -41.78
C LYS B 310 2.98 -16.23 -41.76
N VAL B 311 3.61 -16.09 -42.93
CA VAL B 311 5.04 -16.34 -43.09
C VAL B 311 5.75 -14.99 -42.99
N CYS B 312 6.40 -14.76 -41.86
CA CYS B 312 7.16 -13.52 -41.65
C CYS B 312 8.59 -13.75 -42.14
N GLN B 313 8.96 -13.05 -43.20
CA GLN B 313 10.27 -13.21 -43.80
C GLN B 313 11.26 -12.26 -43.14
N ILE B 314 12.31 -12.82 -42.55
CA ILE B 314 13.34 -12.03 -41.89
C ILE B 314 14.35 -11.55 -42.93
N LEU B 315 14.94 -10.38 -42.70
CA LEU B 315 16.05 -9.91 -43.52
C LEU B 315 17.17 -10.95 -43.49
N GLU B 316 17.47 -11.50 -44.68
CA GLU B 316 18.41 -12.60 -44.88
C GLU B 316 18.28 -13.70 -43.82
N GLY B 317 17.06 -13.91 -43.34
CA GLY B 317 16.79 -15.01 -42.42
C GLY B 317 17.48 -14.92 -41.09
N GLU B 318 17.95 -13.74 -40.69
CA GLU B 318 18.67 -13.59 -39.43
C GLU B 318 18.20 -12.33 -38.72
N LYS B 319 17.86 -12.46 -37.44
CA LYS B 319 17.44 -11.33 -36.63
C LYS B 319 17.74 -11.63 -35.17
N THR B 320 18.30 -10.64 -34.48
CA THR B 320 18.60 -10.74 -33.06
C THR B 320 17.63 -9.87 -32.29
N ILE B 321 17.03 -10.45 -31.24
CA ILE B 321 16.08 -9.74 -30.41
C ILE B 321 16.78 -9.28 -29.15
N ASP B 322 16.77 -7.97 -28.92
CA ASP B 322 17.45 -7.40 -27.76
C ASP B 322 16.65 -6.32 -27.06
N SER B 323 15.46 -5.97 -27.56
CA SER B 323 14.69 -4.87 -27.00
C SER B 323 13.21 -5.11 -27.26
N VAL B 324 12.37 -4.33 -26.58
CA VAL B 324 10.93 -4.45 -26.75
C VAL B 324 10.53 -4.08 -28.17
N THR B 325 11.10 -3.00 -28.71
CA THR B 325 10.77 -2.60 -30.08
C THR B 325 11.27 -3.62 -31.09
N SER B 326 12.36 -4.33 -30.79
CA SER B 326 12.83 -5.37 -31.69
C SER B 326 11.83 -6.51 -31.78
N ALA B 327 11.23 -6.88 -30.64
CA ALA B 327 10.20 -7.92 -30.64
C ALA B 327 8.87 -7.41 -31.18
N GLN B 328 8.63 -6.10 -31.12
CA GLN B 328 7.37 -5.55 -31.60
C GLN B 328 7.22 -5.75 -33.11
N GLU B 329 8.35 -5.86 -33.83
CA GLU B 329 8.30 -6.10 -35.26
C GLU B 329 7.78 -7.49 -35.60
N LEU B 330 7.76 -8.39 -34.62
CA LEU B 330 7.28 -9.76 -34.81
C LEU B 330 5.87 -9.95 -34.30
N ARG B 331 5.10 -8.88 -34.19
CA ARG B 331 3.74 -8.97 -33.66
C ARG B 331 2.85 -9.73 -34.62
N GLY B 332 2.13 -10.73 -34.09
CA GLY B 332 1.21 -11.50 -34.88
C GLY B 332 1.84 -12.60 -35.73
N CYS B 333 3.16 -12.75 -35.68
CA CYS B 333 3.82 -13.78 -36.47
C CYS B 333 3.55 -15.16 -35.90
N THR B 334 3.33 -16.12 -36.78
CA THR B 334 3.07 -17.51 -36.41
C THR B 334 4.04 -18.48 -37.03
N VAL B 335 4.41 -18.28 -38.29
CA VAL B 335 5.42 -19.08 -38.97
C VAL B 335 6.55 -18.14 -39.40
N ILE B 336 7.77 -18.45 -38.99
CA ILE B 336 8.92 -17.59 -39.24
C ILE B 336 9.83 -18.28 -40.26
N ASN B 337 10.22 -17.54 -41.29
CA ASN B 337 11.09 -18.05 -42.33
C ASN B 337 12.53 -17.58 -42.08
N GLY B 338 13.10 -18.09 -41.01
CA GLY B 338 14.47 -17.74 -40.67
C GLY B 338 14.86 -18.29 -39.31
N SER B 339 16.03 -17.87 -38.86
CA SER B 339 16.59 -18.29 -37.58
C SER B 339 16.48 -17.14 -36.58
N LEU B 340 16.34 -17.50 -35.31
CA LEU B 340 16.16 -16.55 -34.24
C LEU B 340 17.35 -16.60 -33.28
N ILE B 341 17.89 -15.43 -32.96
CA ILE B 341 18.95 -15.28 -31.98
C ILE B 341 18.44 -14.34 -30.89
N ILE B 342 18.55 -14.78 -29.64
CA ILE B 342 17.95 -14.07 -28.51
C ILE B 342 19.07 -13.65 -27.57
N ASN B 343 19.25 -12.34 -27.42
CA ASN B 343 20.26 -11.80 -26.52
C ASN B 343 19.79 -10.41 -26.09
N ILE B 344 19.23 -10.33 -24.89
CA ILE B 344 18.76 -9.07 -24.34
C ILE B 344 19.72 -8.65 -23.24
N ARG B 345 20.44 -7.56 -23.47
CA ARG B 345 21.34 -6.98 -22.48
C ARG B 345 20.61 -5.87 -21.72
N GLY B 346 19.64 -6.30 -20.93
CA GLY B 346 18.80 -5.37 -20.20
C GLY B 346 19.16 -5.28 -18.73
N GLY B 347 18.37 -5.93 -17.88
CA GLY B 347 18.58 -5.87 -16.45
C GLY B 347 17.29 -5.71 -15.68
N ASN B 348 16.20 -5.46 -16.39
CA ASN B 348 14.89 -5.30 -15.80
C ASN B 348 13.96 -6.40 -16.31
N ASN B 349 13.05 -6.84 -15.44
CA ASN B 349 12.13 -7.92 -15.77
C ASN B 349 11.11 -7.41 -16.78
N LEU B 350 11.31 -7.78 -18.05
CA LEU B 350 10.40 -7.42 -19.13
C LEU B 350 9.70 -8.66 -19.69
N ALA B 351 9.45 -9.65 -18.84
CA ALA B 351 8.87 -10.90 -19.30
C ALA B 351 7.47 -10.70 -19.84
N ALA B 352 6.68 -9.81 -19.22
CA ALA B 352 5.32 -9.59 -19.67
C ALA B 352 5.28 -9.04 -21.09
N GLU B 353 6.13 -8.04 -21.38
CA GLU B 353 6.16 -7.48 -22.73
C GLU B 353 6.60 -8.51 -23.75
N LEU B 354 7.63 -9.30 -23.41
CA LEU B 354 8.12 -10.30 -24.34
C LEU B 354 7.06 -11.37 -24.62
N GLU B 355 6.34 -11.79 -23.56
CA GLU B 355 5.28 -12.77 -23.74
C GLU B 355 4.13 -12.19 -24.56
N ALA B 356 3.80 -10.92 -24.35
CA ALA B 356 2.75 -10.29 -25.15
C ALA B 356 3.15 -10.20 -26.61
N ASN B 357 4.39 -9.81 -26.89
CA ASN B 357 4.84 -9.69 -28.27
C ASN B 357 5.10 -11.06 -28.89
N LEU B 358 5.91 -11.87 -28.23
CA LEU B 358 6.35 -13.15 -28.76
C LEU B 358 5.43 -14.26 -28.28
N GLY B 359 5.84 -15.51 -28.49
CA GLY B 359 5.08 -16.66 -28.07
C GLY B 359 3.99 -17.10 -29.02
N LEU B 360 3.78 -16.36 -30.11
CA LEU B 360 2.75 -16.69 -31.09
C LEU B 360 3.28 -17.49 -32.26
N ILE B 361 4.57 -17.79 -32.28
CA ILE B 361 5.19 -18.50 -33.40
C ILE B 361 5.14 -20.00 -33.10
N GLU B 362 4.74 -20.78 -34.10
CA GLU B 362 4.58 -22.22 -33.94
C GLU B 362 5.73 -23.03 -34.53
N GLU B 363 6.28 -22.59 -35.66
CA GLU B 363 7.37 -23.30 -36.32
C GLU B 363 8.50 -22.34 -36.62
N ILE B 364 9.73 -22.84 -36.52
CA ILE B 364 10.93 -22.07 -36.83
C ILE B 364 11.66 -22.78 -37.96
N SER B 365 11.80 -22.10 -39.10
CA SER B 365 12.50 -22.68 -40.23
C SER B 365 13.98 -22.87 -39.91
N GLY B 366 14.61 -21.88 -39.29
CA GLY B 366 16.03 -21.91 -39.00
C GLY B 366 16.34 -22.47 -37.63
N PHE B 367 17.51 -22.07 -37.11
CA PHE B 367 17.97 -22.50 -35.80
C PHE B 367 17.57 -21.49 -34.73
N LEU B 368 17.67 -21.91 -33.48
CA LEU B 368 17.38 -21.05 -32.33
C LEU B 368 18.64 -20.92 -31.50
N LYS B 369 18.97 -19.68 -31.13
CA LYS B 369 20.14 -19.40 -30.31
C LYS B 369 19.73 -18.51 -29.15
N ILE B 370 20.27 -18.78 -27.97
CA ILE B 370 20.10 -17.95 -26.79
C ILE B 370 21.49 -17.68 -26.21
N ARG B 371 21.80 -16.41 -26.02
CA ARG B 371 23.15 -16.09 -25.58
C ARG B 371 23.15 -14.83 -24.74
N ARG B 372 23.92 -14.84 -23.65
CA ARG B 372 24.20 -13.66 -22.83
C ARG B 372 22.92 -12.96 -22.37
N SER B 373 21.92 -13.75 -21.97
CA SER B 373 20.68 -13.19 -21.45
C SER B 373 20.81 -13.05 -19.94
N TYR B 374 20.80 -11.81 -19.46
CA TYR B 374 20.98 -11.52 -18.04
C TYR B 374 19.64 -11.50 -17.30
N ALA B 375 18.70 -10.67 -17.76
CA ALA B 375 17.41 -10.53 -17.11
C ALA B 375 16.49 -11.71 -17.37
N LEU B 376 16.78 -12.52 -18.39
CA LEU B 376 15.92 -13.65 -18.70
C LEU B 376 16.06 -14.74 -17.64
N VAL B 377 14.93 -15.33 -17.25
CA VAL B 377 14.92 -16.35 -16.21
C VAL B 377 14.41 -17.68 -16.76
N SER B 378 13.54 -17.62 -17.77
CA SER B 378 12.96 -18.83 -18.33
C SER B 378 12.45 -18.55 -19.73
N LEU B 379 12.20 -19.63 -20.46
CA LEU B 379 11.65 -19.57 -21.81
C LEU B 379 10.16 -19.88 -21.84
N SER B 380 9.49 -19.75 -20.70
CA SER B 380 8.08 -20.12 -20.62
C SER B 380 7.19 -19.19 -21.46
N PHE B 381 7.64 -17.97 -21.74
CA PHE B 381 6.83 -17.05 -22.53
C PHE B 381 6.71 -17.46 -23.98
N PHE B 382 7.50 -18.44 -24.42
CA PHE B 382 7.34 -19.02 -25.76
C PHE B 382 6.09 -19.90 -25.73
N ARG B 383 4.94 -19.25 -25.90
CA ARG B 383 3.67 -19.92 -25.65
C ARG B 383 3.38 -20.99 -26.70
N LYS B 384 3.55 -20.66 -27.98
CA LYS B 384 3.15 -21.55 -29.06
C LYS B 384 4.33 -22.18 -29.77
N LEU B 385 5.52 -22.13 -29.19
CA LEU B 385 6.71 -22.67 -29.85
C LEU B 385 6.73 -24.19 -29.65
N HIS B 386 6.46 -24.94 -30.72
CA HIS B 386 6.37 -26.38 -30.65
C HIS B 386 7.37 -27.09 -31.54
N LEU B 387 7.43 -26.72 -32.81
CA LEU B 387 8.29 -27.39 -33.79
C LEU B 387 9.40 -26.46 -34.26
N ILE B 388 10.61 -27.00 -34.32
CA ILE B 388 11.77 -26.29 -34.86
C ILE B 388 12.23 -27.09 -36.06
N ARG B 389 11.99 -26.56 -37.27
CA ARG B 389 12.41 -27.26 -38.47
C ARG B 389 13.92 -27.35 -38.56
N GLY B 390 14.62 -26.28 -38.19
CA GLY B 390 16.08 -26.28 -38.26
C GLY B 390 16.63 -26.40 -39.66
N GLU B 391 15.95 -25.81 -40.65
CA GLU B 391 16.47 -25.81 -42.01
C GLU B 391 17.80 -25.08 -42.09
N THR B 392 17.89 -23.94 -41.41
CA THR B 392 19.14 -23.20 -41.26
C THR B 392 19.72 -23.55 -39.90
N LEU B 393 20.98 -23.98 -39.88
CA LEU B 393 21.63 -24.44 -38.66
C LEU B 393 22.83 -23.56 -38.34
N GLU B 394 23.10 -23.42 -37.06
CA GLU B 394 24.30 -22.73 -36.62
C GLU B 394 25.54 -23.52 -37.04
N ILE B 395 26.65 -22.79 -37.23
CA ILE B 395 27.90 -23.43 -37.61
C ILE B 395 28.25 -24.52 -36.60
N GLY B 396 28.71 -25.65 -37.10
CA GLY B 396 28.92 -26.82 -36.28
C GLY B 396 27.72 -27.74 -36.18
N ASN B 397 26.74 -27.58 -37.06
CA ASN B 397 25.54 -28.43 -37.09
C ASN B 397 24.78 -28.35 -35.77
N TYR B 398 24.36 -27.14 -35.43
CA TYR B 398 23.61 -26.87 -34.21
C TYR B 398 22.31 -26.18 -34.56
N SER B 399 21.20 -26.71 -34.04
CA SER B 399 19.89 -26.07 -34.15
C SER B 399 19.54 -25.26 -32.92
N PHE B 400 19.81 -25.79 -31.73
CA PHE B 400 19.63 -25.06 -30.49
C PHE B 400 21.00 -24.74 -29.90
N TYR B 401 21.24 -23.45 -29.68
CA TYR B 401 22.47 -22.98 -29.06
C TYR B 401 22.12 -22.27 -27.77
N ALA B 402 22.87 -22.56 -26.71
CA ALA B 402 22.68 -21.92 -25.42
C ALA B 402 24.02 -21.54 -24.84
N LEU B 403 24.19 -20.26 -24.49
CA LEU B 403 25.48 -19.82 -23.97
C LEU B 403 25.29 -18.65 -23.02
N ASP B 404 26.12 -18.62 -21.98
CA ASP B 404 26.22 -17.48 -21.06
C ASP B 404 24.85 -17.12 -20.47
N ASN B 405 24.15 -18.15 -19.99
CA ASN B 405 22.85 -17.95 -19.37
C ASN B 405 23.04 -17.82 -17.86
N GLN B 406 22.94 -16.59 -17.37
CA GLN B 406 23.25 -16.29 -15.98
C GLN B 406 22.03 -16.41 -15.06
N ASN B 407 20.83 -16.51 -15.61
CA ASN B 407 19.64 -16.62 -14.77
C ASN B 407 18.63 -17.61 -15.34
N LEU B 408 18.96 -18.33 -16.41
CA LEU B 408 18.01 -19.22 -17.07
C LEU B 408 17.95 -20.53 -16.30
N ARG B 409 16.90 -20.68 -15.49
CA ARG B 409 16.74 -21.85 -14.63
C ARG B 409 15.80 -22.89 -15.22
N GLN B 410 14.78 -22.47 -15.96
CA GLN B 410 13.79 -23.39 -16.52
C GLN B 410 13.59 -23.10 -18.00
N LEU B 411 13.36 -24.14 -18.77
CA LEU B 411 13.10 -24.02 -20.19
C LEU B 411 11.62 -23.91 -20.49
N TRP B 412 10.86 -24.94 -20.11
CA TRP B 412 9.42 -24.97 -20.35
C TRP B 412 8.77 -25.89 -19.34
N ASP B 413 7.44 -25.76 -19.21
CA ASP B 413 6.66 -26.68 -18.40
C ASP B 413 6.42 -27.94 -19.22
N TRP B 414 7.40 -28.84 -19.17
CA TRP B 414 7.38 -30.04 -19.98
C TRP B 414 6.22 -30.97 -19.63
N SER B 415 5.58 -30.75 -18.48
CA SER B 415 4.40 -31.54 -18.15
C SER B 415 3.28 -31.29 -19.16
N LYS B 416 3.12 -30.05 -19.61
CA LYS B 416 2.07 -29.70 -20.55
C LYS B 416 2.57 -29.10 -21.85
N HIS B 417 3.84 -28.70 -21.93
CA HIS B 417 4.39 -28.10 -23.14
C HIS B 417 5.22 -29.13 -23.89
N ASN B 418 4.98 -29.23 -25.19
CA ASN B 418 5.67 -30.17 -26.06
C ASN B 418 6.54 -29.41 -27.05
N LEU B 419 7.76 -29.90 -27.26
CA LEU B 419 8.70 -29.29 -28.17
C LEU B 419 9.21 -30.34 -29.16
N THR B 420 9.36 -29.94 -30.41
CA THR B 420 9.81 -30.83 -31.47
C THR B 420 11.01 -30.23 -32.17
N ILE B 421 12.08 -31.01 -32.32
CA ILE B 421 13.29 -30.59 -33.01
C ILE B 421 13.54 -31.56 -34.15
N THR B 422 13.62 -31.02 -35.37
CA THR B 422 13.82 -31.87 -36.53
C THR B 422 15.29 -32.25 -36.70
N GLN B 423 16.15 -31.25 -36.89
CA GLN B 423 17.56 -31.46 -37.16
C GLN B 423 18.40 -30.62 -36.20
N GLY B 424 19.71 -30.71 -36.34
CA GLY B 424 20.62 -29.94 -35.54
C GLY B 424 20.91 -30.58 -34.19
N LYS B 425 21.99 -30.14 -33.58
CA LYS B 425 22.44 -30.65 -32.29
C LYS B 425 22.25 -29.59 -31.21
N LEU B 426 21.98 -30.06 -30.00
CA LEU B 426 21.78 -29.17 -28.87
C LEU B 426 23.10 -28.62 -28.37
N PHE B 427 23.05 -27.43 -27.78
CA PHE B 427 24.23 -26.80 -27.20
C PHE B 427 23.91 -26.33 -25.78
N PHE B 428 24.78 -26.68 -24.84
CA PHE B 428 24.61 -26.30 -23.45
C PHE B 428 25.99 -26.06 -22.85
N HIS B 429 26.35 -24.80 -22.63
CA HIS B 429 27.65 -24.48 -22.07
C HIS B 429 27.57 -23.16 -21.32
N TYR B 430 28.30 -23.08 -20.20
CA TYR B 430 28.37 -21.87 -19.38
C TYR B 430 26.99 -21.40 -18.95
N ASN B 431 26.16 -22.34 -18.51
CA ASN B 431 24.80 -22.07 -18.05
C ASN B 431 24.62 -22.75 -16.70
N PRO B 432 25.21 -22.19 -15.63
CA PRO B 432 25.10 -22.84 -14.31
C PRO B 432 23.68 -22.97 -13.81
N LYS B 433 22.80 -22.04 -14.15
CA LYS B 433 21.44 -22.07 -13.64
C LYS B 433 20.62 -23.21 -14.24
N LEU B 434 21.02 -23.73 -15.39
CA LEU B 434 20.36 -24.86 -16.03
C LEU B 434 21.24 -26.09 -15.88
N CYS B 435 20.70 -27.15 -15.31
CA CYS B 435 21.46 -28.35 -15.02
C CYS B 435 21.05 -29.47 -15.96
N LEU B 436 21.66 -30.64 -15.75
CA LEU B 436 21.47 -31.76 -16.65
C LEU B 436 20.05 -32.32 -16.62
N SER B 437 19.30 -32.07 -15.54
CA SER B 437 17.93 -32.57 -15.47
C SER B 437 17.06 -31.93 -16.54
N GLU B 438 17.08 -30.59 -16.63
CA GLU B 438 16.30 -29.91 -17.65
C GLU B 438 16.80 -30.26 -19.05
N ILE B 439 18.11 -30.40 -19.22
CA ILE B 439 18.67 -30.75 -20.51
C ILE B 439 18.18 -32.12 -20.95
N HIS B 440 18.20 -33.09 -20.03
CA HIS B 440 17.71 -34.42 -20.34
C HIS B 440 16.22 -34.40 -20.65
N LYS B 441 15.45 -33.62 -19.88
CA LYS B 441 14.01 -33.55 -20.12
C LYS B 441 13.71 -32.98 -21.50
N MET B 442 14.41 -31.90 -21.87
CA MET B 442 14.15 -31.29 -23.18
C MET B 442 14.66 -32.17 -24.31
N GLU B 443 15.76 -32.90 -24.09
CA GLU B 443 16.24 -33.83 -25.11
C GLU B 443 15.23 -34.95 -25.32
N GLU B 444 14.66 -35.47 -24.23
CA GLU B 444 13.64 -36.51 -24.36
C GLU B 444 12.39 -35.98 -25.05
N VAL B 445 11.98 -34.76 -24.71
CA VAL B 445 10.79 -34.18 -25.31
C VAL B 445 10.99 -33.94 -26.80
N SER B 446 12.12 -33.33 -27.17
CA SER B 446 12.40 -33.06 -28.57
C SER B 446 12.59 -34.34 -29.36
N GLY B 447 13.29 -35.32 -28.80
CA GLY B 447 13.55 -36.56 -29.49
C GLY B 447 14.90 -36.56 -30.16
N THR B 448 15.88 -35.92 -29.54
CA THR B 448 17.23 -35.82 -30.05
C THR B 448 18.22 -36.56 -29.14
N LYS B 449 17.80 -37.72 -28.65
CA LYS B 449 18.64 -38.49 -27.72
C LYS B 449 19.91 -38.96 -28.40
N GLY B 450 19.77 -39.62 -29.55
CA GLY B 450 20.93 -40.10 -30.29
C GLY B 450 21.39 -39.13 -31.35
N ARG B 451 21.54 -37.86 -30.98
CA ARG B 451 21.93 -36.83 -31.93
C ARG B 451 23.01 -35.89 -31.41
N GLN B 452 23.38 -35.97 -30.13
CA GLN B 452 24.35 -35.07 -29.54
C GLN B 452 25.63 -35.83 -29.22
N GLU B 453 26.76 -35.22 -29.55
CA GLU B 453 28.06 -35.82 -29.34
C GLU B 453 28.73 -35.16 -28.12
N ARG B 454 29.99 -35.50 -27.89
CA ARG B 454 30.72 -34.93 -26.77
C ARG B 454 30.94 -33.43 -26.99
N ASN B 455 31.06 -32.70 -25.89
CA ASN B 455 31.27 -31.26 -25.82
C ASN B 455 30.06 -30.46 -26.26
N ASP B 456 28.98 -31.12 -26.70
CA ASP B 456 27.77 -30.38 -27.05
C ASP B 456 27.09 -29.84 -25.79
N ILE B 457 27.14 -30.59 -24.70
CA ILE B 457 26.51 -30.23 -23.44
C ILE B 457 27.58 -30.23 -22.35
N ALA B 458 27.66 -29.14 -21.61
CA ALA B 458 28.63 -29.02 -20.53
C ALA B 458 28.26 -29.94 -19.36
N GLN B 465 24.12 -21.22 -5.64
CA GLN B 465 23.97 -20.18 -6.64
C GLN B 465 22.97 -20.60 -7.72
N ALA B 466 22.84 -21.91 -7.90
CA ALA B 466 21.94 -22.47 -8.90
C ALA B 466 20.89 -23.32 -8.20
N SER B 467 19.62 -23.08 -8.54
CA SER B 467 18.50 -23.81 -7.96
C SER B 467 18.28 -25.07 -8.80
N CYS B 468 18.92 -26.16 -8.40
CA CYS B 468 18.89 -27.42 -9.13
C CYS B 468 18.66 -28.59 -8.16
N GLU B 469 17.69 -28.43 -7.26
CA GLU B 469 17.40 -29.46 -6.27
C GLU B 469 16.87 -30.69 -6.99
N ASN B 470 17.73 -31.70 -7.14
CA ASN B 470 17.33 -32.92 -7.83
C ASN B 470 16.44 -33.79 -6.95
N GLU B 471 16.73 -33.86 -5.65
CA GLU B 471 15.99 -34.71 -4.74
C GLU B 471 14.62 -34.08 -4.43
N LEU B 472 13.73 -34.91 -3.92
CA LEU B 472 12.36 -34.51 -3.65
C LEU B 472 12.08 -34.54 -2.15
N LEU B 473 11.28 -33.58 -1.69
CA LEU B 473 10.82 -33.49 -0.32
C LEU B 473 9.32 -33.69 -0.27
N LYS B 474 8.84 -34.07 0.91
CA LYS B 474 7.42 -34.30 1.15
C LYS B 474 7.00 -33.59 2.41
N PHE B 475 5.72 -33.25 2.51
CA PHE B 475 5.19 -32.59 3.69
C PHE B 475 4.59 -33.64 4.62
N SER B 476 4.97 -33.58 5.89
CA SER B 476 4.60 -34.61 6.85
C SER B 476 3.29 -34.34 7.58
N PHE B 477 2.97 -33.07 7.85
CA PHE B 477 1.80 -32.73 8.62
C PHE B 477 1.35 -31.32 8.29
N ILE B 478 0.07 -31.17 7.94
CA ILE B 478 -0.50 -29.87 7.63
C ILE B 478 -1.70 -29.65 8.54
N ARG B 479 -1.72 -28.51 9.23
CA ARG B 479 -2.87 -28.11 10.03
C ARG B 479 -3.32 -26.73 9.61
N THR B 480 -4.64 -26.54 9.51
CA THR B 480 -5.22 -25.30 9.02
C THR B 480 -6.09 -24.66 10.08
N SER B 481 -6.14 -23.33 10.04
CA SER B 481 -7.03 -22.54 10.86
C SER B 481 -7.70 -21.50 9.99
N PHE B 482 -8.54 -20.66 10.61
CA PHE B 482 -9.18 -19.59 9.87
C PHE B 482 -8.17 -18.57 9.37
N ASP B 483 -7.05 -18.39 10.09
CA ASP B 483 -6.01 -17.49 9.64
C ASP B 483 -4.60 -18.02 9.87
N LYS B 484 -4.44 -19.23 10.40
CA LYS B 484 -3.12 -19.75 10.72
C LYS B 484 -2.93 -21.11 10.09
N ILE B 485 -1.73 -21.35 9.59
CA ILE B 485 -1.37 -22.59 8.92
C ILE B 485 -0.07 -23.12 9.54
N LEU B 486 -0.08 -24.39 9.90
CA LEU B 486 1.11 -25.08 10.41
C LEU B 486 1.54 -26.12 9.39
N LEU B 487 2.80 -26.04 8.97
CA LEU B 487 3.39 -26.97 8.02
C LEU B 487 4.51 -27.76 8.69
N ARG B 488 4.62 -29.02 8.31
CA ARG B 488 5.63 -29.92 8.85
C ARG B 488 6.10 -30.85 7.75
N TRP B 489 7.40 -30.96 7.58
CA TRP B 489 7.98 -31.83 6.57
C TRP B 489 9.05 -32.68 7.21
N GLU B 490 9.33 -33.81 6.59
CA GLU B 490 10.37 -34.69 7.08
C GLU B 490 11.74 -34.01 6.98
N PRO B 491 12.60 -34.19 7.96
CA PRO B 491 13.92 -33.56 7.92
C PRO B 491 14.77 -34.08 6.76
N TYR B 492 15.61 -33.20 6.23
CA TYR B 492 16.54 -33.53 5.17
C TYR B 492 17.96 -33.29 5.64
N TRP B 493 18.84 -34.24 5.39
CA TRP B 493 20.24 -34.08 5.78
C TRP B 493 21.16 -34.48 4.64
N PRO B 494 21.95 -33.53 4.13
CA PRO B 494 22.94 -33.87 3.10
C PRO B 494 24.06 -34.69 3.69
N PRO B 495 24.89 -35.31 2.85
CA PRO B 495 26.05 -36.04 3.40
C PRO B 495 26.95 -35.15 4.24
N ASP B 496 27.09 -33.88 3.88
CA ASP B 496 27.77 -32.88 4.70
C ASP B 496 26.70 -31.96 5.26
N PHE B 497 26.28 -32.23 6.50
CA PHE B 497 25.22 -31.44 7.12
C PHE B 497 25.60 -29.98 7.29
N ARG B 498 26.90 -29.68 7.31
CA ARG B 498 27.34 -28.30 7.43
C ARG B 498 27.00 -27.48 6.20
N ASP B 499 26.84 -28.12 5.04
CA ASP B 499 26.45 -27.39 3.83
C ASP B 499 25.03 -26.85 3.93
N LEU B 500 24.17 -27.51 4.71
CA LEU B 500 22.82 -27.02 4.90
C LEU B 500 22.84 -25.70 5.67
N LEU B 501 22.12 -24.71 5.16
CA LEU B 501 22.12 -23.38 5.74
C LEU B 501 20.72 -22.87 6.06
N GLY B 502 19.71 -23.73 5.97
CA GLY B 502 18.35 -23.35 6.29
C GLY B 502 17.40 -23.74 5.18
N PHE B 503 16.21 -23.17 5.23
CA PHE B 503 15.16 -23.47 4.27
C PHE B 503 14.49 -22.20 3.81
N MET B 504 13.91 -22.26 2.61
CA MET B 504 13.16 -21.15 2.04
C MET B 504 11.73 -21.60 1.81
N LEU B 505 10.78 -20.87 2.37
CA LEU B 505 9.36 -21.15 2.23
C LEU B 505 8.72 -20.04 1.38
N PHE B 506 8.09 -20.43 0.29
CA PHE B 506 7.44 -19.48 -0.59
C PHE B 506 5.94 -19.71 -0.57
N TYR B 507 5.20 -18.66 -0.25
CA TYR B 507 3.75 -18.73 -0.15
C TYR B 507 3.14 -17.60 -0.97
N LYS B 508 2.03 -17.91 -1.64
CA LYS B 508 1.32 -16.92 -2.43
C LYS B 508 -0.11 -17.40 -2.61
N GLU B 509 -1.02 -16.44 -2.73
CA GLU B 509 -2.44 -16.77 -2.86
C GLU B 509 -2.73 -17.16 -4.31
N ALA B 510 -3.16 -18.40 -4.51
CA ALA B 510 -3.43 -18.93 -5.84
C ALA B 510 -4.89 -19.35 -5.93
N PRO B 511 -5.76 -18.47 -6.45
CA PRO B 511 -7.16 -18.90 -6.65
C PRO B 511 -7.29 -20.05 -7.62
N TYR B 512 -6.41 -20.15 -8.61
CA TYR B 512 -6.41 -21.23 -9.57
C TYR B 512 -5.13 -22.04 -9.43
N GLN B 513 -5.22 -23.32 -9.77
CA GLN B 513 -4.09 -24.24 -9.64
C GLN B 513 -3.14 -24.17 -10.83
N ASN B 514 -3.27 -23.16 -11.68
CA ASN B 514 -2.41 -23.02 -12.86
C ASN B 514 -1.12 -22.29 -12.49
N VAL B 515 -0.33 -22.95 -11.65
CA VAL B 515 0.94 -22.38 -11.20
C VAL B 515 2.07 -23.37 -11.44
N VAL B 531 8.22 -15.96 0.77
CA VAL B 531 9.62 -15.65 0.98
C VAL B 531 9.92 -15.57 2.47
N VAL B 532 10.20 -16.72 3.07
CA VAL B 532 10.44 -16.86 4.51
C VAL B 532 11.68 -17.73 4.70
N ASP B 533 12.58 -17.28 5.57
CA ASP B 533 13.77 -18.05 5.90
C ASP B 533 13.53 -18.86 7.16
N ILE B 534 13.86 -20.14 7.11
CA ILE B 534 13.65 -21.07 8.22
C ILE B 534 15.02 -21.55 8.68
N ASP B 535 15.26 -21.43 9.99
CA ASP B 535 16.55 -21.81 10.55
C ASP B 535 16.79 -23.32 10.36
N PRO B 536 18.04 -23.72 10.14
CA PRO B 536 18.34 -25.16 10.05
C PRO B 536 17.96 -25.87 11.33
N PRO B 537 17.42 -27.08 11.24
CA PRO B 537 17.09 -27.83 12.45
C PRO B 537 18.35 -28.28 13.19
N GLN B 538 18.20 -28.44 14.49
CA GLN B 538 19.32 -28.86 15.33
C GLN B 538 19.63 -30.34 15.09
N ARG B 539 20.88 -30.70 15.34
CA ARG B 539 21.33 -32.08 15.14
C ARG B 539 21.18 -32.89 16.43
N SER B 549 12.06 -33.58 15.61
CA SER B 549 12.58 -34.37 14.51
C SER B 549 12.19 -33.76 13.16
N HIS B 550 10.88 -33.65 12.93
CA HIS B 550 10.38 -33.07 11.69
C HIS B 550 10.36 -31.55 11.82
N PRO B 551 11.12 -30.82 11.00
CA PRO B 551 11.03 -29.36 11.04
C PRO B 551 9.68 -28.87 10.55
N GLY B 552 9.26 -27.72 11.08
CA GLY B 552 7.98 -27.16 10.74
C GLY B 552 8.00 -25.65 10.83
N TRP B 553 6.88 -25.06 10.41
CA TRP B 553 6.73 -23.61 10.42
C TRP B 553 5.26 -23.28 10.65
N LEU B 554 5.02 -22.06 11.12
CA LEU B 554 3.66 -21.57 11.32
C LEU B 554 3.55 -20.17 10.74
N MET B 555 2.43 -19.91 10.07
CA MET B 555 2.15 -18.59 9.52
C MET B 555 0.76 -18.16 9.94
N ARG B 556 0.59 -16.87 10.21
CA ARG B 556 -0.67 -16.34 10.70
C ARG B 556 -1.29 -15.27 9.82
N GLY B 557 -0.58 -14.80 8.80
CA GLY B 557 -1.10 -13.74 7.95
C GLY B 557 -1.82 -14.26 6.72
N LEU B 558 -2.87 -15.05 6.91
CA LEU B 558 -3.66 -15.57 5.80
C LEU B 558 -5.12 -15.20 6.00
N LYS B 559 -5.74 -14.67 4.95
CA LYS B 559 -7.14 -14.33 5.00
C LYS B 559 -7.98 -15.61 5.07
N PRO B 560 -9.11 -15.58 5.77
CA PRO B 560 -9.97 -16.76 5.84
C PRO B 560 -10.54 -17.11 4.47
N TRP B 561 -10.74 -18.41 4.26
CA TRP B 561 -11.34 -18.92 3.04
C TRP B 561 -10.54 -18.50 1.80
N THR B 562 -9.23 -18.65 1.87
CA THR B 562 -8.34 -18.30 0.78
C THR B 562 -7.38 -19.45 0.50
N GLN B 563 -7.09 -19.68 -0.78
CA GLN B 563 -6.17 -20.72 -1.20
C GLN B 563 -4.79 -20.14 -1.42
N TYR B 564 -3.78 -20.78 -0.85
CA TYR B 564 -2.41 -20.34 -0.96
C TYR B 564 -1.55 -21.48 -1.50
N ALA B 565 -0.61 -21.13 -2.37
CA ALA B 565 0.34 -22.07 -2.94
C ALA B 565 1.64 -22.01 -2.17
N ILE B 566 2.09 -23.15 -1.67
CA ILE B 566 3.25 -23.24 -0.79
C ILE B 566 4.22 -24.27 -1.34
N PHE B 567 5.49 -23.90 -1.44
CA PHE B 567 6.56 -24.82 -1.77
C PHE B 567 7.81 -24.39 -1.02
N VAL B 568 8.53 -25.37 -0.49
CA VAL B 568 9.69 -25.14 0.37
C VAL B 568 10.95 -25.53 -0.38
N LYS B 569 11.93 -24.64 -0.39
CA LYS B 569 13.22 -24.88 -1.03
C LYS B 569 14.31 -24.86 0.03
N THR B 570 15.16 -25.89 0.01
CA THR B 570 16.25 -25.98 0.97
C THR B 570 17.43 -25.12 0.53
N LEU B 571 18.31 -24.82 1.48
CA LEU B 571 19.50 -24.01 1.24
C LEU B 571 20.73 -24.85 1.47
N VAL B 572 21.55 -25.00 0.44
CA VAL B 572 22.76 -25.82 0.50
C VAL B 572 23.93 -24.99 0.01
N THR B 573 25.14 -25.38 0.43
CA THR B 573 26.36 -24.68 0.08
C THR B 573 27.04 -25.39 -1.09
N PHE B 574 27.40 -24.62 -2.11
CA PHE B 574 28.15 -25.14 -3.25
C PHE B 574 29.59 -25.31 -2.81
N SER B 575 29.97 -26.54 -2.47
CA SER B 575 31.32 -26.80 -2.01
C SER B 575 32.28 -26.95 -3.20
N ASP B 576 33.57 -27.08 -2.88
CA ASP B 576 34.57 -27.29 -3.92
C ASP B 576 34.35 -28.63 -4.63
N GLU B 577 33.95 -29.65 -3.89
CA GLU B 577 33.69 -30.97 -4.45
C GLU B 577 32.32 -30.96 -5.11
N ARG B 578 31.82 -32.14 -5.47
CA ARG B 578 30.48 -32.24 -6.05
C ARG B 578 29.45 -31.73 -5.06
N ARG B 579 28.85 -30.58 -5.37
CA ARG B 579 27.89 -29.97 -4.46
C ARG B 579 26.62 -30.80 -4.38
N THR B 580 26.16 -31.06 -3.17
CA THR B 580 24.87 -31.74 -2.98
C THR B 580 23.75 -30.81 -3.41
N TYR B 581 23.04 -31.19 -4.47
CA TYR B 581 22.03 -30.31 -5.05
C TYR B 581 20.83 -30.08 -4.14
N GLY B 582 20.67 -30.88 -3.08
CA GLY B 582 19.57 -30.68 -2.17
C GLY B 582 18.27 -31.24 -2.68
N ALA B 583 17.21 -30.95 -1.94
CA ALA B 583 15.89 -31.46 -2.24
C ALA B 583 14.89 -30.32 -2.27
N LYS B 584 13.97 -30.39 -3.23
CA LYS B 584 12.90 -29.42 -3.39
C LYS B 584 11.56 -30.06 -3.04
N SER B 585 10.70 -29.30 -2.38
CA SER B 585 9.39 -29.80 -1.99
C SER B 585 8.36 -29.44 -3.04
N ASP B 586 7.35 -30.29 -3.17
CA ASP B 586 6.32 -30.09 -4.17
C ASP B 586 5.40 -28.93 -3.78
N ILE B 587 4.90 -28.24 -4.80
CA ILE B 587 3.92 -27.18 -4.59
C ILE B 587 2.61 -27.81 -4.11
N ILE B 588 1.98 -27.17 -3.11
CA ILE B 588 0.67 -27.59 -2.64
C ILE B 588 -0.22 -26.38 -2.51
N TYR B 589 -1.52 -26.62 -2.63
CA TYR B 589 -2.53 -25.58 -2.46
C TYR B 589 -3.32 -25.88 -1.19
N VAL B 590 -3.35 -24.92 -0.27
CA VAL B 590 -4.03 -25.07 1.01
C VAL B 590 -5.03 -23.94 1.15
N GLN B 591 -6.28 -24.29 1.45
CA GLN B 591 -7.33 -23.31 1.63
C GLN B 591 -7.52 -23.01 3.11
N THR B 592 -7.55 -21.72 3.45
CA THR B 592 -7.75 -21.33 4.84
C THR B 592 -9.18 -21.64 5.27
N ASP B 593 -9.33 -21.92 6.56
CA ASP B 593 -10.64 -22.25 7.10
C ASP B 593 -11.55 -21.03 7.08
N ALA B 594 -12.85 -21.29 6.97
CA ALA B 594 -13.84 -20.23 6.94
C ALA B 594 -14.11 -19.71 8.35
N THR B 595 -14.78 -18.56 8.42
CA THR B 595 -15.13 -17.94 9.69
C THR B 595 -16.44 -17.19 9.52
N ASN B 596 -16.77 -16.34 10.49
CA ASN B 596 -17.98 -15.54 10.40
C ASN B 596 -17.86 -14.55 9.24
N PRO B 597 -18.85 -14.47 8.36
CA PRO B 597 -18.75 -13.56 7.22
C PRO B 597 -18.83 -12.10 7.61
N SER B 598 -18.79 -11.22 6.61
CA SER B 598 -18.88 -9.79 6.85
C SER B 598 -20.34 -9.37 7.05
N VAL B 599 -20.51 -8.11 7.46
CA VAL B 599 -21.85 -7.57 7.66
C VAL B 599 -22.48 -7.28 6.29
N PRO B 600 -23.73 -7.66 6.05
CA PRO B 600 -24.41 -7.26 4.82
C PRO B 600 -24.89 -5.82 4.93
N LEU B 601 -24.21 -4.92 4.22
CA LEU B 601 -24.51 -3.50 4.30
C LEU B 601 -25.58 -3.14 3.28
N ASP B 602 -25.87 -1.84 3.17
CA ASP B 602 -26.91 -1.32 2.30
C ASP B 602 -28.26 -2.02 2.50
N PRO B 603 -28.81 -2.00 3.73
CA PRO B 603 -30.14 -2.57 3.93
C PRO B 603 -31.23 -1.54 3.70
N ILE B 604 -32.09 -1.78 2.72
CA ILE B 604 -33.20 -0.89 2.38
C ILE B 604 -34.50 -1.63 2.60
N SER B 605 -35.38 -1.06 3.43
CA SER B 605 -36.67 -1.65 3.72
C SER B 605 -37.76 -0.64 3.37
N VAL B 606 -38.64 -1.02 2.44
CA VAL B 606 -39.65 -0.12 1.90
C VAL B 606 -41.02 -0.74 2.09
N SER B 607 -41.97 0.04 2.59
CA SER B 607 -43.35 -0.42 2.70
C SER B 607 -44.02 -0.21 1.34
N ASN B 608 -43.85 -1.18 0.45
CA ASN B 608 -44.47 -1.10 -0.86
C ASN B 608 -45.99 -1.18 -0.78
N SER B 609 -46.53 -1.64 0.34
CA SER B 609 -47.97 -1.71 0.55
C SER B 609 -48.25 -1.29 1.99
N SER B 610 -49.52 -1.40 2.39
CA SER B 610 -49.91 -1.01 3.74
C SER B 610 -49.25 -1.90 4.78
N SER B 611 -49.19 -3.22 4.52
CA SER B 611 -48.62 -4.17 5.47
C SER B 611 -47.53 -5.03 4.84
N GLN B 612 -47.00 -4.62 3.69
CA GLN B 612 -45.95 -5.36 3.00
C GLN B 612 -44.66 -4.57 3.05
N ILE B 613 -43.58 -5.21 3.49
CA ILE B 613 -42.26 -4.62 3.58
C ILE B 613 -41.33 -5.42 2.68
N ILE B 614 -40.66 -4.74 1.76
CA ILE B 614 -39.66 -5.36 0.90
C ILE B 614 -38.29 -4.90 1.38
N LEU B 615 -37.44 -5.86 1.70
CA LEU B 615 -36.09 -5.60 2.19
C LEU B 615 -35.08 -6.10 1.17
N LYS B 616 -34.16 -5.23 0.80
CA LYS B 616 -33.11 -5.55 -0.16
C LYS B 616 -31.76 -5.19 0.46
N TRP B 617 -30.75 -5.99 0.16
CA TRP B 617 -29.43 -5.80 0.73
C TRP B 617 -28.39 -6.35 -0.24
N LYS B 618 -27.18 -5.93 -0.04
CA LYS B 618 -26.10 -6.43 -0.86
C LYS B 618 -25.28 -7.47 -0.11
N PRO B 619 -24.70 -8.43 -0.83
CA PRO B 619 -23.93 -9.47 -0.15
C PRO B 619 -22.75 -8.88 0.58
N PRO B 620 -22.36 -9.49 1.71
CA PRO B 620 -21.27 -8.91 2.50
C PRO B 620 -19.96 -8.88 1.72
N SER B 621 -19.13 -7.89 2.05
CA SER B 621 -17.86 -7.70 1.35
C SER B 621 -16.95 -8.90 1.52
N ASP B 622 -16.91 -9.49 2.72
CA ASP B 622 -16.09 -10.65 2.99
C ASP B 622 -16.98 -11.86 3.22
N PRO B 623 -17.16 -12.74 2.22
CA PRO B 623 -17.96 -13.94 2.44
C PRO B 623 -17.41 -14.84 3.53
N ASN B 624 -16.09 -14.93 3.65
CA ASN B 624 -15.44 -15.75 4.66
C ASN B 624 -15.96 -17.18 4.65
N GLY B 625 -16.16 -17.71 3.45
CA GLY B 625 -16.72 -19.02 3.22
C GLY B 625 -17.88 -18.94 2.27
N ASN B 626 -18.50 -20.10 2.01
CA ASN B 626 -19.67 -20.18 1.16
C ASN B 626 -20.89 -19.77 1.98
N ILE B 627 -21.47 -18.62 1.64
CA ILE B 627 -22.60 -18.10 2.41
C ILE B 627 -23.78 -19.04 2.28
N THR B 628 -24.24 -19.57 3.42
CA THR B 628 -25.36 -20.49 3.43
C THR B 628 -26.70 -19.78 3.38
N HIS B 629 -26.89 -18.73 4.19
CA HIS B 629 -28.17 -18.04 4.22
C HIS B 629 -28.01 -16.68 4.88
N TYR B 630 -29.12 -15.96 4.96
CA TYR B 630 -29.22 -14.68 5.63
C TYR B 630 -30.22 -14.81 6.77
N LEU B 631 -29.81 -14.42 7.97
CA LEU B 631 -30.68 -14.48 9.14
C LEU B 631 -31.28 -13.10 9.37
N VAL B 632 -32.61 -13.03 9.37
CA VAL B 632 -33.34 -11.77 9.46
C VAL B 632 -34.24 -11.82 10.69
N TYR B 633 -34.25 -10.74 11.45
CA TYR B 633 -35.13 -10.57 12.59
C TYR B 633 -35.90 -9.27 12.44
N TRP B 634 -37.07 -9.21 13.06
CA TRP B 634 -37.85 -7.98 13.09
C TRP B 634 -38.57 -7.87 14.43
N GLU B 635 -38.75 -6.63 14.87
CA GLU B 635 -39.39 -6.36 16.14
C GLU B 635 -40.18 -5.08 16.02
N ARG B 636 -41.38 -5.06 16.61
CA ARG B 636 -42.19 -3.86 16.62
C ARG B 636 -41.47 -2.73 17.34
N GLN B 637 -41.46 -1.56 16.73
CA GLN B 637 -40.80 -0.39 17.31
C GLN B 637 -41.86 0.50 17.94
N ALA B 638 -41.78 0.66 19.26
CA ALA B 638 -42.73 1.48 19.98
C ALA B 638 -42.41 2.96 19.81
N GLU B 639 -43.45 3.77 19.64
CA GLU B 639 -43.27 5.20 19.47
C GLU B 639 -42.89 5.85 20.80
N ASP B 640 -42.45 7.10 20.72
CA ASP B 640 -42.04 7.84 21.90
C ASP B 640 -43.24 8.07 22.83
N SER B 641 -43.01 7.87 24.13
CA SER B 641 -44.08 8.06 25.11
C SER B 641 -44.41 9.54 25.31
N GLU B 642 -43.47 10.44 25.02
CA GLU B 642 -43.73 11.87 25.21
C GLU B 642 -44.85 12.36 24.31
N LEU B 643 -45.07 11.71 23.16
CA LEU B 643 -46.17 12.08 22.29
C LEU B 643 -47.52 11.79 22.93
N PHE B 644 -47.58 10.89 23.91
CA PHE B 644 -48.83 10.58 24.59
C PHE B 644 -49.12 11.54 25.73
N GLU B 645 -48.19 12.44 26.05
CA GLU B 645 -48.38 13.42 27.11
C GLU B 645 -48.23 14.86 26.64
N LEU B 646 -47.78 15.09 25.42
CA LEU B 646 -47.59 16.44 24.92
C LEU B 646 -48.91 17.01 24.38
N ASP B 647 -49.05 18.32 24.52
CA ASP B 647 -50.21 19.04 24.04
C ASP B 647 -49.85 19.81 22.78
N TYR B 648 -50.66 19.66 21.73
CA TYR B 648 -50.41 20.31 20.46
C TYR B 648 -51.52 21.25 20.02
N CYS B 649 -52.50 21.52 20.89
CA CYS B 649 -53.60 22.40 20.52
C CYS B 649 -53.14 23.84 20.35
N LEU B 650 -52.06 24.23 21.00
CA LEU B 650 -51.55 25.58 20.88
C LEU B 650 -50.85 25.76 19.54
N LYS B 651 -50.33 26.98 19.33
CA LYS B 651 -49.62 27.28 18.10
C LYS B 651 -48.33 26.47 18.00
N GLY B 652 -47.86 26.30 16.75
CA GLY B 652 -46.73 25.43 16.50
C GLY B 652 -47.17 24.05 16.06
N LEU B 653 -48.09 24.01 15.10
CA LEU B 653 -48.71 22.77 14.63
C LEU B 653 -47.83 22.03 13.61
N LYS B 654 -46.53 22.33 13.56
CA LYS B 654 -45.61 21.67 12.64
C LYS B 654 -45.44 20.22 13.09
N LEU B 655 -46.19 19.32 12.46
CA LEU B 655 -46.20 17.92 12.87
C LEU B 655 -45.06 17.17 12.21
N PRO B 656 -44.17 16.54 13.00
CA PRO B 656 -43.08 15.75 12.39
C PRO B 656 -43.61 14.47 11.76
N SER B 657 -43.54 14.39 10.44
CA SER B 657 -44.03 13.24 9.70
C SER B 657 -42.87 12.28 9.43
N ARG B 658 -43.06 11.02 9.78
CA ARG B 658 -42.03 10.00 9.58
C ARG B 658 -42.34 9.12 8.38
N GLU B 756 -32.29 -13.90 27.24
CA GLU B 756 -32.52 -13.81 25.80
C GLU B 756 -34.00 -13.85 25.48
N GLU B 757 -34.35 -13.39 24.27
CA GLU B 757 -35.72 -13.40 23.80
C GLU B 757 -35.75 -13.93 22.38
N HIS B 758 -36.89 -14.52 22.02
CA HIS B 758 -37.09 -15.08 20.69
C HIS B 758 -37.94 -14.13 19.85
N ARG B 759 -37.42 -13.75 18.69
CA ARG B 759 -38.14 -12.86 17.78
C ARG B 759 -38.46 -13.58 16.49
N PRO B 760 -39.52 -13.17 15.79
CA PRO B 760 -39.82 -13.77 14.48
C PRO B 760 -38.66 -13.57 13.52
N PHE B 761 -38.14 -14.66 13.01
CA PHE B 761 -36.94 -14.65 12.18
C PHE B 761 -37.21 -15.37 10.87
N GLU B 762 -36.39 -15.02 9.87
CA GLU B 762 -36.48 -15.58 8.53
C GLU B 762 -35.10 -15.98 8.05
N LYS B 763 -35.05 -17.06 7.26
CA LYS B 763 -33.81 -17.55 6.67
C LYS B 763 -33.92 -17.35 5.16
N VAL B 764 -33.24 -16.33 4.65
CA VAL B 764 -33.20 -16.05 3.22
C VAL B 764 -32.14 -16.95 2.61
N VAL B 765 -32.57 -17.89 1.78
CA VAL B 765 -31.70 -18.88 1.17
C VAL B 765 -31.77 -18.71 -0.34
N ASN B 766 -30.60 -18.59 -0.98
CA ASN B 766 -30.50 -18.41 -2.42
C ASN B 766 -31.34 -17.21 -2.90
N LYS B 767 -31.33 -16.14 -2.11
CA LYS B 767 -32.09 -14.95 -2.44
C LYS B 767 -31.39 -13.74 -1.83
N GLU B 768 -31.70 -12.57 -2.39
CA GLU B 768 -31.12 -11.31 -1.95
C GLU B 768 -32.18 -10.32 -1.47
N SER B 769 -33.44 -10.74 -1.44
CA SER B 769 -34.53 -9.87 -1.02
C SER B 769 -35.49 -10.66 -0.15
N LEU B 770 -36.24 -9.94 0.67
CA LEU B 770 -37.19 -10.54 1.59
C LEU B 770 -38.49 -9.73 1.59
N VAL B 771 -39.59 -10.42 1.87
CA VAL B 771 -40.91 -9.78 1.97
C VAL B 771 -41.49 -10.12 3.33
N ILE B 772 -42.06 -9.11 3.99
CA ILE B 772 -42.65 -9.25 5.31
C ILE B 772 -44.10 -8.78 5.23
N SER B 773 -45.01 -9.59 5.75
CA SER B 773 -46.43 -9.28 5.74
C SER B 773 -46.98 -9.32 7.16
N GLY B 774 -48.28 -9.03 7.29
CA GLY B 774 -48.94 -9.06 8.58
C GLY B 774 -48.41 -8.04 9.56
N LEU B 775 -48.21 -6.81 9.08
CA LEU B 775 -47.69 -5.73 9.92
C LEU B 775 -48.74 -4.64 10.06
N ARG B 776 -48.82 -4.08 11.26
CA ARG B 776 -49.79 -3.02 11.53
C ARG B 776 -49.40 -1.75 10.77
N HIS B 777 -50.42 -0.99 10.38
CA HIS B 777 -50.19 0.23 9.63
C HIS B 777 -49.50 1.27 10.50
N PHE B 778 -48.57 2.01 9.90
CA PHE B 778 -47.84 3.08 10.57
C PHE B 778 -47.16 2.58 11.84
N THR B 779 -46.57 1.39 11.76
CA THR B 779 -45.87 0.78 12.88
C THR B 779 -44.40 0.62 12.52
N GLY B 780 -43.52 1.16 13.36
CA GLY B 780 -42.11 1.03 13.12
C GLY B 780 -41.60 -0.38 13.42
N TYR B 781 -40.54 -0.76 12.72
CA TYR B 781 -39.92 -2.06 12.92
C TYR B 781 -38.41 -1.92 12.77
N ARG B 782 -37.68 -2.61 13.64
CA ARG B 782 -36.21 -2.61 13.63
C ARG B 782 -35.75 -3.90 12.99
N ILE B 783 -35.55 -3.87 11.68
CA ILE B 783 -35.10 -5.04 10.94
C ILE B 783 -33.62 -5.25 11.21
N GLU B 784 -33.27 -6.47 11.61
CA GLU B 784 -31.91 -6.89 11.89
C GLU B 784 -31.48 -7.93 10.87
N LEU B 785 -30.33 -7.70 10.23
CA LEU B 785 -29.85 -8.56 9.17
C LEU B 785 -28.45 -9.06 9.51
N GLN B 786 -28.22 -10.36 9.30
CA GLN B 786 -26.90 -10.95 9.43
C GLN B 786 -26.75 -11.99 8.32
N ALA B 787 -25.50 -12.31 7.99
CA ALA B 787 -25.19 -13.35 7.02
C ALA B 787 -24.52 -14.51 7.72
N CYS B 788 -24.87 -15.73 7.31
CA CYS B 788 -24.32 -16.93 7.92
C CYS B 788 -23.84 -17.87 6.83
N ASN B 789 -22.59 -18.31 6.95
CA ASN B 789 -21.99 -19.28 6.04
C ASN B 789 -22.05 -20.67 6.63
N GLN B 790 -23.06 -20.94 7.44
CA GLN B 790 -23.20 -22.19 8.16
C GLN B 790 -24.66 -22.35 8.58
N ASP B 791 -25.16 -23.58 8.58
CA ASP B 791 -26.57 -23.82 8.87
C ASP B 791 -26.79 -24.70 10.09
N SER B 792 -26.34 -25.95 10.09
CA SER B 792 -26.59 -26.82 11.22
C SER B 792 -25.62 -26.63 12.39
N PRO B 793 -24.29 -26.59 12.17
CA PRO B 793 -23.40 -26.60 13.34
C PRO B 793 -23.03 -25.23 13.91
N ASP B 794 -23.93 -24.66 14.71
CA ASP B 794 -23.67 -23.43 15.45
C ASP B 794 -23.27 -22.30 14.49
N GLU B 795 -24.27 -21.91 13.69
CA GLU B 795 -24.11 -20.96 12.60
C GLU B 795 -23.15 -19.83 12.95
N ARG B 796 -22.17 -19.62 12.08
CA ARG B 796 -21.24 -18.49 12.20
C ARG B 796 -21.86 -17.31 11.46
N CYS B 797 -22.48 -16.41 12.21
CA CYS B 797 -23.18 -15.28 11.64
C CYS B 797 -22.49 -13.99 12.07
N SER B 798 -22.54 -12.99 11.20
CA SER B 798 -21.92 -11.71 11.49
C SER B 798 -22.77 -10.93 12.50
N VAL B 799 -22.33 -9.72 12.83
CA VAL B 799 -23.03 -8.88 13.79
C VAL B 799 -24.31 -8.36 13.17
N ALA B 800 -25.20 -7.81 14.00
CA ALA B 800 -26.49 -7.33 13.52
C ALA B 800 -26.33 -6.06 12.71
N ALA B 801 -27.11 -5.96 11.63
CA ALA B 801 -27.26 -4.73 10.87
C ALA B 801 -28.68 -4.23 11.03
N TYR B 802 -28.84 -2.99 11.51
CA TYR B 802 -30.13 -2.46 11.90
C TYR B 802 -30.64 -1.47 10.86
N VAL B 803 -31.91 -1.60 10.49
CA VAL B 803 -32.57 -0.64 9.61
C VAL B 803 -34.00 -0.45 10.10
N SER B 804 -34.49 0.79 10.01
CA SER B 804 -35.83 1.14 10.46
C SER B 804 -36.79 1.13 9.29
N ALA B 805 -37.92 0.44 9.46
CA ALA B 805 -38.94 0.35 8.41
C ALA B 805 -40.28 0.77 9.00
N ARG B 806 -40.98 1.67 8.30
CA ARG B 806 -42.29 2.13 8.73
C ARG B 806 -43.32 1.78 7.67
N THR B 807 -44.39 1.10 8.09
CA THR B 807 -45.47 0.76 7.18
C THR B 807 -46.29 2.00 6.85
N MET B 808 -46.82 2.02 5.64
CA MET B 808 -47.71 3.10 5.25
C MET B 808 -49.03 3.00 6.01
N PRO B 809 -49.51 4.08 6.60
CA PRO B 809 -50.74 4.01 7.39
C PRO B 809 -51.97 3.84 6.52
N GLU B 810 -53.04 3.35 7.14
CA GLU B 810 -54.29 3.15 6.45
C GLU B 810 -54.94 4.50 6.12
N ALA B 811 -55.64 4.53 4.97
CA ALA B 811 -56.34 5.74 4.55
C ALA B 811 -57.69 5.91 5.24
N LYS B 812 -58.17 4.90 5.97
CA LYS B 812 -59.44 4.96 6.67
C LYS B 812 -59.29 4.98 8.19
N ALA B 813 -58.12 4.64 8.72
CA ALA B 813 -57.93 4.61 10.16
C ALA B 813 -58.00 6.00 10.79
N ASP B 814 -57.88 7.06 10.00
CA ASP B 814 -57.96 8.42 10.49
C ASP B 814 -59.38 8.98 10.47
N ASP B 815 -60.36 8.21 10.02
CA ASP B 815 -61.74 8.67 9.95
C ASP B 815 -62.46 8.35 11.25
N ILE B 816 -63.17 9.34 11.79
CA ILE B 816 -63.90 9.17 13.04
C ILE B 816 -65.17 8.37 12.76
N VAL B 817 -65.41 7.34 13.57
CA VAL B 817 -66.58 6.50 13.44
C VAL B 817 -67.35 6.51 14.74
N GLY B 818 -68.64 6.19 14.65
CA GLY B 818 -69.51 6.18 15.81
C GLY B 818 -70.43 7.38 15.83
N PRO B 819 -71.61 7.22 16.42
CA PRO B 819 -72.58 8.33 16.47
C PRO B 819 -72.13 9.41 17.43
N VAL B 820 -72.18 10.65 16.96
CA VAL B 820 -71.78 11.80 17.77
C VAL B 820 -72.96 12.20 18.66
N THR B 821 -72.72 12.28 19.96
CA THR B 821 -73.75 12.58 20.93
C THR B 821 -73.51 13.97 21.52
N HIS B 822 -74.60 14.69 21.79
CA HIS B 822 -74.52 16.02 22.39
C HIS B 822 -75.53 16.12 23.52
N GLU B 823 -75.13 16.83 24.57
CA GLU B 823 -75.99 17.11 25.72
C GLU B 823 -76.08 18.61 25.92
N ILE B 824 -77.30 19.10 26.11
CA ILE B 824 -77.56 20.53 26.25
C ILE B 824 -77.91 20.82 27.69
N PHE B 825 -77.21 21.77 28.30
CA PHE B 825 -77.46 22.15 29.68
C PHE B 825 -78.49 23.28 29.71
N GLU B 826 -78.89 23.67 30.93
CA GLU B 826 -79.87 24.74 31.08
C GLU B 826 -79.28 26.09 30.69
N ASN B 827 -77.98 26.29 30.91
CA ASN B 827 -77.31 27.55 30.63
C ASN B 827 -76.59 27.53 29.28
N ASN B 828 -77.16 26.82 28.29
CA ASN B 828 -76.61 26.74 26.95
C ASN B 828 -75.16 26.24 26.96
N VAL B 829 -74.93 25.19 27.74
CA VAL B 829 -73.64 24.52 27.82
C VAL B 829 -73.75 23.18 27.12
N VAL B 830 -72.85 22.91 26.18
CA VAL B 830 -72.92 21.74 25.32
C VAL B 830 -71.81 20.77 25.70
N HIS B 831 -72.18 19.51 25.88
CA HIS B 831 -71.23 18.43 26.16
C HIS B 831 -71.22 17.48 24.98
N LEU B 832 -70.06 17.36 24.32
CA LEU B 832 -69.92 16.58 23.10
C LEU B 832 -69.18 15.29 23.37
N MET B 833 -69.81 14.17 23.03
CA MET B 833 -69.23 12.84 23.12
C MET B 833 -69.03 12.30 21.71
N TRP B 834 -67.80 11.91 21.39
CA TRP B 834 -67.51 11.29 20.10
C TRP B 834 -66.61 10.08 20.33
N GLN B 835 -66.71 9.12 19.42
CA GLN B 835 -65.93 7.88 19.50
C GLN B 835 -64.73 8.01 18.58
N GLU B 836 -63.54 7.94 19.17
CA GLU B 836 -62.31 8.06 18.40
C GLU B 836 -62.06 6.78 17.60
N PRO B 837 -61.26 6.87 16.53
CA PRO B 837 -60.88 5.66 15.79
C PRO B 837 -59.85 4.85 16.56
N LYS B 838 -60.34 3.98 17.44
CA LYS B 838 -59.49 3.20 18.36
C LYS B 838 -58.30 2.55 17.67
N GLU B 839 -58.37 2.31 16.36
CA GLU B 839 -57.22 1.84 15.61
C GLU B 839 -56.75 2.93 14.65
N PRO B 840 -56.04 3.94 15.14
CA PRO B 840 -55.65 5.06 14.28
C PRO B 840 -54.33 4.82 13.59
N ASN B 841 -53.87 5.83 12.83
CA ASN B 841 -52.57 5.76 12.16
C ASN B 841 -51.49 6.10 13.18
N GLY B 842 -51.18 5.12 14.03
CA GLY B 842 -50.23 5.31 15.11
C GLY B 842 -50.87 5.92 16.33
N LEU B 843 -51.13 7.23 16.29
CA LEU B 843 -51.80 7.91 17.38
C LEU B 843 -52.37 9.23 16.85
N ILE B 844 -53.31 9.78 17.61
CA ILE B 844 -53.99 11.02 17.26
C ILE B 844 -53.45 12.11 18.18
N VAL B 845 -52.85 13.14 17.57
CA VAL B 845 -52.27 14.22 18.37
C VAL B 845 -53.36 15.09 18.98
N LEU B 846 -54.40 15.40 18.20
CA LEU B 846 -55.46 16.29 18.65
C LEU B 846 -56.69 16.09 17.76
N TYR B 847 -57.80 16.67 18.20
CA TYR B 847 -59.06 16.65 17.46
C TYR B 847 -59.43 18.07 17.08
N GLU B 848 -59.80 18.26 15.82
CA GLU B 848 -60.18 19.57 15.30
C GLU B 848 -61.69 19.62 15.15
N VAL B 849 -62.31 20.65 15.73
CA VAL B 849 -63.75 20.82 15.70
C VAL B 849 -64.06 22.14 15.01
N SER B 850 -64.98 22.11 14.05
CA SER B 850 -65.43 23.31 13.36
C SER B 850 -66.94 23.43 13.55
N TYR B 851 -67.37 24.47 14.26
CA TYR B 851 -68.79 24.69 14.53
C TYR B 851 -69.20 26.08 14.07
N ARG B 852 -70.36 26.17 13.45
CA ARG B 852 -70.84 27.41 12.85
C ARG B 852 -72.35 27.48 12.97
N ARG B 853 -72.85 28.57 13.58
CA ARG B 853 -74.28 28.82 13.61
C ARG B 853 -74.74 29.42 12.27
N TYR B 854 -76.02 29.25 12.00
CA TYR B 854 -76.62 29.87 10.83
C TYR B 854 -76.50 31.39 10.90
N GLY B 855 -76.09 31.98 9.78
CA GLY B 855 -75.88 33.42 9.72
C GLY B 855 -74.55 33.89 10.27
N ASP B 856 -73.68 32.99 10.71
CA ASP B 856 -72.39 33.33 11.28
C ASP B 856 -71.28 32.64 10.48
N GLU B 857 -70.05 32.78 10.96
CA GLU B 857 -68.88 32.20 10.32
C GLU B 857 -68.39 30.99 11.11
N GLU B 858 -67.63 30.14 10.42
CA GLU B 858 -67.11 28.93 11.06
C GLU B 858 -66.11 29.27 12.15
N LEU B 859 -66.20 28.55 13.27
CA LEU B 859 -65.31 28.75 14.40
C LEU B 859 -64.58 27.44 14.70
N HIS B 860 -63.28 27.55 14.96
CA HIS B 860 -62.39 26.41 15.14
C HIS B 860 -62.09 26.19 16.61
N LEU B 861 -61.86 24.93 16.96
CA LEU B 861 -61.53 24.52 18.32
C LEU B 861 -60.66 23.28 18.26
N CYS B 862 -59.83 23.11 19.29
CA CYS B 862 -58.94 21.96 19.38
C CYS B 862 -59.16 21.24 20.71
N VAL B 863 -59.18 19.92 20.65
CA VAL B 863 -59.26 19.07 21.84
C VAL B 863 -57.99 18.24 21.90
N SER B 864 -57.22 18.41 22.97
CA SER B 864 -55.98 17.68 23.12
C SER B 864 -56.25 16.29 23.68
N ARG B 865 -55.19 15.47 23.72
CA ARG B 865 -55.31 14.15 24.32
C ARG B 865 -55.67 14.24 25.80
N LYS B 866 -55.03 15.16 26.51
CA LYS B 866 -55.39 15.38 27.91
C LYS B 866 -56.82 15.86 28.05
N HIS B 867 -57.22 16.80 27.19
CA HIS B 867 -58.60 17.29 27.22
C HIS B 867 -59.59 16.18 26.89
N PHE B 868 -59.29 15.38 25.87
CA PHE B 868 -60.19 14.30 25.50
C PHE B 868 -60.30 13.26 26.62
N ALA B 869 -59.18 12.98 27.29
CA ALA B 869 -59.20 12.00 28.37
C ALA B 869 -59.97 12.51 29.58
N LEU B 870 -59.72 13.77 29.98
CA LEU B 870 -60.35 14.30 31.18
C LEU B 870 -61.83 14.58 30.97
N GLU B 871 -62.19 15.21 29.85
CA GLU B 871 -63.56 15.60 29.60
C GLU B 871 -64.35 14.54 28.85
N ARG B 872 -63.73 13.40 28.53
CA ARG B 872 -64.37 12.34 27.77
C ARG B 872 -64.87 12.84 26.41
N GLY B 873 -64.20 13.86 25.87
CA GLY B 873 -64.68 14.51 24.66
C GLY B 873 -64.49 16.01 24.73
N CYS B 874 -65.59 16.76 24.59
CA CYS B 874 -65.51 18.22 24.62
C CYS B 874 -66.63 18.77 25.49
N ARG B 875 -66.41 19.99 26.00
CA ARG B 875 -67.42 20.69 26.77
C ARG B 875 -67.31 22.18 26.45
N LEU B 876 -68.21 22.65 25.58
CA LEU B 876 -68.29 24.06 25.22
C LEU B 876 -69.23 24.78 26.19
N ARG B 877 -68.83 25.99 26.59
CA ARG B 877 -69.60 26.80 27.53
C ARG B 877 -69.85 28.18 26.91
N GLY B 878 -70.98 28.78 27.27
CA GLY B 878 -71.32 30.10 26.78
C GLY B 878 -71.64 30.09 25.29
N LEU B 879 -72.72 29.43 24.91
CA LEU B 879 -73.10 29.26 23.52
C LEU B 879 -74.36 30.05 23.23
N SER B 880 -74.31 30.89 22.20
CA SER B 880 -75.44 31.74 21.88
C SER B 880 -76.64 30.91 21.39
N PRO B 881 -77.87 31.38 21.62
CA PRO B 881 -79.03 30.66 21.11
C PRO B 881 -79.04 30.61 19.59
N GLY B 882 -79.58 29.53 19.06
CA GLY B 882 -79.64 29.32 17.63
C GLY B 882 -79.51 27.85 17.31
N ASN B 883 -79.31 27.56 16.03
CA ASN B 883 -79.12 26.19 15.56
C ASN B 883 -77.64 26.02 15.21
N TYR B 884 -76.98 25.10 15.91
CA TYR B 884 -75.56 24.86 15.71
C TYR B 884 -75.31 23.65 14.84
N SER B 885 -74.09 23.59 14.31
CA SER B 885 -73.60 22.44 13.55
C SER B 885 -72.29 22.00 14.16
N VAL B 886 -72.17 20.71 14.46
CA VAL B 886 -71.01 20.15 15.11
C VAL B 886 -70.34 19.17 14.16
N ARG B 887 -69.05 19.40 13.88
CA ARG B 887 -68.24 18.51 13.06
C ARG B 887 -66.85 18.44 13.67
N VAL B 888 -66.34 17.23 13.87
CA VAL B 888 -65.07 17.00 14.55
C VAL B 888 -64.15 16.24 13.63
N ARG B 889 -62.92 16.73 13.49
CA ARG B 889 -61.88 16.08 12.69
C ARG B 889 -60.76 15.59 13.60
N ALA B 890 -60.36 14.34 13.42
CA ALA B 890 -59.27 13.77 14.19
C ALA B 890 -57.96 13.97 13.45
N THR B 891 -57.00 14.62 14.11
CA THR B 891 -55.69 14.88 13.52
C THR B 891 -54.71 13.81 14.01
N SER B 892 -54.24 12.98 13.08
CA SER B 892 -53.28 11.94 13.37
C SER B 892 -51.96 12.26 12.66
N LEU B 893 -50.99 11.35 12.80
CA LEU B 893 -49.71 11.56 12.14
C LEU B 893 -49.84 11.45 10.62
N ALA B 894 -50.74 10.59 10.14
CA ALA B 894 -50.93 10.44 8.70
C ALA B 894 -51.48 11.71 8.05
N GLY B 895 -52.12 12.58 8.83
CA GLY B 895 -52.67 13.81 8.32
C GLY B 895 -54.02 14.06 8.94
N ASN B 896 -54.72 15.07 8.40
CA ASN B 896 -56.05 15.40 8.87
C ASN B 896 -57.03 14.29 8.52
N GLY B 897 -57.91 13.98 9.46
CA GLY B 897 -58.91 12.94 9.28
C GLY B 897 -60.16 13.47 8.60
N SER B 898 -61.24 12.73 8.77
CA SER B 898 -62.54 13.09 8.21
C SER B 898 -63.43 13.68 9.30
N TRP B 899 -64.10 14.78 8.97
CA TRP B 899 -65.00 15.41 9.91
C TRP B 899 -66.20 14.52 10.20
N THR B 900 -66.70 14.62 11.43
CA THR B 900 -67.85 13.84 11.84
C THR B 900 -69.11 14.32 11.14
N GLU B 901 -70.20 13.59 11.33
CA GLU B 901 -71.48 13.99 10.80
C GLU B 901 -71.93 15.30 11.44
N PRO B 902 -72.59 16.17 10.68
CA PRO B 902 -73.04 17.45 11.26
C PRO B 902 -74.13 17.26 12.28
N THR B 903 -73.80 17.46 13.56
CA THR B 903 -74.76 17.37 14.64
C THR B 903 -75.47 18.72 14.76
N TYR B 904 -76.78 18.73 14.53
CA TYR B 904 -77.57 19.95 14.56
C TYR B 904 -78.49 19.95 15.77
N PHE B 905 -78.37 20.98 16.60
CA PHE B 905 -79.22 21.17 17.76
C PHE B 905 -79.61 22.63 17.88
N TYR B 906 -80.84 22.85 18.34
CA TYR B 906 -81.43 24.18 18.47
C TYR B 906 -81.56 24.54 19.94
N VAL B 907 -81.05 25.70 20.31
CA VAL B 907 -81.13 26.19 21.68
C VAL B 907 -81.73 27.58 21.72
N GLY C 5 41.82 -20.64 59.20
CA GLY C 5 41.67 -21.77 58.30
C GLY C 5 41.96 -21.44 56.85
N GLU C 6 42.06 -22.47 56.02
CA GLU C 6 42.36 -22.27 54.60
C GLU C 6 41.09 -22.06 53.80
N VAL C 7 41.18 -21.20 52.79
CA VAL C 7 40.06 -20.89 51.91
C VAL C 7 40.21 -21.74 50.65
N CYS C 8 39.09 -22.30 50.19
CA CYS C 8 39.09 -23.20 49.07
C CYS C 8 37.95 -22.88 48.12
N PRO C 9 38.08 -23.22 46.85
CA PRO C 9 37.00 -23.01 45.90
C PRO C 9 35.89 -24.02 46.14
N GLY C 10 34.93 -24.05 45.21
CA GLY C 10 33.85 -25.02 45.28
C GLY C 10 34.24 -26.37 44.68
N MET C 11 33.69 -27.44 45.26
CA MET C 11 33.87 -28.79 44.75
C MET C 11 32.54 -29.43 44.37
N ASP C 12 32.62 -30.34 43.40
CA ASP C 12 31.50 -31.16 42.95
C ASP C 12 31.95 -32.61 43.09
N ILE C 13 31.75 -33.16 44.28
CA ILE C 13 32.23 -34.49 44.61
C ILE C 13 31.17 -35.52 44.24
N ARG C 14 31.61 -36.57 43.54
CA ARG C 14 30.71 -37.58 43.05
C ARG C 14 31.44 -38.91 43.00
N ASN C 15 30.66 -39.98 42.82
CA ASN C 15 31.17 -41.34 42.62
C ASN C 15 31.94 -41.84 43.84
N ASN C 16 33.09 -41.24 44.11
CA ASN C 16 33.97 -41.70 45.18
C ASN C 16 34.11 -40.63 46.26
N LEU C 17 34.40 -41.09 47.46
CA LEU C 17 34.57 -40.21 48.62
C LEU C 17 36.00 -39.71 48.79
N THR C 18 36.92 -40.12 47.92
CA THR C 18 38.31 -39.67 48.03
C THR C 18 38.41 -38.16 47.85
N ARG C 19 37.74 -37.62 46.84
CA ARG C 19 37.79 -36.19 46.55
C ARG C 19 37.20 -35.34 47.68
N LEU C 20 36.43 -35.94 48.58
CA LEU C 20 35.97 -35.24 49.77
C LEU C 20 37.11 -34.89 50.72
N HIS C 21 38.16 -35.71 50.75
CA HIS C 21 39.24 -35.54 51.71
C HIS C 21 40.01 -34.23 51.51
N GLU C 22 39.83 -33.57 50.37
CA GLU C 22 40.42 -32.25 50.15
C GLU C 22 39.80 -31.18 51.03
N LEU C 23 38.67 -31.47 51.67
CA LEU C 23 37.99 -30.51 52.55
C LEU C 23 38.57 -30.49 53.96
N GLU C 24 39.53 -31.36 54.24
CA GLU C 24 40.03 -31.50 55.61
C GLU C 24 40.62 -30.21 56.15
N ASN C 25 41.22 -29.40 55.28
CA ASN C 25 41.87 -28.16 55.72
C ASN C 25 41.12 -26.92 55.29
N CYS C 26 39.93 -27.06 54.71
CA CYS C 26 39.14 -25.92 54.26
C CYS C 26 38.18 -25.48 55.37
N SER C 27 38.28 -24.22 55.77
CA SER C 27 37.36 -23.63 56.72
C SER C 27 36.31 -22.74 56.07
N VAL C 28 36.63 -22.15 54.92
CA VAL C 28 35.70 -21.35 54.14
C VAL C 28 35.78 -21.81 52.69
N ILE C 29 34.63 -22.11 52.09
CA ILE C 29 34.56 -22.51 50.70
C ILE C 29 34.14 -21.31 49.89
N GLU C 30 35.04 -20.82 49.04
CA GLU C 30 34.74 -19.69 48.15
C GLU C 30 34.07 -20.24 46.90
N GLY C 31 32.82 -20.67 47.08
CA GLY C 31 32.05 -21.26 46.01
C GLY C 31 30.92 -22.10 46.58
N HIS C 32 30.49 -23.06 45.80
CA HIS C 32 29.43 -23.98 46.17
C HIS C 32 29.97 -25.40 46.28
N LEU C 33 29.39 -26.16 47.19
CA LEU C 33 29.80 -27.55 47.41
C LEU C 33 28.64 -28.45 47.04
N GLN C 34 28.88 -29.38 46.13
CA GLN C 34 27.89 -30.35 45.68
C GLN C 34 28.40 -31.74 46.01
N ILE C 35 27.51 -32.60 46.50
CA ILE C 35 27.84 -33.96 46.90
C ILE C 35 26.77 -34.85 46.29
N LEU C 36 27.14 -35.63 45.28
CA LEU C 36 26.14 -36.35 44.51
C LEU C 36 26.64 -37.71 44.03
N LEU C 37 25.70 -38.63 43.83
CA LEU C 37 25.92 -39.87 43.09
C LEU C 37 27.02 -40.74 43.70
N MET C 38 26.74 -41.22 44.91
CA MET C 38 27.48 -42.33 45.50
C MET C 38 26.51 -43.47 45.77
N PHE C 39 26.60 -44.52 44.97
CA PHE C 39 25.76 -45.70 45.11
C PHE C 39 26.45 -46.82 45.86
N LYS C 40 27.69 -46.62 46.28
CA LYS C 40 28.45 -47.64 47.00
C LYS C 40 28.72 -47.27 48.45
N THR C 41 28.61 -45.99 48.80
CA THR C 41 28.90 -45.56 50.17
C THR C 41 27.91 -46.18 51.14
N ARG C 42 28.41 -46.52 52.32
CA ARG C 42 27.66 -47.20 53.36
C ARG C 42 27.83 -46.44 54.67
N PRO C 43 26.92 -46.66 55.63
CA PRO C 43 27.07 -45.98 56.93
C PRO C 43 28.39 -46.28 57.62
N GLU C 44 29.00 -47.43 57.35
CA GLU C 44 30.32 -47.74 57.90
C GLU C 44 31.42 -46.89 57.30
N ASP C 45 31.15 -46.17 56.22
CA ASP C 45 32.13 -45.27 55.62
C ASP C 45 32.07 -43.86 56.19
N PHE C 46 31.09 -43.55 57.03
CA PHE C 46 30.86 -42.20 57.51
C PHE C 46 30.89 -42.10 59.03
N ARG C 47 31.31 -43.15 59.72
CA ARG C 47 31.23 -43.16 61.18
C ARG C 47 32.16 -42.12 61.82
N ASP C 48 33.37 -41.97 61.31
CA ASP C 48 34.31 -40.97 61.84
C ASP C 48 34.82 -40.04 60.74
N LEU C 49 33.98 -39.75 59.76
CA LEU C 49 34.30 -38.80 58.71
C LEU C 49 33.72 -37.45 59.10
N SER C 50 34.59 -36.51 59.48
CA SER C 50 34.17 -35.21 59.97
C SER C 50 35.03 -34.12 59.35
N PHE C 51 34.43 -32.95 59.20
CA PHE C 51 35.13 -31.75 58.74
C PHE C 51 34.74 -30.57 59.63
N PRO C 52 35.18 -30.59 60.89
CA PRO C 52 34.82 -29.49 61.81
C PRO C 52 35.41 -28.15 61.41
N LYS C 53 36.47 -28.14 60.60
CA LYS C 53 37.11 -26.88 60.24
C LYS C 53 36.19 -26.00 59.39
N LEU C 54 35.41 -26.62 58.51
CA LEU C 54 34.53 -25.85 57.64
C LEU C 54 33.44 -25.15 58.44
N ILE C 55 33.19 -23.88 58.09
CA ILE C 55 32.27 -23.03 58.82
C ILE C 55 31.22 -22.42 57.90
N MET C 56 31.65 -21.80 56.81
CA MET C 56 30.77 -20.99 55.97
C MET C 56 30.93 -21.39 54.51
N ILE C 57 29.81 -21.40 53.79
CA ILE C 57 29.77 -21.69 52.36
C ILE C 57 29.22 -20.45 51.66
N THR C 58 29.95 -19.94 50.68
CA THR C 58 29.57 -18.69 50.03
C THR C 58 28.33 -18.87 49.15
N ASP C 59 28.32 -19.91 48.32
CA ASP C 59 27.29 -20.00 47.28
C ASP C 59 26.09 -20.84 47.72
N TYR C 60 26.31 -22.13 47.96
CA TYR C 60 25.23 -23.03 48.36
C TYR C 60 25.83 -24.40 48.66
N LEU C 61 25.00 -25.26 49.25
CA LEU C 61 25.35 -26.65 49.50
C LEU C 61 24.27 -27.54 48.89
N LEU C 62 24.71 -28.63 48.24
CA LEU C 62 23.80 -29.54 47.57
C LEU C 62 24.13 -30.97 47.95
N LEU C 63 23.10 -31.74 48.29
CA LEU C 63 23.22 -33.16 48.58
C LEU C 63 22.21 -33.91 47.71
N PHE C 64 22.69 -34.91 46.97
CA PHE C 64 21.86 -35.66 46.03
C PHE C 64 22.36 -37.08 45.94
N ARG C 65 21.42 -38.04 46.02
CA ARG C 65 21.73 -39.46 45.82
C ARG C 65 22.91 -39.92 46.65
N VAL C 66 22.86 -39.58 47.94
CA VAL C 66 23.92 -39.91 48.88
C VAL C 66 23.48 -41.16 49.63
N TYR C 67 24.08 -42.29 49.30
CA TYR C 67 23.73 -43.55 49.94
C TYR C 67 24.62 -43.82 51.14
N GLY C 68 24.03 -44.37 52.20
CA GLY C 68 24.75 -44.71 53.40
C GLY C 68 24.82 -43.62 54.44
N LEU C 69 24.54 -42.38 54.07
CA LEU C 69 24.58 -41.29 55.03
C LEU C 69 23.29 -41.25 55.84
N GLU C 70 23.40 -40.91 57.13
CA GLU C 70 22.26 -40.84 58.01
C GLU C 70 22.13 -39.52 58.74
N SER C 71 23.21 -38.77 58.92
CA SER C 71 23.14 -37.47 59.57
C SER C 71 24.39 -36.66 59.22
N LEU C 72 24.22 -35.35 59.16
CA LEU C 72 25.32 -34.43 58.88
C LEU C 72 25.90 -33.82 60.15
N LYS C 73 25.42 -34.27 61.32
CA LYS C 73 25.96 -33.75 62.58
C LYS C 73 27.43 -34.13 62.74
N ASP C 74 27.88 -35.18 62.06
CA ASP C 74 29.28 -35.60 62.09
C ASP C 74 30.08 -35.06 60.92
N LEU C 75 29.55 -35.15 59.70
CA LEU C 75 30.27 -34.68 58.53
C LEU C 75 30.49 -33.18 58.59
N PHE C 76 29.42 -32.41 58.87
CA PHE C 76 29.46 -30.96 58.88
C PHE C 76 28.95 -30.50 60.24
N PRO C 77 29.76 -30.62 61.28
CA PRO C 77 29.30 -30.25 62.62
C PRO C 77 29.25 -28.74 62.82
N ASN C 78 30.23 -28.03 62.26
CA ASN C 78 30.45 -26.62 62.56
C ASN C 78 30.06 -25.71 61.40
N LEU C 79 29.27 -26.19 60.44
CA LEU C 79 28.84 -25.32 59.36
C LEU C 79 27.78 -24.35 59.87
N THR C 80 28.04 -23.06 59.70
CA THR C 80 27.28 -22.04 60.41
C THR C 80 26.55 -21.06 59.50
N VAL C 81 27.18 -20.59 58.44
CA VAL C 81 26.63 -19.52 57.61
C VAL C 81 26.65 -19.95 56.15
N ILE C 82 25.53 -19.77 55.47
CA ILE C 82 25.44 -19.96 54.02
C ILE C 82 25.14 -18.60 53.42
N ARG C 83 26.16 -17.95 52.85
CA ARG C 83 25.97 -16.60 52.33
C ARG C 83 25.01 -16.58 51.15
N GLY C 84 25.06 -17.62 50.32
CA GLY C 84 24.19 -17.67 49.16
C GLY C 84 24.50 -16.63 48.10
N SER C 85 25.79 -16.36 47.85
CA SER C 85 26.17 -15.41 46.81
C SER C 85 25.71 -15.89 45.45
N ARG C 86 25.89 -17.18 45.16
CA ARG C 86 25.38 -17.80 43.95
C ARG C 86 24.41 -18.89 44.35
N LEU C 87 23.22 -18.87 43.77
CA LEU C 87 22.14 -19.75 44.19
C LEU C 87 21.81 -20.76 43.11
N PHE C 88 21.50 -21.98 43.54
CA PHE C 88 21.06 -23.05 42.63
C PHE C 88 19.55 -22.95 42.50
N PHE C 89 19.10 -22.28 41.45
CA PHE C 89 17.68 -22.03 41.22
C PHE C 89 17.05 -21.36 42.44
N ASN C 90 17.72 -20.32 42.93
CA ASN C 90 17.30 -19.56 44.12
C ASN C 90 17.27 -20.40 45.38
N TYR C 91 18.09 -21.44 45.44
CA TYR C 91 18.23 -22.26 46.64
C TYR C 91 19.67 -22.25 47.11
N ALA C 92 19.88 -21.98 48.39
CA ALA C 92 21.19 -22.06 49.00
C ALA C 92 21.44 -23.40 49.68
N LEU C 93 20.39 -24.18 49.93
CA LEU C 93 20.50 -25.51 50.51
C LEU C 93 19.58 -26.45 49.76
N VAL C 94 20.16 -27.43 49.07
CA VAL C 94 19.41 -28.43 48.33
C VAL C 94 19.68 -29.78 48.98
N ILE C 95 18.62 -30.45 49.41
CA ILE C 95 18.71 -31.79 49.99
C ILE C 95 17.69 -32.64 49.24
N PHE C 96 18.13 -33.30 48.18
CA PHE C 96 17.21 -33.98 47.27
C PHE C 96 17.43 -35.48 47.32
N GLU C 97 16.37 -36.23 47.62
CA GLU C 97 16.34 -37.69 47.49
C GLU C 97 17.41 -38.35 48.35
N MET C 98 17.30 -38.15 49.66
CA MET C 98 18.11 -38.83 50.66
C MET C 98 17.34 -40.06 51.13
N VAL C 99 17.75 -41.23 50.62
CA VAL C 99 17.06 -42.47 50.98
C VAL C 99 17.33 -42.84 52.42
N HIS C 100 18.57 -42.63 52.89
CA HIS C 100 19.00 -43.14 54.19
C HIS C 100 19.14 -42.07 55.25
N LEU C 101 18.99 -40.80 54.91
CA LEU C 101 19.11 -39.74 55.90
C LEU C 101 17.93 -39.76 56.87
N LYS C 102 18.23 -39.64 58.16
CA LYS C 102 17.21 -39.62 59.19
C LYS C 102 17.02 -38.25 59.83
N GLU C 103 18.04 -37.42 59.82
CA GLU C 103 17.95 -36.08 60.41
C GLU C 103 18.98 -35.19 59.72
N LEU C 104 18.72 -33.89 59.75
CA LEU C 104 19.69 -32.95 59.19
C LEU C 104 20.96 -32.93 60.02
N GLY C 105 20.83 -32.75 61.33
CA GLY C 105 21.97 -32.76 62.22
C GLY C 105 22.87 -31.55 62.14
N LEU C 106 22.56 -30.58 61.27
CA LEU C 106 23.40 -29.39 61.14
C LEU C 106 23.02 -28.43 62.27
N TYR C 107 23.68 -28.62 63.40
CA TYR C 107 23.36 -27.93 64.63
C TYR C 107 24.15 -26.64 64.81
N ASN C 108 24.89 -26.20 63.79
CA ASN C 108 25.62 -24.94 63.86
C ASN C 108 25.14 -23.90 62.86
N LEU C 109 24.32 -24.29 61.89
CA LEU C 109 23.78 -23.30 60.95
C LEU C 109 22.79 -22.39 61.65
N MET C 110 22.93 -21.08 61.44
CA MET C 110 22.00 -20.12 62.03
C MET C 110 21.51 -19.04 61.08
N ASN C 111 22.19 -18.74 59.99
CA ASN C 111 21.73 -17.72 59.05
C ASN C 111 22.04 -18.14 57.62
N ILE C 112 21.09 -17.87 56.74
CA ILE C 112 21.28 -18.01 55.29
C ILE C 112 21.01 -16.64 54.70
N THR C 113 22.08 -15.93 54.33
CA THR C 113 21.94 -14.54 53.91
C THR C 113 21.08 -14.41 52.67
N ARG C 114 21.28 -15.29 51.70
CA ARG C 114 20.54 -15.23 50.44
C ARG C 114 20.18 -16.63 49.99
N GLY C 115 19.00 -16.77 49.41
CA GLY C 115 18.52 -18.05 48.90
C GLY C 115 17.43 -18.63 49.76
N SER C 116 16.97 -19.81 49.33
CA SER C 116 15.92 -20.55 50.01
C SER C 116 16.41 -21.96 50.31
N VAL C 117 15.55 -22.75 50.95
CA VAL C 117 15.85 -24.11 51.34
C VAL C 117 14.84 -25.03 50.67
N ARG C 118 15.34 -26.04 49.97
CA ARG C 118 14.48 -27.03 49.31
C ARG C 118 14.90 -28.42 49.79
N ILE C 119 14.01 -29.09 50.50
CA ILE C 119 14.24 -30.43 51.02
C ILE C 119 13.08 -31.29 50.55
N GLU C 120 13.29 -32.06 49.49
CA GLU C 120 12.21 -32.75 48.81
C GLU C 120 12.58 -34.19 48.54
N LYS C 121 11.59 -35.08 48.63
CA LYS C 121 11.72 -36.48 48.23
C LYS C 121 12.78 -37.23 49.03
N ASN C 122 13.02 -36.80 50.27
CA ASN C 122 14.01 -37.44 51.12
C ASN C 122 13.28 -38.37 52.08
N ASN C 123 13.28 -39.65 51.76
CA ASN C 123 12.64 -40.65 52.60
C ASN C 123 13.46 -40.89 53.87
N GLU C 124 12.78 -41.40 54.89
CA GLU C 124 13.33 -41.69 56.22
C GLU C 124 13.81 -40.44 56.93
N LEU C 125 13.58 -39.24 56.38
CA LEU C 125 14.08 -38.02 56.96
C LEU C 125 13.10 -37.49 57.99
N CYS C 126 13.57 -37.31 59.22
CA CYS C 126 12.76 -36.82 60.33
C CYS C 126 13.38 -35.55 60.90
N TYR C 127 12.82 -35.07 62.01
CA TYR C 127 13.28 -33.88 62.71
C TYR C 127 13.26 -32.66 61.78
N LEU C 128 12.23 -32.58 60.94
CA LEU C 128 12.06 -31.46 60.02
C LEU C 128 11.04 -30.45 60.49
N ALA C 129 9.90 -30.90 61.02
CA ALA C 129 8.90 -29.98 61.54
C ALA C 129 9.38 -29.22 62.76
N THR C 130 10.46 -29.69 63.39
CA THR C 130 11.02 -29.03 64.56
C THR C 130 12.08 -27.99 64.22
N ILE C 131 12.29 -27.71 62.95
CA ILE C 131 13.28 -26.73 62.51
C ILE C 131 12.56 -25.41 62.25
N ASP C 132 13.07 -24.34 62.85
CA ASP C 132 12.53 -22.99 62.65
C ASP C 132 13.45 -22.26 61.69
N TRP C 133 13.02 -22.16 60.42
CA TRP C 133 13.81 -21.49 59.41
C TRP C 133 13.60 -19.98 59.39
N SER C 134 12.57 -19.48 60.08
CA SER C 134 12.31 -18.05 60.09
C SER C 134 13.44 -17.27 60.73
N ARG C 135 14.02 -17.81 61.80
CA ARG C 135 15.16 -17.16 62.43
C ARG C 135 16.44 -17.34 61.62
N ILE C 136 16.46 -18.27 60.68
CA ILE C 136 17.62 -18.49 59.83
C ILE C 136 17.56 -17.60 58.59
N LEU C 137 16.43 -17.58 57.91
CA LEU C 137 16.26 -16.84 56.66
C LEU C 137 15.28 -15.69 56.87
N ASP C 138 15.57 -14.56 56.21
CA ASP C 138 14.69 -13.41 56.32
C ASP C 138 13.29 -13.73 55.78
N SER C 139 13.23 -14.45 54.66
CA SER C 139 11.96 -14.87 54.07
C SER C 139 11.99 -16.38 53.89
N VAL C 140 10.99 -17.06 54.44
CA VAL C 140 10.87 -18.51 54.32
C VAL C 140 9.65 -18.90 53.49
N GLU C 141 8.97 -17.94 52.89
CA GLU C 141 7.80 -18.26 52.07
C GLU C 141 8.19 -19.05 50.83
N ASP C 142 9.45 -18.94 50.41
CA ASP C 142 9.95 -19.63 49.23
C ASP C 142 10.52 -21.00 49.54
N ASN C 143 10.50 -21.42 50.80
CA ASN C 143 11.01 -22.74 51.15
C ASN C 143 10.08 -23.83 50.62
N TYR C 144 10.67 -24.81 49.93
CA TYR C 144 9.93 -25.91 49.33
C TYR C 144 10.41 -27.21 49.97
N ILE C 145 9.77 -27.60 51.07
CA ILE C 145 10.14 -28.79 51.83
C ILE C 145 8.90 -29.68 51.89
N VAL C 146 8.78 -30.60 50.93
CA VAL C 146 7.62 -31.47 50.82
C VAL C 146 8.08 -32.90 50.57
N LEU C 147 7.16 -33.84 50.81
CA LEU C 147 7.33 -35.26 50.51
C LEU C 147 8.58 -35.82 51.21
N ASN C 148 8.51 -35.84 52.53
CA ASN C 148 9.50 -36.47 53.38
C ASN C 148 8.80 -37.37 54.39
N LYS C 149 9.58 -38.05 55.21
CA LYS C 149 8.97 -38.89 56.25
C LYS C 149 8.23 -38.05 57.29
N ASP C 150 8.63 -36.79 57.45
CA ASP C 150 7.97 -35.87 58.38
C ASP C 150 6.54 -35.59 57.92
N ASN C 168 13.99 -28.49 77.51
CA ASN C 168 15.33 -27.90 77.39
C ASN C 168 15.45 -27.11 76.09
N CYS C 169 15.00 -27.71 74.99
CA CYS C 169 15.06 -27.05 73.70
C CYS C 169 14.10 -25.86 73.68
N PRO C 170 14.48 -24.74 73.06
CA PRO C 170 13.58 -23.58 72.99
C PRO C 170 12.34 -23.91 72.17
N ALA C 171 11.24 -23.27 72.54
CA ALA C 171 9.95 -23.46 71.89
C ALA C 171 9.50 -22.16 71.24
N THR C 172 9.12 -22.24 69.98
CA THR C 172 8.66 -21.08 69.22
C THR C 172 7.34 -21.42 68.54
N VAL C 173 6.64 -20.36 68.12
CA VAL C 173 5.35 -20.52 67.45
C VAL C 173 5.55 -21.17 66.08
N VAL C 179 5.66 -25.01 70.08
CA VAL C 179 6.30 -26.31 69.95
C VAL C 179 7.82 -26.16 70.07
N GLU C 180 8.45 -27.11 70.76
CA GLU C 180 9.89 -27.07 70.94
C GLU C 180 10.62 -27.28 69.62
N ARG C 181 11.78 -26.65 69.48
CA ARG C 181 12.61 -26.74 68.30
C ARG C 181 13.83 -27.59 68.60
N CYS C 182 14.00 -28.67 67.82
CA CYS C 182 15.10 -29.59 68.05
C CYS C 182 15.48 -30.24 66.72
N TRP C 183 16.67 -30.82 66.71
CA TRP C 183 17.19 -31.49 65.52
C TRP C 183 17.63 -32.92 65.78
N THR C 184 18.19 -33.20 66.95
CA THR C 184 18.63 -34.54 67.33
C THR C 184 18.08 -34.86 68.71
N HIS C 185 18.30 -36.09 69.14
CA HIS C 185 17.93 -36.50 70.49
C HIS C 185 18.81 -35.86 71.56
N SER C 186 19.92 -35.24 71.17
CA SER C 186 20.84 -34.62 72.12
C SER C 186 21.12 -33.15 71.87
N HIS C 187 20.79 -32.61 70.71
CA HIS C 187 21.09 -31.23 70.37
C HIS C 187 19.79 -30.45 70.21
N CYS C 188 19.69 -29.33 70.93
CA CYS C 188 18.56 -28.45 70.80
C CYS C 188 18.83 -27.37 69.74
N GLN C 189 17.77 -26.71 69.31
CA GLN C 189 17.89 -25.63 68.33
C GLN C 189 18.24 -24.34 69.06
N LYS C 190 19.46 -23.85 68.84
CA LYS C 190 19.91 -22.63 69.51
C LYS C 190 19.10 -21.43 69.04
N VAL C 191 18.63 -20.63 69.99
CA VAL C 191 17.87 -19.42 69.70
C VAL C 191 18.54 -18.26 70.42
N CYS C 192 18.94 -17.24 69.67
CA CYS C 192 19.56 -16.09 70.29
C CYS C 192 18.51 -15.02 70.59
N PRO C 193 18.76 -14.17 71.59
CA PRO C 193 17.81 -13.09 71.89
C PRO C 193 17.66 -12.13 70.73
N THR C 194 16.47 -11.52 70.63
CA THR C 194 16.20 -10.58 69.54
C THR C 194 17.16 -9.40 69.56
N ILE C 195 17.62 -9.00 70.75
CA ILE C 195 18.57 -7.89 70.85
C ILE C 195 19.89 -8.25 70.17
N CYS C 196 20.23 -9.53 70.12
CA CYS C 196 21.45 -9.96 69.44
C CYS C 196 21.33 -9.93 67.93
N LYS C 197 20.10 -9.88 67.41
CA LYS C 197 19.83 -9.84 65.96
C LYS C 197 20.47 -11.09 65.34
N SER C 198 21.18 -10.98 64.22
CA SER C 198 21.81 -12.10 63.56
C SER C 198 23.30 -12.22 63.89
N HIS C 199 23.78 -11.46 64.87
CA HIS C 199 25.18 -11.50 65.25
C HIS C 199 25.54 -12.72 66.09
N GLY C 200 24.54 -13.45 66.58
CA GLY C 200 24.78 -14.63 67.39
C GLY C 200 24.93 -14.31 68.87
N CYS C 201 24.93 -15.38 69.67
CA CYS C 201 25.10 -15.25 71.10
C CYS C 201 25.82 -16.49 71.63
N THR C 202 26.49 -16.32 72.76
CA THR C 202 27.24 -17.40 73.38
C THR C 202 26.29 -18.29 74.18
N ALA C 203 26.86 -19.23 74.95
CA ALA C 203 26.05 -20.09 75.79
C ALA C 203 25.34 -19.31 76.88
N GLU C 204 25.92 -18.20 77.33
CA GLU C 204 25.33 -17.36 78.36
C GLU C 204 24.23 -16.45 77.82
N GLY C 205 24.04 -16.41 76.50
CA GLY C 205 23.03 -15.57 75.90
C GLY C 205 23.47 -14.15 75.59
N LEU C 206 24.68 -13.76 75.97
CA LEU C 206 25.17 -12.42 75.68
C LEU C 206 25.38 -12.25 74.19
N CYS C 207 25.00 -11.09 73.67
CA CYS C 207 25.13 -10.80 72.25
C CYS C 207 26.60 -10.67 71.87
N CYS C 208 26.90 -11.09 70.65
CA CYS C 208 28.27 -11.00 70.13
C CYS C 208 28.53 -9.58 69.64
N HIS C 209 29.65 -9.38 68.96
CA HIS C 209 29.99 -8.07 68.42
C HIS C 209 29.06 -7.73 67.26
N LYS C 210 28.92 -6.43 67.01
CA LYS C 210 28.05 -5.97 65.92
C LYS C 210 28.53 -6.44 64.56
N GLU C 211 29.83 -6.66 64.40
CA GLU C 211 30.38 -7.23 63.17
C GLU C 211 30.45 -8.75 63.19
N CYS C 212 30.18 -9.37 64.33
CA CYS C 212 30.19 -10.83 64.41
C CYS C 212 29.01 -11.41 63.64
N LEU C 213 29.25 -12.55 63.00
CA LEU C 213 28.21 -13.31 62.34
C LEU C 213 28.33 -14.76 62.74
N GLY C 214 27.20 -15.42 62.95
CA GLY C 214 27.19 -16.81 63.34
C GLY C 214 27.30 -17.02 64.83
N ASN C 215 28.50 -16.80 65.37
CA ASN C 215 28.77 -17.01 66.79
C ASN C 215 30.02 -16.23 67.14
N CYS C 216 30.44 -16.36 68.40
CA CYS C 216 31.64 -15.69 68.87
C CYS C 216 32.17 -16.47 70.07
N SER C 217 33.45 -16.80 70.03
CA SER C 217 34.09 -17.42 71.19
C SER C 217 34.07 -16.47 72.39
N GLU C 218 34.34 -15.19 72.14
CA GLU C 218 34.29 -14.16 73.16
C GLU C 218 33.25 -13.13 72.75
N PRO C 219 32.22 -12.87 73.57
CA PRO C 219 31.19 -11.91 73.17
C PRO C 219 31.76 -10.50 73.04
N ASP C 220 31.19 -9.75 72.08
CA ASP C 220 31.59 -8.38 71.81
C ASP C 220 33.08 -8.30 71.46
N ASP C 221 33.45 -9.01 70.41
CA ASP C 221 34.84 -9.03 69.94
C ASP C 221 34.87 -9.26 68.44
N PRO C 222 35.22 -8.23 67.66
CA PRO C 222 35.30 -8.41 66.20
C PRO C 222 36.32 -9.44 65.77
N THR C 223 37.40 -9.60 66.51
CA THR C 223 38.43 -10.57 66.16
C THR C 223 38.06 -12.00 66.53
N LYS C 224 37.04 -12.19 67.39
CA LYS C 224 36.63 -13.52 67.82
C LYS C 224 35.37 -14.00 67.10
N CYS C 225 34.92 -13.30 66.07
CA CYS C 225 33.74 -13.74 65.32
C CYS C 225 34.10 -14.96 64.48
N VAL C 226 33.26 -15.99 64.57
CA VAL C 226 33.45 -17.17 63.74
C VAL C 226 33.14 -16.85 62.27
N ALA C 227 32.37 -15.80 62.03
CA ALA C 227 32.06 -15.36 60.67
C ALA C 227 31.84 -13.86 60.69
N CYS C 228 31.98 -13.25 59.52
CA CYS C 228 31.87 -11.81 59.36
C CYS C 228 30.55 -11.47 58.67
N ARG C 229 29.80 -10.55 59.27
CA ARG C 229 28.50 -10.17 58.69
C ARG C 229 28.68 -9.51 57.34
N ASN C 230 29.58 -8.53 57.24
CA ASN C 230 29.76 -7.78 56.00
C ASN C 230 31.02 -8.22 55.24
N PHE C 231 32.18 -8.12 55.88
CA PHE C 231 33.44 -8.45 55.21
C PHE C 231 34.45 -8.94 56.22
N TYR C 232 35.40 -9.74 55.73
CA TYR C 232 36.46 -10.32 56.54
C TYR C 232 37.79 -9.78 56.05
N LEU C 233 38.63 -9.33 56.99
CA LEU C 233 39.93 -8.78 56.64
C LEU C 233 40.86 -8.93 57.83
N ASP C 234 42.02 -9.54 57.60
CA ASP C 234 43.09 -9.64 58.61
C ASP C 234 42.58 -10.28 59.90
N GLY C 235 41.77 -11.33 59.77
CA GLY C 235 41.27 -12.01 60.95
C GLY C 235 40.22 -11.22 61.71
N GLN C 236 39.62 -10.22 61.08
CA GLN C 236 38.63 -9.37 61.76
C GLN C 236 37.42 -9.18 60.86
N CYS C 237 36.32 -8.80 61.48
CA CYS C 237 35.06 -8.55 60.77
C CYS C 237 34.82 -7.05 60.69
N VAL C 238 34.62 -6.56 59.47
CA VAL C 238 34.43 -5.13 59.22
C VAL C 238 33.22 -4.95 58.31
N GLU C 239 32.60 -3.76 58.43
CA GLU C 239 31.44 -3.46 57.62
C GLU C 239 31.81 -3.07 56.19
N THR C 240 33.05 -2.65 55.96
CA THR C 240 33.51 -2.36 54.60
C THR C 240 35.02 -2.52 54.56
N CYS C 241 35.55 -2.69 53.35
CA CYS C 241 36.98 -2.82 53.16
C CYS C 241 37.59 -1.44 52.94
N PRO C 242 38.43 -0.95 53.85
CA PRO C 242 39.05 0.36 53.65
C PRO C 242 40.05 0.31 52.52
N PRO C 243 40.32 1.44 51.86
CA PRO C 243 41.33 1.44 50.81
C PRO C 243 42.70 1.18 51.37
N PRO C 244 43.62 0.59 50.59
CA PRO C 244 43.47 0.21 49.18
C PRO C 244 42.84 -1.17 49.02
N TYR C 245 42.39 -1.77 50.12
CA TYR C 245 41.77 -3.08 50.05
C TYR C 245 40.43 -2.98 49.34
N TYR C 246 40.15 -3.98 48.49
CA TYR C 246 38.91 -4.03 47.73
C TYR C 246 38.13 -5.27 48.15
N HIS C 247 36.81 -5.15 48.08
CA HIS C 247 35.94 -6.26 48.44
C HIS C 247 36.10 -7.38 47.42
N PHE C 248 36.19 -8.61 47.93
CA PHE C 248 36.31 -9.80 47.09
C PHE C 248 35.22 -10.78 47.47
N GLN C 249 34.50 -11.27 46.46
CA GLN C 249 33.42 -12.24 46.60
C GLN C 249 32.37 -11.81 47.61
N ASP C 250 32.24 -10.49 47.80
CA ASP C 250 31.26 -9.90 48.71
C ASP C 250 31.38 -10.41 50.14
N TRP C 251 32.50 -11.06 50.47
CA TRP C 251 32.69 -11.60 51.81
C TRP C 251 34.04 -11.29 52.44
N ARG C 252 35.08 -10.98 51.65
CA ARG C 252 36.37 -10.68 52.26
C ARG C 252 36.94 -9.42 51.62
N CYS C 253 38.12 -9.04 52.08
CA CYS C 253 38.85 -7.88 51.55
C CYS C 253 40.25 -8.32 51.15
N VAL C 254 40.65 -7.97 49.93
CA VAL C 254 41.95 -8.36 49.40
C VAL C 254 42.66 -7.12 48.86
N ASN C 255 43.98 -7.18 48.87
CA ASN C 255 44.78 -6.09 48.34
C ASN C 255 44.78 -6.13 46.82
N PHE C 256 45.29 -5.03 46.23
CA PHE C 256 45.36 -4.96 44.77
C PHE C 256 46.30 -6.01 44.19
N SER C 257 47.32 -6.42 44.95
CA SER C 257 48.26 -7.41 44.47
C SER C 257 47.58 -8.75 44.21
N PHE C 258 46.68 -9.15 45.11
CA PHE C 258 45.98 -10.42 44.93
C PHE C 258 45.07 -10.38 43.71
N CYS C 259 44.34 -9.28 43.52
CA CYS C 259 43.47 -9.17 42.36
C CYS C 259 44.27 -9.15 41.07
N GLN C 260 45.42 -8.46 41.08
CA GLN C 260 46.28 -8.46 39.90
C GLN C 260 46.81 -9.85 39.60
N ASP C 261 47.21 -10.59 40.64
CA ASP C 261 47.68 -11.96 40.42
C ASP C 261 46.58 -12.83 39.86
N LEU C 262 45.35 -12.66 40.35
CA LEU C 262 44.21 -13.39 39.81
C LEU C 262 43.93 -12.98 38.37
N HIS C 263 44.23 -11.75 38.00
CA HIS C 263 44.00 -11.29 36.64
C HIS C 263 44.84 -12.07 35.63
N PHE C 264 46.10 -12.35 35.98
CA PHE C 264 46.99 -13.09 35.09
C PHE C 264 46.73 -14.60 35.21
N LYS C 265 45.48 -14.96 34.97
CA LYS C 265 45.03 -16.35 35.01
C LYS C 265 45.33 -17.00 36.36
N TYR C 277 40.79 -10.85 36.17
CA TYR C 277 40.07 -10.05 37.15
C TYR C 277 40.40 -8.57 37.00
N VAL C 278 39.41 -7.72 37.30
CA VAL C 278 39.52 -6.28 37.13
C VAL C 278 39.09 -5.60 38.42
N ILE C 279 39.29 -4.29 38.46
CA ILE C 279 38.91 -3.45 39.60
C ILE C 279 37.85 -2.47 39.14
N HIS C 280 36.73 -2.43 39.88
CA HIS C 280 35.65 -1.51 39.56
C HIS C 280 34.84 -1.28 40.83
N ASN C 281 34.75 -0.02 41.26
CA ASN C 281 34.03 0.35 42.48
C ASN C 281 34.58 -0.42 43.69
N ASN C 282 35.90 -0.52 43.77
CA ASN C 282 36.59 -1.22 44.85
C ASN C 282 36.14 -2.68 44.94
N LYS C 283 35.88 -3.29 43.78
CA LYS C 283 35.47 -4.68 43.71
C LYS C 283 36.36 -5.41 42.72
N CYS C 284 36.88 -6.56 43.12
CA CYS C 284 37.70 -7.38 42.25
C CYS C 284 36.79 -8.35 41.48
N ILE C 285 35.95 -7.76 40.64
CA ILE C 285 35.02 -8.51 39.80
C ILE C 285 35.82 -9.20 38.69
N PRO C 286 35.40 -10.40 38.25
CA PRO C 286 36.18 -11.08 37.20
C PRO C 286 36.26 -10.30 35.91
N GLU C 287 35.21 -9.55 35.57
CA GLU C 287 35.15 -8.83 34.31
C GLU C 287 34.49 -7.47 34.52
N CYS C 288 34.90 -6.50 33.70
CA CYS C 288 34.34 -5.16 33.80
C CYS C 288 32.87 -5.16 33.42
N PRO C 289 32.07 -4.27 34.01
CA PRO C 289 30.64 -4.19 33.64
C PRO C 289 30.45 -3.59 32.25
N SER C 290 29.20 -3.54 31.80
CA SER C 290 28.91 -2.97 30.48
C SER C 290 29.23 -1.48 30.45
N GLY C 291 29.71 -1.03 29.30
CA GLY C 291 30.10 0.36 29.14
C GLY C 291 31.46 0.71 29.69
N TYR C 292 32.27 -0.28 30.06
CA TYR C 292 33.59 -0.05 30.62
C TYR C 292 34.64 -0.84 29.84
N THR C 293 35.85 -0.30 29.80
CA THR C 293 36.98 -0.87 29.10
C THR C 293 38.14 -1.05 30.06
N MET C 294 39.07 -1.92 29.65
CA MET C 294 40.21 -2.34 30.47
C MET C 294 41.29 -1.28 30.35
N ASN C 295 41.40 -0.43 31.36
CA ASN C 295 42.38 0.66 31.37
C ASN C 295 43.63 0.19 32.08
N SER C 296 44.63 -0.22 31.30
CA SER C 296 45.87 -0.73 31.84
C SER C 296 46.66 0.37 32.56
N LEU C 299 44.52 -1.27 36.49
CA LEU C 299 43.61 -2.40 36.32
C LEU C 299 42.18 -2.02 36.68
N MET C 300 41.82 -0.77 36.40
CA MET C 300 40.50 -0.26 36.73
C MET C 300 39.69 -0.10 35.45
N CYS C 301 38.40 -0.44 35.52
CA CYS C 301 37.51 -0.24 34.39
C CYS C 301 37.23 1.24 34.19
N THR C 302 37.25 1.67 32.94
CA THR C 302 36.99 3.07 32.64
C THR C 302 35.90 3.19 31.59
N PRO C 303 34.97 4.13 31.75
CA PRO C 303 33.92 4.30 30.74
C PRO C 303 34.51 4.65 29.37
N CYS C 304 33.94 4.05 28.33
CA CYS C 304 34.41 4.27 26.97
C CYS C 304 33.25 4.42 25.99
N LEU C 305 32.13 4.97 26.46
CA LEU C 305 30.94 5.22 25.63
C LEU C 305 30.43 3.86 25.11
N GLY C 306 29.77 3.87 23.95
CA GLY C 306 29.21 2.67 23.37
C GLY C 306 30.26 1.64 23.00
N PRO C 307 31.09 1.94 22.00
CA PRO C 307 32.12 0.99 21.58
C PRO C 307 33.14 0.70 22.66
N CYS C 308 33.13 -0.53 23.18
CA CYS C 308 34.06 -0.92 24.22
C CYS C 308 35.21 -1.71 23.62
N PRO C 309 36.45 -1.24 23.74
CA PRO C 309 37.58 -1.98 23.15
C PRO C 309 37.79 -3.32 23.84
N LYS C 310 37.52 -4.39 23.11
CA LYS C 310 37.65 -5.74 23.65
C LYS C 310 38.34 -6.63 22.61
N VAL C 311 39.15 -7.56 23.11
CA VAL C 311 39.88 -8.51 22.27
C VAL C 311 39.06 -9.79 22.20
N CYS C 312 38.41 -10.01 21.07
CA CYS C 312 37.62 -11.22 20.85
C CYS C 312 38.53 -12.29 20.25
N GLN C 313 38.78 -13.35 21.01
CA GLN C 313 39.69 -14.40 20.57
C GLN C 313 38.90 -15.45 19.81
N ILE C 314 39.29 -15.67 18.55
CA ILE C 314 38.64 -16.67 17.71
C ILE C 314 39.23 -18.04 17.99
N LEU C 315 38.43 -19.09 17.85
CA LEU C 315 38.93 -20.45 17.90
C LEU C 315 40.03 -20.62 16.85
N GLU C 316 41.25 -20.92 17.33
CA GLU C 316 42.47 -21.02 16.53
C GLU C 316 42.59 -19.89 15.50
N GLY C 317 42.07 -18.71 15.84
CA GLY C 317 42.22 -17.55 14.99
C GLY C 317 41.57 -17.64 13.63
N GLU C 318 40.62 -18.56 13.44
CA GLU C 318 39.96 -18.72 12.15
C GLU C 318 38.47 -18.89 12.35
N LYS C 319 37.69 -18.12 11.60
CA LYS C 319 36.23 -18.23 11.65
C LYS C 319 35.67 -17.76 10.32
N THR C 320 34.70 -18.51 9.80
CA THR C 320 34.01 -18.18 8.56
C THR C 320 32.60 -17.74 8.90
N ILE C 321 32.19 -16.61 8.33
CA ILE C 321 30.87 -16.05 8.55
C ILE C 321 29.99 -16.39 7.37
N ASP C 322 28.89 -17.10 7.63
CA ASP C 322 27.99 -17.53 6.58
C ASP C 322 26.51 -17.36 6.93
N SER C 323 26.19 -16.88 8.12
CA SER C 323 24.81 -16.80 8.57
C SER C 323 24.68 -15.68 9.59
N VAL C 324 23.42 -15.31 9.87
CA VAL C 324 23.16 -14.25 10.84
C VAL C 324 23.63 -14.67 12.22
N THR C 325 23.35 -15.92 12.61
CA THR C 325 23.78 -16.40 13.91
C THR C 325 25.30 -16.48 14.01
N SER C 326 25.98 -16.76 12.89
CA SER C 326 27.43 -16.77 12.91
C SER C 326 28.00 -15.39 13.22
N ALA C 327 27.39 -14.35 12.64
CA ALA C 327 27.81 -12.98 12.94
C ALA C 327 27.35 -12.51 14.31
N GLN C 328 26.28 -13.10 14.85
CA GLN C 328 25.79 -12.69 16.15
C GLN C 328 26.80 -12.99 17.25
N GLU C 329 27.65 -13.99 17.04
CA GLU C 329 28.69 -14.30 18.02
C GLU C 329 29.75 -13.21 18.11
N LEU C 330 29.81 -12.31 17.13
CA LEU C 330 30.78 -11.22 17.11
C LEU C 330 30.15 -9.89 17.55
N ARG C 331 29.06 -9.95 18.30
CA ARG C 331 28.37 -8.74 18.72
C ARG C 331 29.23 -7.96 19.72
N GLY C 332 29.41 -6.67 19.45
CA GLY C 332 30.16 -5.81 20.34
C GLY C 332 31.66 -5.89 20.19
N CYS C 333 32.17 -6.75 19.30
CA CYS C 333 33.61 -6.88 19.12
C CYS C 333 34.18 -5.64 18.43
N THR C 334 35.35 -5.22 18.87
CA THR C 334 36.04 -4.07 18.32
C THR C 334 37.45 -4.41 17.83
N VAL C 335 38.18 -5.23 18.58
CA VAL C 335 39.50 -5.72 18.18
C VAL C 335 39.43 -7.23 18.10
N ILE C 336 39.80 -7.79 16.96
CA ILE C 336 39.69 -9.22 16.71
C ILE C 336 41.08 -9.82 16.65
N ASN C 337 41.29 -10.90 17.40
CA ASN C 337 42.59 -11.57 17.43
C ASN C 337 42.55 -12.80 16.52
N GLY C 338 42.44 -12.54 15.23
CA GLY C 338 42.41 -13.62 14.27
C GLY C 338 42.12 -13.10 12.87
N SER C 339 41.90 -14.05 11.97
CA SER C 339 41.61 -13.77 10.57
C SER C 339 40.14 -14.03 10.29
N LEU C 340 39.59 -13.27 9.35
CA LEU C 340 38.18 -13.34 9.00
C LEU C 340 38.01 -13.84 7.57
N ILE C 341 37.13 -14.82 7.40
CA ILE C 341 36.76 -15.33 6.08
C ILE C 341 35.26 -15.15 5.93
N ILE C 342 34.85 -14.54 4.83
CA ILE C 342 33.47 -14.14 4.62
C ILE C 342 32.95 -14.88 3.39
N ASN C 343 31.95 -15.73 3.60
CA ASN C 343 31.34 -16.49 2.51
C ASN C 343 29.91 -16.82 2.95
N ILE C 344 28.95 -16.06 2.47
CA ILE C 344 27.54 -16.28 2.77
C ILE C 344 26.87 -16.86 1.53
N ARG C 345 26.45 -18.12 1.62
CA ARG C 345 25.71 -18.77 0.54
C ARG C 345 24.21 -18.64 0.80
N GLY C 346 23.74 -17.40 0.70
CA GLY C 346 22.35 -17.11 0.99
C GLY C 346 21.50 -16.92 -0.25
N GLY C 347 21.21 -15.67 -0.58
CA GLY C 347 20.37 -15.36 -1.72
C GLY C 347 19.38 -14.26 -1.42
N ASN C 348 19.28 -13.87 -0.16
CA ASN C 348 18.38 -12.81 0.28
C ASN C 348 19.21 -11.67 0.85
N ASN C 349 18.71 -10.45 0.64
CA ASN C 349 19.41 -9.24 1.10
C ASN C 349 19.33 -9.17 2.62
N LEU C 350 20.43 -9.52 3.28
CA LEU C 350 20.53 -9.45 4.73
C LEU C 350 21.56 -8.41 5.16
N ALA C 351 21.69 -7.33 4.38
CA ALA C 351 22.70 -6.32 4.66
C ALA C 351 22.43 -5.60 5.98
N ALA C 352 21.16 -5.37 6.30
CA ALA C 352 20.83 -4.67 7.54
C ALA C 352 21.28 -5.47 8.76
N GLU C 353 21.01 -6.77 8.77
CA GLU C 353 21.41 -7.60 9.91
C GLU C 353 22.92 -7.66 10.03
N LEU C 354 23.62 -7.81 8.90
CA LEU C 354 25.08 -7.87 8.92
C LEU C 354 25.68 -6.56 9.42
N GLU C 355 25.13 -5.43 8.97
CA GLU C 355 25.61 -4.14 9.43
C GLU C 355 25.34 -3.94 10.92
N ALA C 356 24.17 -4.39 11.38
CA ALA C 356 23.85 -4.29 12.81
C ALA C 356 24.81 -5.13 13.65
N ASN C 357 25.08 -6.36 13.21
CA ASN C 357 25.97 -7.23 13.96
C ASN C 357 27.43 -6.82 13.79
N LEU C 358 27.87 -6.68 12.55
CA LEU C 358 29.28 -6.42 12.25
C LEU C 358 29.50 -4.92 12.11
N GLY C 359 30.67 -4.54 11.59
CA GLY C 359 31.00 -3.15 11.38
C GLY C 359 31.56 -2.44 12.59
N LEU C 360 31.62 -3.11 13.74
CA LEU C 360 32.12 -2.50 14.97
C LEU C 360 33.60 -2.81 15.22
N ILE C 361 34.23 -3.57 14.34
CA ILE C 361 35.63 -3.96 14.52
C ILE C 361 36.52 -2.93 13.85
N GLU C 362 37.57 -2.51 14.55
CA GLU C 362 38.47 -1.48 14.06
C GLU C 362 39.78 -2.03 13.50
N GLU C 363 40.31 -3.08 14.12
CA GLU C 363 41.59 -3.67 13.71
C GLU C 363 41.42 -5.17 13.53
N ILE C 364 42.12 -5.72 12.54
CA ILE C 364 42.12 -7.16 12.28
C ILE C 364 43.55 -7.64 12.40
N SER C 365 43.80 -8.55 13.36
CA SER C 365 45.13 -9.09 13.53
C SER C 365 45.55 -9.93 12.33
N GLY C 366 44.64 -10.76 11.82
CA GLY C 366 44.94 -11.68 10.74
C GLY C 366 44.60 -11.10 9.38
N PHE C 367 44.37 -11.99 8.42
CA PHE C 367 44.04 -11.62 7.06
C PHE C 367 42.53 -11.56 6.88
N LEU C 368 42.11 -10.94 5.78
CA LEU C 368 40.70 -10.86 5.41
C LEU C 368 40.48 -11.56 4.08
N LYS C 369 39.47 -12.42 4.02
CA LYS C 369 39.14 -13.15 2.81
C LYS C 369 37.65 -12.99 2.53
N ILE C 370 37.31 -12.80 1.26
CA ILE C 370 35.93 -12.78 0.79
C ILE C 370 35.83 -13.73 -0.39
N ARG C 371 34.88 -14.67 -0.31
CA ARG C 371 34.80 -15.68 -1.35
C ARG C 371 33.37 -16.14 -1.54
N ARG C 372 32.98 -16.30 -2.80
CA ARG C 372 31.70 -16.93 -3.17
C ARG C 372 30.51 -16.27 -2.48
N SER C 373 30.52 -14.95 -2.41
CA SER C 373 29.41 -14.21 -1.84
C SER C 373 28.43 -13.86 -2.96
N TYR C 374 27.23 -14.43 -2.88
CA TYR C 374 26.22 -14.24 -3.91
C TYR C 374 25.32 -13.03 -3.60
N ALA C 375 24.70 -13.03 -2.42
CA ALA C 375 23.80 -11.95 -2.05
C ALA C 375 24.53 -10.67 -1.69
N LEU C 376 25.82 -10.73 -1.40
CA LEU C 376 26.58 -9.54 -1.02
C LEU C 376 26.76 -8.63 -2.22
N VAL C 377 26.60 -7.32 -1.99
CA VAL C 377 26.71 -6.34 -3.08
C VAL C 377 27.85 -5.37 -2.81
N SER C 378 28.14 -5.13 -1.52
CA SER C 378 29.18 -4.17 -1.17
C SER C 378 29.67 -4.46 0.24
N LEU C 379 30.82 -3.88 0.57
CA LEU C 379 31.42 -3.99 1.89
C LEU C 379 31.20 -2.74 2.73
N SER C 380 30.19 -1.93 2.37
CA SER C 380 29.96 -0.68 3.07
C SER C 380 29.51 -0.87 4.51
N PHE C 381 28.95 -2.03 4.84
CA PHE C 381 28.49 -2.26 6.20
C PHE C 381 29.64 -2.44 7.18
N PHE C 382 30.86 -2.57 6.69
CA PHE C 382 32.05 -2.57 7.56
C PHE C 382 32.28 -1.13 8.01
N ARG C 383 31.54 -0.75 9.05
CA ARG C 383 31.47 0.65 9.44
C ARG C 383 32.80 1.14 10.02
N LYS C 384 33.39 0.38 10.94
CA LYS C 384 34.56 0.83 11.67
C LYS C 384 35.83 0.11 11.25
N LEU C 385 35.82 -0.58 10.11
CA LEU C 385 36.99 -1.32 9.67
C LEU C 385 37.98 -0.37 9.01
N HIS C 386 39.08 -0.09 9.71
CA HIS C 386 40.07 0.87 9.23
C HIS C 386 41.45 0.25 9.02
N LEU C 387 41.97 -0.45 10.02
CA LEU C 387 43.32 -1.00 9.97
C LEU C 387 43.28 -2.52 9.93
N ILE C 388 44.09 -3.10 9.05
CA ILE C 388 44.27 -4.54 8.96
C ILE C 388 45.73 -4.81 9.27
N ARG C 389 46.00 -5.36 10.45
CA ARG C 389 47.37 -5.67 10.84
C ARG C 389 47.97 -6.73 9.94
N GLY C 390 47.19 -7.76 9.59
CA GLY C 390 47.68 -8.83 8.74
C GLY C 390 48.80 -9.63 9.37
N GLU C 391 48.75 -9.84 10.69
CA GLU C 391 49.76 -10.69 11.34
C GLU C 391 49.68 -12.12 10.82
N THR C 392 48.46 -12.63 10.66
CA THR C 392 48.24 -13.92 10.01
C THR C 392 47.84 -13.66 8.57
N LEU C 393 48.54 -14.31 7.64
CA LEU C 393 48.36 -14.08 6.22
C LEU C 393 47.90 -15.36 5.54
N GLU C 394 47.11 -15.20 4.49
CA GLU C 394 46.71 -16.33 3.66
C GLU C 394 47.93 -16.90 2.95
N ILE C 395 47.87 -18.20 2.65
CA ILE C 395 48.96 -18.85 1.93
C ILE C 395 49.25 -18.10 0.64
N GLY C 396 50.53 -17.92 0.35
CA GLY C 396 50.95 -17.08 -0.76
C GLY C 396 51.18 -15.64 -0.40
N ASN C 397 51.30 -15.32 0.89
CA ASN C 397 51.55 -13.96 1.37
C ASN C 397 50.45 -13.00 0.92
N TYR C 398 49.22 -13.32 1.33
CA TYR C 398 48.05 -12.50 1.01
C TYR C 398 47.35 -12.10 2.29
N SER C 399 47.06 -10.81 2.42
CA SER C 399 46.25 -10.29 3.53
C SER C 399 44.80 -10.09 3.12
N PHE C 400 44.56 -9.57 1.93
CA PHE C 400 43.21 -9.44 1.38
C PHE C 400 43.05 -10.42 0.24
N TYR C 401 42.06 -11.29 0.35
CA TYR C 401 41.73 -12.25 -0.69
C TYR C 401 40.31 -11.97 -1.18
N ALA C 402 40.12 -11.97 -2.49
CA ALA C 402 38.81 -11.78 -3.09
C ALA C 402 38.61 -12.78 -4.20
N LEU C 403 37.52 -13.54 -4.14
CA LEU C 403 37.30 -14.56 -5.16
C LEU C 403 35.80 -14.79 -5.34
N ASP C 404 35.42 -15.06 -6.59
CA ASP C 404 34.06 -15.49 -6.93
C ASP C 404 33.00 -14.52 -6.40
N ASN C 405 33.23 -13.23 -6.64
CA ASN C 405 32.30 -12.19 -6.22
C ASN C 405 31.35 -11.89 -7.37
N GLN C 406 30.12 -12.39 -7.26
CA GLN C 406 29.16 -12.30 -8.35
C GLN C 406 28.30 -11.04 -8.30
N ASN C 407 28.32 -10.30 -7.19
CA ASN C 407 27.53 -9.09 -7.10
C ASN C 407 28.27 -7.97 -6.39
N LEU C 408 29.55 -8.14 -6.08
CA LEU C 408 30.30 -7.15 -5.30
C LEU C 408 30.77 -6.06 -6.25
N ARG C 409 30.05 -4.93 -6.23
CA ARG C 409 30.33 -3.81 -7.12
C ARG C 409 31.15 -2.71 -6.48
N GLN C 410 30.97 -2.48 -5.18
CA GLN C 410 31.67 -1.41 -4.47
C GLN C 410 32.29 -1.95 -3.20
N LEU C 411 33.45 -1.42 -2.83
CA LEU C 411 34.15 -1.81 -1.62
C LEU C 411 33.78 -0.89 -0.46
N TRP C 412 34.05 0.40 -0.59
CA TRP C 412 33.77 1.37 0.45
C TRP C 412 33.62 2.74 -0.17
N ASP C 413 33.02 3.66 0.59
CA ASP C 413 32.95 5.07 0.20
C ASP C 413 34.29 5.71 0.52
N TRP C 414 35.23 5.56 -0.43
CA TRP C 414 36.59 6.02 -0.22
C TRP C 414 36.69 7.53 -0.07
N SER C 415 35.64 8.26 -0.42
CA SER C 415 35.62 9.70 -0.19
C SER C 415 35.71 10.01 1.30
N LYS C 416 35.02 9.22 2.13
CA LYS C 416 35.00 9.44 3.57
C LYS C 416 35.53 8.27 4.38
N HIS C 417 35.67 7.09 3.79
CA HIS C 417 36.15 5.91 4.51
C HIS C 417 37.62 5.69 4.21
N ASN C 418 38.40 5.46 5.26
CA ASN C 418 39.83 5.23 5.13
C ASN C 418 40.16 3.80 5.57
N LEU C 419 41.02 3.15 4.80
CA LEU C 419 41.44 1.78 5.08
C LEU C 419 42.95 1.71 5.12
N THR C 420 43.48 0.93 6.06
CA THR C 420 44.91 0.77 6.25
C THR C 420 45.27 -0.71 6.21
N ILE C 421 46.27 -1.05 5.40
CA ILE C 421 46.76 -2.42 5.28
C ILE C 421 48.24 -2.42 5.63
N THR C 422 48.62 -3.21 6.62
CA THR C 422 50.01 -3.25 7.06
C THR C 422 50.85 -4.14 6.15
N GLN C 423 50.51 -5.43 6.10
CA GLN C 423 51.27 -6.42 5.34
C GLN C 423 50.33 -7.18 4.41
N GLY C 424 50.91 -8.13 3.68
CA GLY C 424 50.14 -8.97 2.79
C GLY C 424 49.89 -8.33 1.44
N LYS C 425 49.54 -9.17 0.47
CA LYS C 425 49.27 -8.73 -0.89
C LYS C 425 47.78 -8.85 -1.19
N LEU C 426 47.31 -7.96 -2.05
CA LEU C 426 45.91 -7.96 -2.43
C LEU C 426 45.62 -9.08 -3.43
N PHE C 427 44.38 -9.54 -3.44
CA PHE C 427 43.94 -10.58 -4.37
C PHE C 427 42.64 -10.14 -5.02
N PHE C 428 42.60 -10.24 -6.35
CA PHE C 428 41.42 -9.86 -7.13
C PHE C 428 41.33 -10.79 -8.33
N HIS C 429 40.38 -11.73 -8.29
CA HIS C 429 40.22 -12.67 -9.39
C HIS C 429 38.78 -13.14 -9.44
N TYR C 430 38.28 -13.33 -10.66
CA TYR C 430 36.92 -13.83 -10.90
C TYR C 430 35.87 -12.96 -10.21
N ASN C 431 36.03 -11.65 -10.32
CA ASN C 431 35.12 -10.68 -9.72
C ASN C 431 34.74 -9.67 -10.80
N PRO C 432 33.86 -10.06 -11.74
CA PRO C 432 33.52 -9.14 -12.84
C PRO C 432 32.85 -7.86 -12.37
N LYS C 433 32.09 -7.91 -11.27
CA LYS C 433 31.38 -6.72 -10.81
C LYS C 433 32.32 -5.66 -10.24
N LEU C 434 33.52 -6.04 -9.84
CA LEU C 434 34.52 -5.10 -9.34
C LEU C 434 35.61 -4.96 -10.40
N CYS C 435 35.86 -3.72 -10.82
CA CYS C 435 36.80 -3.44 -11.89
C CYS C 435 38.06 -2.80 -11.33
N LEU C 436 38.98 -2.47 -12.24
CA LEU C 436 40.29 -1.97 -11.84
C LEU C 436 40.22 -0.60 -11.19
N SER C 437 39.16 0.17 -11.41
CA SER C 437 39.04 1.48 -10.79
C SER C 437 38.95 1.35 -9.27
N GLU C 438 38.03 0.51 -8.78
CA GLU C 438 37.91 0.30 -7.34
C GLU C 438 39.16 -0.33 -6.76
N ILE C 439 39.78 -1.25 -7.50
CA ILE C 439 41.01 -1.90 -7.03
C ILE C 439 42.11 -0.86 -6.87
N HIS C 440 42.27 0.02 -7.86
CA HIS C 440 43.27 1.07 -7.77
C HIS C 440 42.98 2.02 -6.62
N LYS C 441 41.70 2.37 -6.44
CA LYS C 441 41.33 3.28 -5.36
C LYS C 441 41.66 2.68 -4.00
N MET C 442 41.32 1.40 -3.80
CA MET C 442 41.58 0.78 -2.51
C MET C 442 43.08 0.55 -2.31
N GLU C 443 43.82 0.27 -3.38
CA GLU C 443 45.27 0.13 -3.26
C GLU C 443 45.90 1.45 -2.85
N GLU C 444 45.44 2.56 -3.44
CA GLU C 444 45.95 3.86 -3.07
C GLU C 444 45.59 4.21 -1.63
N VAL C 445 44.35 3.89 -1.22
CA VAL C 445 43.92 4.20 0.13
C VAL C 445 44.72 3.40 1.16
N SER C 446 44.85 2.10 0.92
CA SER C 446 45.59 1.24 1.85
C SER C 446 47.07 1.60 1.88
N GLY C 447 47.65 1.88 0.72
CA GLY C 447 49.06 2.20 0.64
C GLY C 447 49.91 0.99 0.29
N THR C 448 49.36 0.11 -0.55
CA THR C 448 50.04 -1.10 -0.99
C THR C 448 50.33 -1.05 -2.47
N LYS C 449 50.75 0.12 -2.96
CA LYS C 449 51.01 0.29 -4.39
C LYS C 449 52.18 -0.58 -4.84
N GLY C 450 53.30 -0.48 -4.15
CA GLY C 450 54.47 -1.28 -4.49
C GLY C 450 54.55 -2.56 -3.69
N ARG C 451 53.45 -3.30 -3.63
CA ARG C 451 53.39 -4.53 -2.86
C ARG C 451 52.74 -5.70 -3.59
N GLN C 452 52.13 -5.47 -4.75
CA GLN C 452 51.43 -6.51 -5.49
C GLN C 452 52.20 -6.87 -6.75
N GLU C 453 52.31 -8.16 -7.01
CA GLU C 453 53.02 -8.67 -8.17
C GLU C 453 52.02 -9.13 -9.22
N ARG C 454 52.53 -9.75 -10.28
CA ARG C 454 51.66 -10.24 -11.35
C ARG C 454 50.78 -11.37 -10.82
N ASN C 455 49.61 -11.51 -11.46
CA ASN C 455 48.58 -12.51 -11.16
C ASN C 455 47.88 -12.26 -9.83
N ASP C 456 48.29 -11.25 -9.06
CA ASP C 456 47.57 -10.93 -7.83
C ASP C 456 46.21 -10.33 -8.14
N ILE C 457 46.12 -9.54 -9.20
CA ILE C 457 44.89 -8.88 -9.59
C ILE C 457 44.56 -9.26 -11.02
N ALA C 458 43.34 -9.72 -11.26
CA ALA C 458 42.90 -10.12 -12.59
C ALA C 458 42.75 -8.90 -13.50
N GLN C 465 26.75 -6.41 -17.91
CA GLN C 465 26.56 -7.27 -16.75
C GLN C 465 27.20 -6.67 -15.51
N ALA C 466 28.23 -5.85 -15.72
CA ALA C 466 28.96 -5.21 -14.64
C ALA C 466 28.82 -3.70 -14.77
N SER C 467 28.46 -3.05 -13.67
CA SER C 467 28.28 -1.59 -13.64
C SER C 467 29.64 -0.98 -13.32
N CYS C 468 30.39 -0.65 -14.36
CA CYS C 468 31.74 -0.12 -14.23
C CYS C 468 31.94 1.08 -15.15
N GLU C 469 30.96 1.99 -15.15
CA GLU C 469 31.02 3.17 -16.02
C GLU C 469 32.19 4.05 -15.59
N ASN C 470 33.29 3.98 -16.34
CA ASN C 470 34.47 4.76 -16.00
C ASN C 470 34.29 6.23 -16.37
N GLU C 471 33.65 6.50 -17.50
CA GLU C 471 33.47 7.87 -17.97
C GLU C 471 32.40 8.58 -17.16
N LEU C 472 32.41 9.91 -17.24
CA LEU C 472 31.52 10.75 -16.45
C LEU C 472 30.54 11.48 -17.37
N LEU C 473 29.32 11.64 -16.88
CA LEU C 473 28.27 12.39 -17.56
C LEU C 473 27.90 13.61 -16.73
N LYS C 474 27.32 14.60 -17.41
CA LYS C 474 26.89 15.84 -16.78
C LYS C 474 25.47 16.15 -17.20
N PHE C 475 24.77 16.90 -16.36
CA PHE C 475 23.40 17.29 -16.67
C PHE C 475 23.40 18.68 -17.30
N SER C 476 22.70 18.81 -18.43
CA SER C 476 22.77 20.03 -19.23
C SER C 476 21.71 21.06 -18.85
N PHE C 477 20.53 20.62 -18.44
CA PHE C 477 19.43 21.54 -18.16
C PHE C 477 18.46 20.89 -17.17
N ILE C 478 18.16 21.60 -16.09
CA ILE C 478 17.22 21.12 -15.09
C ILE C 478 16.12 22.17 -14.92
N ARG C 479 14.88 21.74 -15.03
CA ARG C 479 13.74 22.61 -14.77
C ARG C 479 12.84 21.96 -13.73
N THR C 480 12.34 22.77 -12.79
CA THR C 480 11.55 22.26 -11.68
C THR C 480 10.16 22.88 -11.69
N SER C 481 9.21 22.10 -11.18
CA SER C 481 7.84 22.56 -10.97
C SER C 481 7.40 22.11 -9.59
N PHE C 482 6.15 22.43 -9.25
CA PHE C 482 5.62 21.99 -7.97
C PHE C 482 5.49 20.48 -7.90
N ASP C 483 5.28 19.81 -9.04
CA ASP C 483 5.22 18.36 -9.07
C ASP C 483 5.92 17.74 -10.27
N LYS C 484 6.53 18.53 -11.15
CA LYS C 484 7.13 18.00 -12.36
C LYS C 484 8.58 18.47 -12.47
N ILE C 485 9.43 17.57 -12.94
CA ILE C 485 10.86 17.83 -13.09
C ILE C 485 11.27 17.42 -14.49
N LEU C 486 11.98 18.32 -15.18
CA LEU C 486 12.55 18.05 -16.49
C LEU C 486 14.06 18.01 -16.38
N LEU C 487 14.66 16.91 -16.82
CA LEU C 487 16.10 16.71 -16.80
C LEU C 487 16.62 16.61 -18.23
N ARG C 488 17.81 17.16 -18.45
CA ARG C 488 18.46 17.15 -19.75
C ARG C 488 19.95 17.00 -19.55
N TRP C 489 20.54 16.06 -20.28
CA TRP C 489 21.97 15.83 -20.19
C TRP C 489 22.55 15.78 -21.60
N GLU C 490 23.85 16.04 -21.69
CA GLU C 490 24.52 15.99 -22.97
C GLU C 490 24.51 14.56 -23.52
N PRO C 491 24.33 14.39 -24.82
CA PRO C 491 24.30 13.03 -25.39
C PRO C 491 25.65 12.34 -25.25
N TYR C 492 25.60 11.02 -25.10
CA TYR C 492 26.78 10.18 -25.02
C TYR C 492 26.76 9.18 -26.16
N TRP C 493 27.90 9.02 -26.84
CA TRP C 493 27.98 8.06 -27.92
C TRP C 493 29.24 7.23 -27.80
N PRO C 494 29.12 5.92 -27.61
CA PRO C 494 30.30 5.05 -27.58
C PRO C 494 30.90 4.94 -28.98
N PRO C 495 32.13 4.43 -29.09
CA PRO C 495 32.69 4.22 -30.44
C PRO C 495 31.82 3.32 -31.30
N ASP C 496 31.16 2.33 -30.72
CA ASP C 496 30.15 1.54 -31.39
C ASP C 496 28.79 1.95 -30.82
N PHE C 497 28.11 2.84 -31.54
CA PHE C 497 26.82 3.34 -31.08
C PHE C 497 25.78 2.24 -30.96
N ARG C 498 25.95 1.13 -31.67
CA ARG C 498 25.01 0.02 -31.58
C ARG C 498 25.05 -0.64 -30.21
N ASP C 499 26.17 -0.55 -29.49
CA ASP C 499 26.25 -1.12 -28.15
C ASP C 499 25.35 -0.39 -27.18
N LEU C 500 25.09 0.90 -27.41
CA LEU C 500 24.18 1.65 -26.56
C LEU C 500 22.77 1.10 -26.69
N LEU C 501 22.12 0.86 -25.56
CA LEU C 501 20.79 0.25 -25.53
C LEU C 501 19.79 1.08 -24.73
N GLY C 502 20.15 2.29 -24.32
CA GLY C 502 19.25 3.15 -23.59
C GLY C 502 19.90 3.68 -22.34
N PHE C 503 19.07 4.22 -21.45
CA PHE C 503 19.55 4.83 -20.23
C PHE C 503 18.69 4.39 -19.06
N MET C 504 19.28 4.43 -17.87
CA MET C 504 18.58 4.11 -16.63
C MET C 504 18.59 5.33 -15.73
N LEU C 505 17.41 5.77 -15.31
CA LEU C 505 17.26 6.91 -14.42
C LEU C 505 16.76 6.42 -13.07
N PHE C 506 17.50 6.74 -12.03
CA PHE C 506 17.15 6.32 -10.67
C PHE C 506 16.82 7.55 -9.84
N TYR C 507 15.63 7.56 -9.27
CA TYR C 507 15.16 8.68 -8.47
C TYR C 507 14.64 8.16 -7.14
N LYS C 508 14.92 8.91 -6.08
CA LYS C 508 14.46 8.56 -4.76
C LYS C 508 14.47 9.82 -3.89
N GLU C 509 13.54 9.86 -2.94
CA GLU C 509 13.41 11.04 -2.07
C GLU C 509 14.48 10.98 -0.99
N ALA C 510 15.38 11.96 -1.00
CA ALA C 510 16.49 12.03 -0.05
C ALA C 510 16.38 13.29 0.78
N PRO C 511 15.78 13.23 1.98
CA PRO C 511 15.77 14.41 2.85
C PRO C 511 17.16 14.87 3.25
N TYR C 512 18.11 13.95 3.37
CA TYR C 512 19.49 14.27 3.71
C TYR C 512 20.40 13.88 2.56
N GLN C 513 21.50 14.59 2.43
CA GLN C 513 22.45 14.37 1.34
C GLN C 513 23.43 13.24 1.63
N ASN C 514 23.16 12.44 2.65
CA ASN C 514 24.05 11.32 3.02
C ASN C 514 23.71 10.08 2.19
N VAL C 515 23.92 10.19 0.88
CA VAL C 515 23.64 9.10 -0.03
C VAL C 515 24.87 8.79 -0.88
N VAL C 531 14.00 4.12 -10.97
CA VAL C 531 14.09 2.99 -11.89
C VAL C 531 13.23 3.25 -13.12
N VAL C 532 13.80 3.95 -14.10
CA VAL C 532 13.09 4.34 -15.31
C VAL C 532 14.00 4.04 -16.49
N ASP C 533 13.43 3.42 -17.53
CA ASP C 533 14.17 3.13 -18.76
C ASP C 533 13.92 4.24 -19.78
N ILE C 534 14.98 4.75 -20.36
CA ILE C 534 14.92 5.83 -21.33
C ILE C 534 15.43 5.31 -22.67
N ASP C 535 14.63 5.51 -23.71
CA ASP C 535 14.97 5.00 -25.04
C ASP C 535 16.25 5.66 -25.54
N PRO C 536 17.09 4.93 -26.28
CA PRO C 536 18.28 5.55 -26.87
C PRO C 536 17.90 6.69 -27.79
N PRO C 537 18.67 7.77 -27.79
CA PRO C 537 18.38 8.88 -28.70
C PRO C 537 18.65 8.50 -30.15
N GLN C 538 17.93 9.15 -31.05
CA GLN C 538 18.09 8.89 -32.47
C GLN C 538 19.41 9.45 -32.98
N ARG C 539 19.92 8.86 -34.05
CA ARG C 539 21.18 9.29 -34.63
C ARG C 539 20.95 10.33 -35.74
N SER C 549 19.06 17.04 -29.76
CA SER C 549 20.48 16.77 -29.54
C SER C 549 20.72 16.23 -28.14
N HIS C 550 20.37 17.02 -27.13
CA HIS C 550 20.54 16.60 -25.75
C HIS C 550 19.35 15.74 -25.32
N PRO C 551 19.55 14.49 -24.97
CA PRO C 551 18.44 13.68 -24.46
C PRO C 551 17.95 14.20 -23.12
N GLY C 552 16.66 13.98 -22.86
CA GLY C 552 16.04 14.46 -21.65
C GLY C 552 14.89 13.57 -21.23
N TRP C 553 14.37 13.87 -20.04
CA TRP C 553 13.26 13.11 -19.48
C TRP C 553 12.41 14.05 -18.63
N LEU C 554 11.16 13.66 -18.41
CA LEU C 554 10.25 14.41 -17.57
C LEU C 554 9.55 13.45 -16.62
N MET C 555 9.41 13.87 -15.36
CA MET C 555 8.69 13.10 -14.37
C MET C 555 7.68 14.00 -13.67
N ARG C 556 6.52 13.43 -13.33
CA ARG C 556 5.44 14.20 -12.74
C ARG C 556 5.00 13.68 -11.38
N GLY C 557 5.49 12.54 -10.93
CA GLY C 557 5.08 11.99 -9.65
C GLY C 557 5.97 12.39 -8.50
N LEU C 558 6.09 13.69 -8.25
CA LEU C 558 6.90 14.19 -7.14
C LEU C 558 6.05 15.09 -6.26
N LYS C 559 6.11 14.86 -4.95
CA LYS C 559 5.39 15.68 -4.01
C LYS C 559 6.01 17.08 -3.96
N PRO C 560 5.20 18.11 -3.76
CA PRO C 560 5.76 19.47 -3.67
C PRO C 560 6.64 19.62 -2.45
N TRP C 561 7.66 20.47 -2.60
CA TRP C 561 8.60 20.79 -1.52
C TRP C 561 9.28 19.53 -0.99
N THR C 562 9.77 18.70 -1.91
CA THR C 562 10.46 17.47 -1.55
C THR C 562 11.77 17.37 -2.32
N GLN C 563 12.81 16.86 -1.66
CA GLN C 563 14.12 16.69 -2.27
C GLN C 563 14.25 15.26 -2.76
N TYR C 564 14.70 15.11 -4.01
CA TYR C 564 14.89 13.81 -4.63
C TYR C 564 16.31 13.69 -5.15
N ALA C 565 16.89 12.50 -4.99
CA ALA C 565 18.22 12.19 -5.47
C ALA C 565 18.10 11.48 -6.81
N ILE C 566 18.79 12.02 -7.82
CA ILE C 566 18.69 11.53 -9.19
C ILE C 566 20.08 11.27 -9.74
N PHE C 567 20.27 10.10 -10.32
CA PHE C 567 21.48 9.75 -11.04
C PHE C 567 21.12 8.85 -12.21
N VAL C 568 21.73 9.11 -13.37
CA VAL C 568 21.40 8.43 -14.62
C VAL C 568 22.55 7.50 -14.97
N LYS C 569 22.21 6.25 -15.28
CA LYS C 569 23.18 5.24 -15.70
C LYS C 569 22.88 4.81 -17.12
N THR C 570 23.90 4.81 -17.98
CA THR C 570 23.72 4.41 -19.36
C THR C 570 23.74 2.88 -19.48
N LEU C 571 23.23 2.41 -20.61
CA LEU C 571 23.15 0.98 -20.90
C LEU C 571 24.02 0.66 -22.11
N VAL C 572 25.02 -0.19 -21.92
CA VAL C 572 25.96 -0.55 -22.97
C VAL C 572 26.02 -2.07 -23.08
N THR C 573 26.43 -2.55 -24.25
CA THR C 573 26.52 -3.97 -24.52
C THR C 573 27.96 -4.44 -24.34
N PHE C 574 28.13 -5.51 -23.57
CA PHE C 574 29.44 -6.14 -23.38
C PHE C 574 29.75 -6.93 -24.65
N SER C 575 30.57 -6.35 -25.53
CA SER C 575 30.91 -7.00 -26.77
C SER C 575 32.04 -8.01 -26.56
N ASP C 576 32.35 -8.75 -27.62
CA ASP C 576 33.45 -9.70 -27.58
C ASP C 576 34.78 -8.99 -27.36
N GLU C 577 34.96 -7.84 -27.99
CA GLU C 577 36.18 -7.05 -27.85
C GLU C 577 36.14 -6.30 -26.53
N ARG C 578 37.05 -5.35 -26.35
CA ARG C 578 37.06 -4.52 -25.16
C ARG C 578 35.76 -3.75 -25.05
N ARG C 579 34.92 -4.11 -24.09
CA ARG C 579 33.61 -3.46 -23.95
C ARG C 579 33.78 -2.02 -23.49
N THR C 580 33.08 -1.11 -24.16
CA THR C 580 33.05 0.28 -23.74
C THR C 580 32.28 0.38 -22.43
N TYR C 581 32.97 0.76 -21.35
CA TYR C 581 32.36 0.76 -20.03
C TYR C 581 31.28 1.81 -19.86
N GLY C 582 31.17 2.76 -20.78
CA GLY C 582 30.11 3.74 -20.70
C GLY C 582 30.43 4.86 -19.72
N ALA C 583 29.42 5.70 -19.51
CA ALA C 583 29.56 6.85 -18.63
C ALA C 583 28.43 6.88 -17.62
N LYS C 584 28.78 7.26 -16.39
CA LYS C 584 27.83 7.38 -15.29
C LYS C 584 27.66 8.86 -14.95
N SER C 585 26.42 9.24 -14.63
CA SER C 585 26.14 10.63 -14.27
C SER C 585 26.19 10.79 -12.76
N ASP C 586 26.57 11.99 -12.33
CA ASP C 586 26.70 12.26 -10.91
C ASP C 586 25.33 12.37 -10.24
N ILE C 587 25.28 11.96 -8.98
CA ILE C 587 24.07 12.11 -8.17
C ILE C 587 23.82 13.59 -7.92
N ILE C 588 22.56 14.00 -8.03
CA ILE C 588 22.16 15.36 -7.72
C ILE C 588 20.91 15.33 -6.84
N TYR C 589 20.75 16.37 -6.04
CA TYR C 589 19.56 16.53 -5.20
C TYR C 589 18.77 17.72 -5.73
N VAL C 590 17.51 17.48 -6.05
CA VAL C 590 16.62 18.51 -6.60
C VAL C 590 15.39 18.60 -5.71
N GLN C 591 15.07 19.81 -5.28
CA GLN C 591 13.91 20.05 -4.42
C GLN C 591 12.74 20.51 -5.27
N THR C 592 11.59 19.87 -5.08
CA THR C 592 10.40 20.27 -5.81
C THR C 592 9.91 21.64 -5.36
N ASP C 593 9.28 22.35 -6.27
CA ASP C 593 8.77 23.68 -5.96
C ASP C 593 7.60 23.60 -4.99
N ALA C 594 7.46 24.65 -4.18
CA ALA C 594 6.38 24.72 -3.21
C ALA C 594 5.06 25.09 -3.89
N THR C 595 3.97 24.91 -3.15
CA THR C 595 2.64 25.23 -3.64
C THR C 595 1.78 25.68 -2.46
N ASN C 596 0.47 25.73 -2.68
CA ASN C 596 -0.44 26.09 -1.60
C ASN C 596 -0.42 25.01 -0.52
N PRO C 597 -0.27 25.38 0.74
CA PRO C 597 -0.20 24.35 1.81
C PRO C 597 -1.53 23.67 2.06
N SER C 598 -1.55 22.77 3.04
CA SER C 598 -2.76 22.06 3.39
C SER C 598 -3.66 22.93 4.27
N VAL C 599 -4.87 22.45 4.50
CA VAL C 599 -5.81 23.16 5.37
C VAL C 599 -5.40 22.96 6.82
N PRO C 600 -5.37 24.01 7.63
CA PRO C 600 -5.13 23.83 9.08
C PRO C 600 -6.40 23.34 9.77
N LEU C 601 -6.41 22.07 10.15
CA LEU C 601 -7.59 21.47 10.74
C LEU C 601 -7.58 21.67 12.25
N ASP C 602 -8.53 21.06 12.94
CA ASP C 602 -8.72 21.20 14.37
C ASP C 602 -8.78 22.66 14.83
N PRO C 603 -9.69 23.47 14.29
CA PRO C 603 -9.82 24.84 14.79
C PRO C 603 -10.78 24.93 15.96
N ILE C 604 -10.28 25.36 17.12
CA ILE C 604 -11.08 25.50 18.32
C ILE C 604 -11.09 26.97 18.73
N SER C 605 -12.28 27.54 18.87
CA SER C 605 -12.44 28.93 19.26
C SER C 605 -13.31 28.99 20.51
N VAL C 606 -12.75 29.53 21.59
CA VAL C 606 -13.40 29.53 22.89
C VAL C 606 -13.48 30.96 23.40
N SER C 607 -14.66 31.35 23.88
CA SER C 607 -14.83 32.66 24.50
C SER C 607 -14.37 32.55 25.96
N ASN C 608 -13.06 32.70 26.17
CA ASN C 608 -12.53 32.64 27.52
C ASN C 608 -12.99 33.81 28.37
N SER C 609 -13.51 34.86 27.75
CA SER C 609 -14.05 36.02 28.47
C SER C 609 -15.32 36.47 27.75
N SER C 610 -15.88 37.59 28.21
CA SER C 610 -17.10 38.10 27.60
C SER C 610 -16.88 38.53 26.16
N SER C 611 -15.74 39.17 25.88
CA SER C 611 -15.44 39.67 24.54
C SER C 611 -14.09 39.17 24.04
N GLN C 612 -13.53 38.15 24.67
CA GLN C 612 -12.24 37.60 24.27
C GLN C 612 -12.44 36.20 23.70
N ILE C 613 -11.88 35.98 22.51
CA ILE C 613 -11.95 34.69 21.83
C ILE C 613 -10.53 34.19 21.63
N ILE C 614 -10.26 32.98 22.11
CA ILE C 614 -8.97 32.34 21.90
C ILE C 614 -9.16 31.24 20.87
N LEU C 615 -8.38 31.31 19.79
CA LEU C 615 -8.44 30.36 18.70
C LEU C 615 -7.14 29.58 18.64
N LYS C 616 -7.25 28.26 18.62
CA LYS C 616 -6.11 27.36 18.56
C LYS C 616 -6.33 26.39 17.41
N TRP C 617 -5.23 26.04 16.73
CA TRP C 617 -5.30 25.16 15.58
C TRP C 617 -3.99 24.41 15.45
N LYS C 618 -4.03 23.36 14.70
CA LYS C 618 -2.82 22.60 14.47
C LYS C 618 -2.27 22.88 13.08
N PRO C 619 -0.95 22.78 12.91
CA PRO C 619 -0.35 23.10 11.62
C PRO C 619 -0.84 22.15 10.55
N PRO C 620 -0.97 22.61 9.32
CA PRO C 620 -1.52 21.75 8.25
C PRO C 620 -0.67 20.52 8.02
N SER C 621 -1.33 19.44 7.60
CA SER C 621 -0.63 18.18 7.38
C SER C 621 0.43 18.31 6.31
N ASP C 622 0.14 19.04 5.23
CA ASP C 622 1.09 19.24 4.14
C ASP C 622 1.55 20.69 4.13
N PRO C 623 2.74 20.99 4.68
CA PRO C 623 3.23 22.37 4.62
C PRO C 623 3.40 22.90 3.20
N ASN C 624 3.81 22.03 2.27
CA ASN C 624 4.00 22.40 0.87
C ASN C 624 4.88 23.63 0.74
N GLY C 625 5.94 23.67 1.55
CA GLY C 625 6.85 24.79 1.62
C GLY C 625 7.00 25.26 3.05
N ASN C 626 7.80 26.30 3.23
CA ASN C 626 8.01 26.91 4.54
C ASN C 626 6.84 27.82 4.83
N ILE C 627 6.02 27.44 5.81
CA ILE C 627 4.81 28.19 6.13
C ILE C 627 5.20 29.57 6.64
N THR C 628 4.75 30.62 5.93
CA THR C 628 5.07 31.98 6.32
C THR C 628 4.14 32.51 7.41
N HIS C 629 2.83 32.28 7.29
CA HIS C 629 1.90 32.81 8.28
C HIS C 629 0.56 32.11 8.15
N TYR C 630 -0.35 32.51 9.03
CA TYR C 630 -1.73 32.04 9.01
C TYR C 630 -2.64 33.23 8.79
N LEU C 631 -3.53 33.12 7.79
CA LEU C 631 -4.47 34.18 7.47
C LEU C 631 -5.81 33.86 8.13
N VAL C 632 -6.28 34.78 8.97
CA VAL C 632 -7.49 34.58 9.77
C VAL C 632 -8.48 35.68 9.43
N TYR C 633 -9.74 35.31 9.24
CA TYR C 633 -10.83 36.24 9.03
C TYR C 633 -11.93 35.96 10.04
N TRP C 634 -12.72 36.98 10.33
CA TRP C 634 -13.87 36.81 11.19
C TRP C 634 -14.99 37.72 10.72
N GLU C 635 -16.22 37.26 10.92
CA GLU C 635 -17.39 38.01 10.49
C GLU C 635 -18.52 37.77 11.48
N ARG C 636 -19.25 38.83 11.80
CA ARG C 636 -20.40 38.69 12.71
C ARG C 636 -21.42 37.75 12.10
N GLN C 637 -21.91 36.82 12.92
CA GLN C 637 -22.90 35.84 12.49
C GLN C 637 -24.27 36.29 12.97
N ALA C 638 -25.16 36.58 12.03
CA ALA C 638 -26.51 37.03 12.37
C ALA C 638 -27.37 35.85 12.78
N GLU C 639 -28.19 36.06 13.81
CA GLU C 639 -29.06 35.01 14.29
C GLU C 639 -30.23 34.81 13.32
N ASP C 640 -30.96 33.70 13.52
CA ASP C 640 -32.08 33.38 12.66
C ASP C 640 -33.18 34.43 12.81
N SER C 641 -33.76 34.83 11.68
CA SER C 641 -34.84 35.81 11.70
C SER C 641 -36.15 35.24 12.24
N GLU C 642 -36.33 33.92 12.16
CA GLU C 642 -37.56 33.32 12.66
C GLU C 642 -37.74 33.53 14.15
N LEU C 643 -36.63 33.67 14.89
CA LEU C 643 -36.71 33.96 16.32
C LEU C 643 -37.32 35.32 16.59
N PHE C 644 -37.27 36.24 15.64
CA PHE C 644 -37.86 37.56 15.82
C PHE C 644 -39.36 37.59 15.49
N GLU C 645 -39.91 36.48 14.99
CA GLU C 645 -41.32 36.40 14.66
C GLU C 645 -42.04 35.27 15.38
N LEU C 646 -41.32 34.38 16.06
CA LEU C 646 -41.94 33.26 16.75
C LEU C 646 -42.45 33.69 18.12
N ASP C 647 -43.53 33.04 18.55
CA ASP C 647 -44.14 33.29 19.85
C ASP C 647 -43.81 32.13 20.78
N TYR C 648 -43.34 32.44 21.98
CA TYR C 648 -42.94 31.44 22.94
C TYR C 648 -43.73 31.53 24.25
N CYS C 649 -44.76 32.37 24.32
CA CYS C 649 -45.52 32.51 25.56
C CYS C 649 -46.33 31.24 25.87
N LEU C 650 -46.66 30.46 24.85
CA LEU C 650 -47.43 29.24 25.07
C LEU C 650 -46.51 28.16 25.66
N LYS C 651 -47.10 26.98 25.88
CA LYS C 651 -46.36 25.87 26.43
C LYS C 651 -45.29 25.39 25.46
N GLY C 652 -44.26 24.73 25.99
CA GLY C 652 -43.12 24.33 25.19
C GLY C 652 -41.99 25.33 25.32
N LEU C 653 -41.67 25.69 26.56
CA LEU C 653 -40.69 26.71 26.88
C LEU C 653 -39.24 26.18 26.82
N LYS C 654 -39.01 25.05 26.17
CA LYS C 654 -37.68 24.45 26.02
C LYS C 654 -36.85 25.37 25.13
N LEU C 655 -36.04 26.22 25.75
CA LEU C 655 -35.29 27.21 25.00
C LEU C 655 -33.97 26.61 24.52
N PRO C 656 -33.70 26.61 23.20
CA PRO C 656 -32.42 26.10 22.71
C PRO C 656 -31.27 27.03 23.06
N SER C 657 -30.38 26.57 23.94
CA SER C 657 -29.24 27.36 24.39
C SER C 657 -28.03 27.01 23.56
N ARG C 658 -27.37 28.02 23.00
CA ARG C 658 -26.18 27.82 22.18
C ARG C 658 -24.91 28.16 22.95
N GLU C 756 -16.39 41.24 -4.30
CA GLU C 756 -15.65 40.85 -3.11
C GLU C 756 -15.89 41.84 -1.97
N GLU C 757 -15.60 41.39 -0.75
CA GLU C 757 -15.74 42.23 0.43
C GLU C 757 -14.51 42.08 1.30
N HIS C 758 -14.21 43.13 2.06
CA HIS C 758 -13.06 43.15 2.95
C HIS C 758 -13.51 42.91 4.38
N ARG C 759 -12.93 41.90 5.03
CA ARG C 759 -13.26 41.58 6.40
C ARG C 759 -12.05 41.78 7.30
N PRO C 760 -12.26 42.06 8.58
CA PRO C 760 -11.12 42.19 9.51
C PRO C 760 -10.32 40.90 9.56
N PHE C 761 -9.04 41.01 9.24
CA PHE C 761 -8.17 39.85 9.10
C PHE C 761 -6.93 40.01 9.97
N GLU C 762 -6.33 38.89 10.29
CA GLU C 762 -5.14 38.82 11.12
C GLU C 762 -4.11 37.89 10.49
N LYS C 763 -2.84 38.24 10.66
CA LYS C 763 -1.72 37.43 10.17
C LYS C 763 -0.99 36.87 11.37
N VAL C 764 -1.21 35.59 11.65
CA VAL C 764 -0.54 34.90 12.75
C VAL C 764 0.83 34.47 12.24
N VAL C 765 1.88 35.05 12.79
CA VAL C 765 3.26 34.80 12.36
C VAL C 765 4.03 34.24 13.55
N ASN C 766 4.69 33.09 13.32
CA ASN C 766 5.46 32.41 14.36
C ASN C 766 4.62 32.14 15.60
N LYS C 767 3.36 31.76 15.38
CA LYS C 767 2.45 31.48 16.48
C LYS C 767 1.42 30.46 16.01
N GLU C 768 0.81 29.79 16.98
CA GLU C 768 -0.19 28.77 16.73
C GLU C 768 -1.54 29.10 17.36
N SER C 769 -1.65 30.27 17.98
CA SER C 769 -2.89 30.68 18.63
C SER C 769 -3.14 32.15 18.34
N LEU C 770 -4.41 32.54 18.45
CA LEU C 770 -4.83 33.91 18.19
C LEU C 770 -5.82 34.35 19.24
N VAL C 771 -5.84 35.67 19.50
CA VAL C 771 -6.78 36.27 20.44
C VAL C 771 -7.55 37.37 19.73
N ILE C 772 -8.86 37.39 19.93
CA ILE C 772 -9.75 38.36 19.31
C ILE C 772 -10.50 39.09 20.41
N SER C 773 -10.52 40.41 20.33
CA SER C 773 -11.19 41.26 21.31
C SER C 773 -12.19 42.17 20.62
N GLY C 774 -12.90 42.97 21.42
CA GLY C 774 -13.86 43.90 20.90
C GLY C 774 -15.04 43.24 20.21
N LEU C 775 -15.58 42.20 20.82
CA LEU C 775 -16.70 41.47 20.26
C LEU C 775 -17.92 41.62 21.17
N ARG C 776 -19.08 41.76 20.55
CA ARG C 776 -20.33 41.91 21.29
C ARG C 776 -20.67 40.61 22.01
N HIS C 777 -21.31 40.76 23.17
CA HIS C 777 -21.68 39.59 23.98
C HIS C 777 -22.74 38.77 23.26
N PHE C 778 -22.61 37.45 23.36
CA PHE C 778 -23.57 36.51 22.79
C PHE C 778 -23.77 36.77 21.29
N THR C 779 -22.66 37.01 20.60
CA THR C 779 -22.68 37.27 19.16
C THR C 779 -21.88 36.18 18.47
N GLY C 780 -22.50 35.52 17.49
CA GLY C 780 -21.81 34.49 16.76
C GLY C 780 -20.81 35.07 15.77
N TYR C 781 -19.77 34.29 15.48
CA TYR C 781 -18.75 34.69 14.54
C TYR C 781 -18.28 33.47 13.75
N ARG C 782 -18.08 33.66 12.46
CA ARG C 782 -17.61 32.60 11.56
C ARG C 782 -16.12 32.81 11.30
N ILE C 783 -15.30 32.20 12.13
CA ILE C 783 -13.84 32.31 12.01
C ILE C 783 -13.39 31.48 10.83
N GLU C 784 -12.63 32.09 9.93
CA GLU C 784 -12.07 31.46 8.75
C GLU C 784 -10.56 31.42 8.88
N LEU C 785 -9.97 30.23 8.70
CA LEU C 785 -8.54 30.04 8.88
C LEU C 785 -7.94 29.44 7.62
N GLN C 786 -6.80 29.99 7.19
CA GLN C 786 -6.02 29.44 6.10
C GLN C 786 -4.54 29.56 6.46
N ALA C 787 -3.72 28.74 5.82
CA ALA C 787 -2.27 28.81 5.99
C ALA C 787 -1.63 29.28 4.69
N CYS C 788 -0.61 30.11 4.80
CA CYS C 788 0.07 30.64 3.62
C CYS C 788 1.57 30.49 3.80
N ASN C 789 2.22 29.88 2.80
CA ASN C 789 3.66 29.73 2.78
C ASN C 789 4.30 30.81 1.91
N GLN C 790 3.69 31.98 1.88
CA GLN C 790 4.12 33.08 1.03
C GLN C 790 3.51 34.36 1.58
N ASP C 791 4.25 35.47 1.48
CA ASP C 791 3.81 36.73 2.06
C ASP C 791 3.63 37.84 1.04
N SER C 792 4.69 38.26 0.36
CA SER C 792 4.56 39.36 -0.59
C SER C 792 4.01 38.94 -1.96
N PRO C 793 4.55 37.88 -2.60
CA PRO C 793 4.13 37.66 -4.00
C PRO C 793 2.90 36.76 -4.19
N ASP C 794 1.72 37.35 -4.02
CA ASP C 794 0.45 36.68 -4.31
C ASP C 794 0.33 35.38 -3.49
N GLU C 795 0.22 35.59 -2.17
CA GLU C 795 0.24 34.52 -1.18
C GLU C 795 -0.50 33.27 -1.64
N ARG C 796 0.18 32.14 -1.56
CA ARG C 796 -0.42 30.84 -1.85
C ARG C 796 -1.02 30.31 -0.55
N CYS C 797 -2.32 30.49 -0.41
CA CYS C 797 -3.03 30.11 0.81
C CYS C 797 -4.01 28.99 0.50
N SER C 798 -4.23 28.12 1.47
CA SER C 798 -5.15 27.01 1.30
C SER C 798 -6.59 27.51 1.37
N VAL C 799 -7.53 26.57 1.25
CA VAL C 799 -8.96 26.91 1.27
C VAL C 799 -9.36 27.31 2.68
N ALA C 800 -10.54 27.90 2.80
CA ALA C 800 -11.01 28.38 4.10
C ALA C 800 -11.41 27.22 5.01
N ALA C 801 -11.07 27.36 6.29
CA ALA C 801 -11.55 26.45 7.33
C ALA C 801 -12.47 27.24 8.24
N TYR C 802 -13.70 26.77 8.42
CA TYR C 802 -14.74 27.53 9.11
C TYR C 802 -14.99 26.93 10.49
N VAL C 803 -15.08 27.80 11.49
CA VAL C 803 -15.45 27.39 12.85
C VAL C 803 -16.34 28.47 13.44
N SER C 804 -17.33 28.05 14.21
CA SER C 804 -18.29 28.98 14.82
C SER C 804 -17.87 29.27 16.25
N ALA C 805 -17.83 30.56 16.61
CA ALA C 805 -17.47 30.98 17.95
C ALA C 805 -18.54 31.89 18.50
N ARG C 806 -19.00 31.63 19.72
CA ARG C 806 -20.01 32.44 20.37
C ARG C 806 -19.44 33.03 21.65
N THR C 807 -19.54 34.35 21.79
CA THR C 807 -19.08 35.02 22.98
C THR C 807 -20.04 34.77 24.14
N MET C 808 -19.49 34.71 25.34
CA MET C 808 -20.32 34.57 26.53
C MET C 808 -21.13 35.85 26.74
N PRO C 809 -22.43 35.74 26.99
CA PRO C 809 -23.25 36.94 27.15
C PRO C 809 -22.97 37.64 28.48
N GLU C 810 -23.34 38.92 28.53
CA GLU C 810 -23.18 39.70 29.74
C GLU C 810 -24.16 39.24 30.82
N ALA C 811 -23.71 39.33 32.08
CA ALA C 811 -24.55 38.97 33.20
C ALA C 811 -25.52 40.07 33.59
N LYS C 812 -25.38 41.28 33.02
CA LYS C 812 -26.26 42.39 33.34
C LYS C 812 -27.14 42.81 32.17
N ALA C 813 -26.84 42.35 30.95
CA ALA C 813 -27.64 42.73 29.79
C ALA C 813 -29.06 42.17 29.85
N ASP C 814 -29.30 41.17 30.69
CA ASP C 814 -30.63 40.58 30.83
C ASP C 814 -31.47 41.25 31.90
N ASP C 815 -30.95 42.28 32.57
CA ASP C 815 -31.67 42.97 33.63
C ASP C 815 -32.46 44.13 33.03
N ILE C 816 -33.73 44.23 33.41
CA ILE C 816 -34.59 45.29 32.91
C ILE C 816 -34.24 46.59 33.62
N VAL C 817 -34.06 47.66 32.85
CA VAL C 817 -33.74 48.97 33.40
C VAL C 817 -34.79 49.97 32.93
N GLY C 818 -34.90 51.05 33.69
CA GLY C 818 -35.87 52.09 33.40
C GLY C 818 -37.05 52.04 34.34
N PRO C 819 -37.67 53.20 34.60
CA PRO C 819 -38.81 53.25 35.53
C PRO C 819 -40.04 52.61 34.91
N VAL C 820 -40.67 51.72 35.69
CA VAL C 820 -41.88 51.04 35.23
C VAL C 820 -43.08 51.95 35.46
N THR C 821 -43.86 52.17 34.41
CA THR C 821 -45.00 53.08 34.43
C THR C 821 -46.28 52.28 34.33
N HIS C 822 -47.32 52.72 35.04
CA HIS C 822 -48.62 52.08 35.00
C HIS C 822 -49.72 53.13 34.85
N GLU C 823 -50.74 52.78 34.09
CA GLU C 823 -51.91 53.62 33.88
C GLU C 823 -53.15 52.85 34.29
N ILE C 824 -54.02 53.50 35.06
CA ILE C 824 -55.22 52.88 35.59
C ILE C 824 -56.42 53.46 34.86
N PHE C 825 -57.26 52.59 34.30
CA PHE C 825 -58.45 53.02 33.61
C PHE C 825 -59.63 53.10 34.58
N GLU C 826 -60.77 53.58 34.09
CA GLU C 826 -61.95 53.69 34.94
C GLU C 826 -62.52 52.32 35.29
N ASN C 827 -62.38 51.34 34.40
CA ASN C 827 -62.92 50.00 34.60
C ASN C 827 -61.85 49.04 35.12
N ASN C 828 -60.92 49.53 35.94
CA ASN C 828 -59.87 48.71 36.55
C ASN C 828 -59.06 47.98 35.49
N VAL C 829 -58.69 48.71 34.43
CA VAL C 829 -57.84 48.19 33.37
C VAL C 829 -56.47 48.84 33.49
N VAL C 830 -55.43 48.03 33.51
CA VAL C 830 -54.07 48.49 33.80
C VAL C 830 -53.24 48.40 32.52
N HIS C 831 -52.55 49.49 32.20
CA HIS C 831 -51.64 49.54 31.07
C HIS C 831 -50.22 49.70 31.60
N LEU C 832 -49.37 48.72 31.31
CA LEU C 832 -48.02 48.66 31.85
C LEU C 832 -47.00 48.99 30.77
N MET C 833 -46.18 50.00 31.04
CA MET C 833 -45.08 50.42 30.18
C MET C 833 -43.77 50.11 30.89
N TRP C 834 -42.89 49.35 30.23
CA TRP C 834 -41.57 49.07 30.77
C TRP C 834 -40.55 49.23 29.65
N GLN C 835 -39.32 49.56 30.04
CA GLN C 835 -38.23 49.76 29.11
C GLN C 835 -37.37 48.50 29.07
N GLU C 836 -37.31 47.89 27.90
CA GLU C 836 -36.54 46.67 27.72
C GLU C 836 -35.04 46.97 27.73
N PRO C 837 -34.21 45.97 28.03
CA PRO C 837 -32.75 46.17 27.92
C PRO C 837 -32.30 46.18 26.47
N LYS C 838 -32.35 47.37 25.86
CA LYS C 838 -32.07 47.54 24.43
C LYS C 838 -30.81 46.83 23.97
N GLU C 839 -29.87 46.57 24.87
CA GLU C 839 -28.70 45.77 24.55
C GLU C 839 -28.77 44.45 25.31
N PRO C 840 -29.58 43.49 24.84
CA PRO C 840 -29.75 42.23 25.59
C PRO C 840 -28.72 41.19 25.19
N ASN C 841 -28.85 39.99 25.78
CA ASN C 841 -28.00 38.86 25.44
C ASN C 841 -28.52 38.24 24.15
N GLY C 842 -28.21 38.89 23.03
CA GLY C 842 -28.71 38.46 21.74
C GLY C 842 -30.10 38.99 21.46
N LEU C 843 -31.11 38.37 22.07
CA LEU C 843 -32.49 38.82 21.94
C LEU C 843 -33.30 38.26 23.09
N ILE C 844 -34.46 38.87 23.32
CA ILE C 844 -35.37 38.49 24.38
C ILE C 844 -36.55 37.76 23.76
N VAL C 845 -36.75 36.50 24.15
CA VAL C 845 -37.83 35.71 23.58
C VAL C 845 -39.19 36.18 24.12
N LEU C 846 -39.26 36.48 25.41
CA LEU C 846 -40.52 36.87 26.03
C LEU C 846 -40.22 37.57 27.35
N TYR C 847 -41.27 38.18 27.91
CA TYR C 847 -41.20 38.83 29.20
C TYR C 847 -42.13 38.12 30.18
N GLU C 848 -41.62 37.84 31.37
CA GLU C 848 -42.37 37.15 32.41
C GLU C 848 -42.80 38.16 33.46
N VAL C 849 -44.10 38.19 33.76
CA VAL C 849 -44.67 39.11 34.73
C VAL C 849 -45.31 38.30 35.85
N SER C 850 -45.00 38.66 37.10
CA SER C 850 -45.59 38.02 38.27
C SER C 850 -46.27 39.10 39.09
N TYR C 851 -47.59 39.04 39.20
CA TYR C 851 -48.36 40.02 39.94
C TYR C 851 -49.23 39.32 40.97
N ARG C 852 -49.29 39.89 42.18
CA ARG C 852 -49.98 39.28 43.31
C ARG C 852 -50.59 40.37 44.18
N ARG C 853 -51.90 40.28 44.40
CA ARG C 853 -52.56 41.17 45.35
C ARG C 853 -52.34 40.69 46.78
N TYR C 854 -52.45 41.63 47.72
CA TYR C 854 -52.38 41.29 49.13
C TYR C 854 -53.49 40.31 49.50
N GLY C 855 -53.12 39.26 50.24
CA GLY C 855 -54.06 38.22 50.62
C GLY C 855 -54.33 37.18 49.56
N ASP C 856 -53.65 37.25 48.42
CA ASP C 856 -53.84 36.31 47.33
C ASP C 856 -52.50 35.64 46.99
N GLU C 857 -52.50 34.84 45.93
CA GLU C 857 -51.31 34.12 45.49
C GLU C 857 -50.76 34.76 44.22
N GLU C 858 -49.48 34.49 43.96
CA GLU C 858 -48.82 35.06 42.79
C GLU C 858 -49.42 34.50 41.51
N LEU C 859 -49.61 35.39 40.52
CA LEU C 859 -50.14 35.02 39.23
C LEU C 859 -49.14 35.38 38.13
N HIS C 860 -48.98 34.47 37.19
CA HIS C 860 -47.98 34.57 36.14
C HIS C 860 -48.60 35.01 34.82
N LEU C 861 -47.81 35.72 34.02
CA LEU C 861 -48.25 36.19 32.71
C LEU C 861 -47.03 36.29 31.80
N CYS C 862 -47.27 36.15 30.50
CA CYS C 862 -46.20 36.23 29.50
C CYS C 862 -46.56 37.28 28.46
N VAL C 863 -45.56 38.07 28.07
CA VAL C 863 -45.69 39.04 27.00
C VAL C 863 -44.72 38.64 25.90
N SER C 864 -45.25 38.36 24.71
CA SER C 864 -44.41 37.96 23.60
C SER C 864 -43.82 39.18 22.91
N ARG C 865 -42.91 38.91 21.97
CA ARG C 865 -42.35 40.00 21.18
C ARG C 865 -43.43 40.71 20.37
N LYS C 866 -44.34 39.95 19.76
CA LYS C 866 -45.45 40.56 19.05
C LYS C 866 -46.35 41.34 19.99
N HIS C 867 -46.64 40.78 21.17
CA HIS C 867 -47.44 41.48 22.15
C HIS C 867 -46.75 42.75 22.63
N PHE C 868 -45.45 42.67 22.92
CA PHE C 868 -44.73 43.84 23.38
C PHE C 868 -44.67 44.92 22.31
N ALA C 869 -44.53 44.51 21.05
CA ALA C 869 -44.47 45.50 19.97
C ALA C 869 -45.83 46.15 19.74
N LEU C 870 -46.90 45.36 19.71
CA LEU C 870 -48.22 45.92 19.41
C LEU C 870 -48.76 46.74 20.56
N GLU C 871 -48.66 46.23 21.79
CA GLU C 871 -49.23 46.90 22.95
C GLU C 871 -48.24 47.85 23.64
N ARG C 872 -47.03 47.98 23.10
CA ARG C 872 -45.98 48.82 23.69
C ARG C 872 -45.69 48.40 25.13
N GLY C 873 -45.89 47.13 25.45
CA GLY C 873 -45.79 46.67 26.81
C GLY C 873 -46.87 45.65 27.14
N CYS C 874 -47.68 45.95 28.16
CA CYS C 874 -48.73 45.03 28.57
C CYS C 874 -50.02 45.79 28.82
N ARG C 875 -51.14 45.08 28.73
CA ARG C 875 -52.45 45.65 29.02
C ARG C 875 -53.31 44.57 29.68
N LEU C 876 -53.40 44.64 31.01
CA LEU C 876 -54.25 43.72 31.77
C LEU C 876 -55.65 44.30 31.89
N ARG C 877 -56.65 43.44 31.75
CA ARG C 877 -58.05 43.82 31.83
C ARG C 877 -58.75 42.96 32.88
N GLY C 878 -59.77 43.54 33.51
CA GLY C 878 -60.54 42.83 34.51
C GLY C 878 -59.73 42.54 35.76
N LEU C 879 -59.36 43.59 36.49
CA LEU C 879 -58.51 43.47 37.66
C LEU C 879 -59.32 43.82 38.90
N SER C 880 -59.29 42.94 39.89
CA SER C 880 -60.08 43.13 41.10
C SER C 880 -59.55 44.31 41.91
N PRO C 881 -60.42 44.99 42.66
CA PRO C 881 -59.95 46.10 43.50
C PRO C 881 -59.00 45.60 44.57
N GLY C 882 -58.06 46.46 44.94
CA GLY C 882 -57.06 46.13 45.94
C GLY C 882 -55.76 46.82 45.59
N ASN C 883 -54.71 46.41 46.29
CA ASN C 883 -53.35 46.92 46.07
C ASN C 883 -52.55 45.85 45.35
N TYR C 884 -52.09 46.16 44.15
CA TYR C 884 -51.36 45.20 43.33
C TYR C 884 -49.86 45.45 43.40
N SER C 885 -49.11 44.42 43.01
CA SER C 885 -47.66 44.49 42.87
C SER C 885 -47.29 44.03 41.48
N VAL C 886 -46.49 44.82 40.78
CA VAL C 886 -46.11 44.54 39.40
C VAL C 886 -44.60 44.32 39.35
N ARG C 887 -44.20 43.16 38.84
CA ARG C 887 -42.80 42.82 38.63
C ARG C 887 -42.68 42.07 37.32
N VAL C 888 -41.75 42.50 36.46
CA VAL C 888 -41.60 41.96 35.12
C VAL C 888 -40.18 41.43 34.96
N ARG C 889 -40.07 40.20 34.45
CA ARG C 889 -38.79 39.57 34.19
C ARG C 889 -38.63 39.38 32.69
N ALA C 890 -37.47 39.76 32.15
CA ALA C 890 -37.19 39.60 30.74
C ALA C 890 -36.47 38.26 30.53
N THR C 891 -37.03 37.41 29.68
CA THR C 891 -36.46 36.10 29.38
C THR C 891 -35.67 36.21 28.09
N SER C 892 -34.35 36.06 28.18
CA SER C 892 -33.46 36.08 27.03
C SER C 892 -32.84 34.69 26.85
N LEU C 893 -31.96 34.58 25.85
CA LEU C 893 -31.30 33.31 25.60
C LEU C 893 -30.35 32.95 26.72
N ALA C 894 -29.70 33.94 27.35
CA ALA C 894 -28.79 33.67 28.44
C ALA C 894 -29.49 33.09 29.66
N GLY C 895 -30.79 33.29 29.78
CA GLY C 895 -31.56 32.78 30.89
C GLY C 895 -32.55 33.81 31.37
N ASN C 896 -33.17 33.52 32.51
CA ASN C 896 -34.13 34.45 33.10
C ASN C 896 -33.42 35.71 33.59
N GLY C 897 -34.04 36.85 33.37
CA GLY C 897 -33.49 38.13 33.77
C GLY C 897 -33.86 38.48 35.19
N SER C 898 -33.76 39.77 35.50
CA SER C 898 -34.10 40.28 36.81
C SER C 898 -35.47 40.96 36.79
N TRP C 899 -36.28 40.66 37.79
CA TRP C 899 -37.60 41.26 37.88
C TRP C 899 -37.51 42.76 38.11
N THR C 900 -38.49 43.49 37.58
CA THR C 900 -38.52 44.93 37.73
C THR C 900 -38.85 45.30 39.17
N GLU C 901 -38.78 46.59 39.46
CA GLU C 901 -39.15 47.09 40.77
C GLU C 901 -40.64 46.85 41.01
N PRO C 902 -41.03 46.56 42.25
CA PRO C 902 -42.44 46.31 42.53
C PRO C 902 -43.28 47.56 42.40
N THR C 903 -44.10 47.63 41.36
CA THR C 903 -44.99 48.76 41.15
C THR C 903 -46.26 48.50 41.93
N TYR C 904 -46.56 49.36 42.91
CA TYR C 904 -47.71 49.20 43.77
C TYR C 904 -48.73 50.29 43.46
N PHE C 905 -49.95 49.87 43.14
CA PHE C 905 -51.06 50.77 42.90
C PHE C 905 -52.32 50.22 43.54
N TYR C 906 -53.16 51.13 44.04
CA TYR C 906 -54.38 50.80 44.73
C TYR C 906 -55.58 51.20 43.89
N VAL C 907 -56.49 50.25 43.69
CA VAL C 907 -57.70 50.49 42.91
C VAL C 907 -58.93 50.10 43.72
N SER D 1 -5.53 -25.14 20.39
CA SER D 1 -5.32 -24.24 19.27
C SER D 1 -4.03 -24.57 18.52
N LEU D 2 -3.59 -23.64 17.69
CA LEU D 2 -2.38 -23.82 16.89
C LEU D 2 -1.15 -23.19 17.51
N GLU D 3 -1.32 -22.17 18.36
CA GLU D 3 -0.19 -21.48 18.95
C GLU D 3 0.61 -22.40 19.87
N GLU D 4 -0.08 -23.12 20.75
CA GLU D 4 0.61 -23.98 21.69
C GLU D 4 1.33 -25.11 20.99
N GLU D 5 0.72 -25.70 19.97
CA GLU D 5 1.37 -26.75 19.20
C GLU D 5 2.58 -26.21 18.46
N TRP D 6 2.47 -25.01 17.89
CA TRP D 6 3.59 -24.40 17.20
C TRP D 6 4.74 -24.13 18.16
N ALA D 7 4.44 -23.63 19.36
CA ALA D 7 5.48 -23.41 20.34
C ALA D 7 6.13 -24.73 20.75
N GLN D 8 5.31 -25.76 20.95
CA GLN D 8 5.84 -27.06 21.34
C GLN D 8 6.78 -27.61 20.29
N ILE D 9 6.39 -27.54 19.01
CA ILE D 9 7.28 -28.06 17.97
C ILE D 9 8.51 -27.18 17.83
N GLU D 10 8.37 -25.86 18.04
CA GLU D 10 9.53 -24.98 17.99
C GLU D 10 10.56 -25.36 19.05
N CYS D 11 10.09 -25.66 20.26
CA CYS D 11 10.98 -26.10 21.31
C CYS D 11 11.43 -27.54 21.13
N GLU D 12 10.72 -28.32 20.30
CA GLU D 12 11.08 -29.71 20.08
C GLU D 12 12.18 -29.86 19.04
N VAL D 13 12.10 -29.12 17.94
CA VAL D 13 13.02 -29.30 16.83
C VAL D 13 14.00 -28.13 16.69
N TYR D 14 13.61 -26.92 17.07
CA TYR D 14 14.49 -25.77 16.97
C TYR D 14 15.15 -25.39 18.28
N GLY D 15 14.63 -25.88 19.40
CA GLY D 15 15.27 -25.68 20.68
C GLY D 15 15.29 -24.24 21.15
N ARG D 16 14.29 -23.45 20.78
CA ARG D 16 14.15 -22.12 21.37
C ARG D 16 13.90 -22.23 22.87
N GLY D 17 13.07 -23.18 23.27
CA GLY D 17 12.96 -23.57 24.66
C GLY D 17 11.66 -23.14 25.31
N CYS D 18 10.68 -24.05 25.32
CA CYS D 18 9.52 -23.87 26.17
C CYS D 18 9.88 -24.30 27.59
N PRO D 19 10.52 -25.45 27.79
CA PRO D 19 11.05 -25.75 29.12
C PRO D 19 12.42 -25.13 29.30
N SER D 20 12.67 -24.67 30.53
CA SER D 20 13.99 -24.21 30.95
C SER D 20 14.53 -25.29 31.87
N GLU D 21 15.77 -25.70 31.64
CA GLU D 21 16.37 -26.75 32.48
C GLU D 21 16.28 -26.35 33.94
N SER D 22 15.48 -27.08 34.70
CA SER D 22 15.06 -26.66 36.02
C SER D 22 15.81 -27.41 37.10
N PHE D 23 15.36 -27.25 38.34
CA PHE D 23 15.87 -28.01 39.47
C PHE D 23 15.82 -29.50 39.19
N TYR D 24 14.69 -29.96 38.65
CA TYR D 24 14.55 -31.37 38.35
C TYR D 24 15.47 -31.78 37.20
N ASP D 25 15.48 -31.01 36.11
CA ASP D 25 16.12 -31.46 34.88
C ASP D 25 17.62 -31.67 35.06
N TRP D 26 18.27 -30.89 35.93
CA TRP D 26 19.68 -31.06 36.14
C TRP D 26 20.01 -32.44 36.71
N PHE D 27 19.08 -33.04 37.44
CA PHE D 27 19.34 -34.35 38.05
C PHE D 27 19.45 -35.45 36.99
N GLU D 28 18.47 -35.53 36.09
CA GLU D 28 18.57 -36.48 34.97
C GLU D 28 19.60 -36.03 33.95
N ARG D 29 20.04 -34.78 33.99
CA ARG D 29 21.25 -34.44 33.26
C ARG D 29 22.45 -35.23 33.77
N GLN D 30 22.49 -35.51 35.08
CA GLN D 30 23.57 -36.28 35.67
C GLN D 30 23.38 -37.78 35.50
N LEU D 31 22.21 -38.22 35.03
CA LEU D 31 21.94 -39.64 34.85
C LEU D 31 21.78 -39.97 33.37
#